data_2MMY
#
_entry.id   2MMY
#
_cell.length_a   1.000
_cell.length_b   1.000
_cell.length_c   1.000
_cell.angle_alpha   90.00
_cell.angle_beta   90.00
_cell.angle_gamma   90.00
#
_symmetry.space_group_name_H-M   'P 1'
#
_entity_poly.entity_id   1
_entity_poly.type   'polypeptide(L)'
_entity_poly.pdbx_seq_one_letter_code
;GSHMSDNNTIFVQGLGEGVSTDQVGEFFKQIGIIKTNKKTGKPMINLYTDKDTGKPKGEATVSFDDPPSAKAAIDWFDGK
EFHGNIIKVSFATRRPE
;
_entity_poly.pdbx_strand_id   A
#
# COMPACT_ATOMS: atom_id res chain seq x y z
N GLY A 1 18.78 -3.81 -0.78
CA GLY A 1 17.52 -4.60 -0.86
C GLY A 1 17.54 -5.76 0.12
N SER A 2 17.76 -6.97 -0.44
CA SER A 2 17.93 -8.23 0.33
C SER A 2 16.59 -8.68 1.01
N HIS A 3 16.68 -9.70 1.86
CA HIS A 3 15.50 -10.33 2.46
C HIS A 3 15.14 -9.67 3.79
N MET A 4 13.95 -9.10 3.88
CA MET A 4 13.47 -8.48 5.11
C MET A 4 12.15 -9.11 5.55
N SER A 5 12.27 -10.20 6.33
CA SER A 5 11.14 -10.92 6.98
C SER A 5 10.25 -11.69 5.96
N ASP A 6 9.25 -12.40 6.50
CA ASP A 6 8.27 -13.13 5.68
C ASP A 6 6.96 -12.33 5.56
N ASN A 7 6.99 -11.09 6.07
CA ASN A 7 5.85 -10.18 6.05
C ASN A 7 5.78 -9.43 4.72
N ASN A 8 4.78 -9.74 3.90
CA ASN A 8 4.48 -8.89 2.75
C ASN A 8 3.44 -7.83 3.12
N THR A 9 3.91 -6.60 3.31
CA THR A 9 3.06 -5.41 3.40
C THR A 9 3.80 -4.23 2.74
N ILE A 10 3.10 -3.33 2.04
CA ILE A 10 3.69 -2.03 1.71
C ILE A 10 2.86 -0.91 2.31
N PHE A 11 3.53 0.13 2.78
CA PHE A 11 2.87 1.29 3.38
C PHE A 11 2.83 2.39 2.35
N VAL A 12 1.67 2.97 2.17
CA VAL A 12 1.48 4.00 1.17
C VAL A 12 0.93 5.27 1.84
N GLN A 13 1.42 6.42 1.39
CA GLN A 13 1.06 7.71 1.96
C GLN A 13 0.55 8.63 0.89
N GLY A 14 -0.33 9.55 1.30
CA GLY A 14 -0.84 10.56 0.39
C GLY A 14 -2.09 10.12 -0.33
N LEU A 15 -2.71 9.04 0.14
CA LEU A 15 -3.94 8.57 -0.45
C LEU A 15 -5.10 8.96 0.46
N GLY A 16 -5.44 10.25 0.43
CA GLY A 16 -6.41 10.77 1.37
C GLY A 16 -7.38 11.74 0.77
N GLU A 17 -6.97 13.00 0.66
CA GLU A 17 -7.87 14.07 0.25
C GLU A 17 -8.15 14.04 -1.26
N GLY A 18 -9.40 13.72 -1.61
CA GLY A 18 -9.80 13.63 -3.01
C GLY A 18 -9.55 12.24 -3.58
N VAL A 19 -9.43 11.25 -2.68
CA VAL A 19 -9.03 9.92 -3.05
C VAL A 19 -10.24 9.17 -3.61
N SER A 20 -9.97 8.22 -4.49
CA SER A 20 -11.02 7.34 -4.97
C SER A 20 -11.05 6.07 -4.07
N THR A 21 -12.08 5.25 -4.26
CA THR A 21 -12.45 4.05 -3.46
C THR A 21 -11.37 2.92 -3.46
N ASP A 22 -11.76 1.72 -2.97
CA ASP A 22 -10.95 0.45 -2.99
C ASP A 22 -10.23 0.15 -4.33
N GLN A 23 -10.60 0.87 -5.39
CA GLN A 23 -9.92 0.95 -6.68
C GLN A 23 -8.38 1.13 -6.57
N VAL A 24 -7.86 1.65 -5.43
CA VAL A 24 -6.39 1.82 -5.22
C VAL A 24 -5.68 0.47 -5.41
N GLY A 25 -6.34 -0.64 -5.05
CA GLY A 25 -5.78 -1.98 -5.27
C GLY A 25 -5.56 -2.31 -6.74
N GLU A 26 -6.44 -1.77 -7.61
CA GLU A 26 -6.33 -1.94 -9.08
C GLU A 26 -5.17 -1.09 -9.64
N PHE A 27 -4.93 0.06 -8.98
CA PHE A 27 -3.77 0.93 -9.23
C PHE A 27 -2.46 0.17 -9.04
N PHE A 28 -2.37 -0.62 -7.98
CA PHE A 28 -1.20 -1.44 -7.72
C PHE A 28 -1.18 -2.71 -8.59
N LYS A 29 -2.36 -3.16 -9.05
CA LYS A 29 -2.51 -4.30 -9.97
C LYS A 29 -1.92 -3.99 -11.37
N GLN A 30 -1.77 -2.69 -11.70
CA GLN A 30 -1.16 -2.30 -12.98
C GLN A 30 0.34 -2.74 -13.03
N ILE A 31 0.97 -2.91 -11.86
CA ILE A 31 2.28 -3.56 -11.77
C ILE A 31 2.19 -4.74 -10.79
N GLY A 32 1.49 -5.81 -11.16
CA GLY A 32 1.54 -7.01 -10.34
C GLY A 32 0.26 -7.80 -10.29
N ILE A 33 0.27 -8.85 -9.48
CA ILE A 33 -0.91 -9.67 -9.20
C ILE A 33 -1.40 -9.39 -7.77
N ILE A 34 -2.74 -9.31 -7.62
CA ILE A 34 -3.36 -9.16 -6.30
C ILE A 34 -3.14 -10.42 -5.45
N LYS A 35 -2.43 -10.25 -4.36
CA LYS A 35 -2.13 -11.35 -3.46
C LYS A 35 -3.13 -11.42 -2.31
N THR A 36 -3.55 -12.63 -2.01
CA THR A 36 -4.26 -12.94 -0.79
C THR A 36 -3.22 -13.20 0.31
N ASN A 37 -3.24 -12.37 1.35
CA ASN A 37 -2.28 -12.45 2.45
C ASN A 37 -2.61 -13.63 3.37
N LYS A 38 -1.60 -14.36 3.80
CA LYS A 38 -1.80 -15.58 4.61
C LYS A 38 -2.08 -15.29 6.08
N LYS A 39 -1.89 -14.04 6.51
CA LYS A 39 -2.04 -13.67 7.92
C LYS A 39 -3.51 -13.74 8.38
N THR A 40 -4.44 -13.29 7.54
CA THR A 40 -5.87 -13.40 7.85
C THR A 40 -6.61 -14.12 6.71
N GLY A 41 -5.99 -14.16 5.52
CA GLY A 41 -6.58 -14.82 4.36
C GLY A 41 -7.46 -13.90 3.53
N LYS A 42 -7.31 -12.58 3.73
CA LYS A 42 -8.06 -11.58 2.96
C LYS A 42 -7.23 -11.01 1.80
N PRO A 43 -7.89 -10.52 0.72
CA PRO A 43 -7.25 -9.77 -0.39
C PRO A 43 -6.74 -8.39 0.08
N MET A 44 -5.74 -7.85 -0.63
CA MET A 44 -5.11 -6.60 -0.20
C MET A 44 -5.99 -5.35 -0.42
N ILE A 45 -6.65 -4.94 0.67
CA ILE A 45 -7.28 -3.62 0.82
C ILE A 45 -7.10 -3.21 2.29
N ASN A 46 -6.30 -2.18 2.58
CA ASN A 46 -6.40 -1.53 3.89
C ASN A 46 -6.53 -0.02 3.71
N LEU A 47 -7.66 0.54 4.13
CA LEU A 47 -7.88 1.99 3.99
C LEU A 47 -7.97 2.65 5.37
N TYR A 48 -6.95 3.45 5.71
CA TYR A 48 -6.92 4.15 6.99
C TYR A 48 -7.32 5.62 6.80
N THR A 49 -8.48 5.95 7.35
CA THR A 49 -9.07 7.28 7.26
C THR A 49 -9.78 7.63 8.57
N ASP A 50 -9.38 8.70 9.26
CA ASP A 50 -10.06 9.08 10.49
C ASP A 50 -11.25 10.02 10.23
N LYS A 51 -12.44 9.50 10.49
CA LYS A 51 -13.69 10.24 10.36
C LYS A 51 -14.00 11.06 11.61
N ASP A 52 -13.18 10.86 12.67
CA ASP A 52 -13.30 11.60 13.93
C ASP A 52 -12.89 13.07 13.77
N THR A 53 -11.98 13.33 12.82
CA THR A 53 -11.68 14.70 12.41
C THR A 53 -12.59 15.09 11.23
N GLY A 54 -12.95 14.07 10.44
CA GLY A 54 -13.88 14.25 9.33
C GLY A 54 -13.20 14.18 7.99
N LYS A 55 -11.89 14.37 7.99
CA LYS A 55 -11.10 14.32 6.78
C LYS A 55 -10.15 13.12 6.82
N PRO A 56 -9.95 12.44 5.66
CA PRO A 56 -9.09 11.24 5.57
C PRO A 56 -7.63 11.45 6.01
N LYS A 57 -7.11 10.43 6.71
CA LYS A 57 -5.72 10.41 7.20
C LYS A 57 -4.71 10.39 6.06
N GLY A 58 -5.06 9.69 4.99
CA GLY A 58 -4.19 9.60 3.84
C GLY A 58 -3.31 8.37 3.87
N GLU A 59 -3.74 7.33 4.60
CA GLU A 59 -2.89 6.17 4.76
C GLU A 59 -3.59 4.94 4.20
N ALA A 60 -2.81 4.08 3.55
CA ALA A 60 -3.32 2.81 3.03
C ALA A 60 -2.18 1.80 2.96
N THR A 61 -2.46 0.53 3.22
CA THR A 61 -1.45 -0.51 3.03
C THR A 61 -2.02 -1.64 2.16
N VAL A 62 -1.19 -2.16 1.25
CA VAL A 62 -1.60 -3.28 0.39
C VAL A 62 -0.50 -4.37 0.32
N SER A 63 -0.91 -5.63 0.20
CA SER A 63 -0.01 -6.79 0.23
C SER A 63 0.34 -7.30 -1.19
N PHE A 64 1.61 -7.18 -1.58
CA PHE A 64 2.09 -7.74 -2.86
C PHE A 64 2.54 -9.19 -2.72
N ASP A 65 2.66 -9.91 -3.85
CA ASP A 65 2.99 -11.34 -3.85
C ASP A 65 4.48 -11.55 -3.60
N ASP A 66 5.32 -10.81 -4.33
CA ASP A 66 6.77 -10.91 -4.12
C ASP A 66 7.25 -9.81 -3.19
N PRO A 67 8.13 -10.16 -2.21
CA PRO A 67 8.86 -9.15 -1.43
C PRO A 67 9.88 -8.26 -2.22
N PRO A 68 10.71 -8.76 -3.21
CA PRO A 68 11.61 -7.87 -3.98
C PRO A 68 10.89 -6.84 -4.86
N SER A 69 9.69 -7.21 -5.33
CA SER A 69 8.84 -6.34 -6.14
C SER A 69 8.36 -5.09 -5.37
N ALA A 70 8.27 -5.21 -4.04
CA ALA A 70 7.93 -4.09 -3.15
C ALA A 70 9.00 -3.00 -3.17
N LYS A 71 10.29 -3.42 -3.12
CA LYS A 71 11.43 -2.50 -3.14
C LYS A 71 11.55 -1.80 -4.51
N ALA A 72 11.31 -2.57 -5.57
CA ALA A 72 11.37 -2.06 -6.94
C ALA A 72 10.27 -1.03 -7.20
N ALA A 73 9.11 -1.22 -6.57
CA ALA A 73 8.00 -0.27 -6.65
C ALA A 73 8.29 1.04 -5.92
N ILE A 74 9.10 0.97 -4.86
CA ILE A 74 9.59 2.18 -4.19
C ILE A 74 10.52 2.99 -5.13
N ASP A 75 11.29 2.30 -5.98
CA ASP A 75 12.22 3.01 -6.89
C ASP A 75 11.54 3.66 -8.13
N TRP A 76 10.86 2.89 -8.97
CA TRP A 76 10.19 3.48 -10.16
C TRP A 76 8.72 3.92 -9.97
N PHE A 77 7.97 3.19 -9.14
CA PHE A 77 6.50 3.37 -9.06
C PHE A 77 6.14 4.47 -8.05
N ASP A 78 7.13 4.84 -7.24
CA ASP A 78 7.02 5.95 -6.29
C ASP A 78 7.94 7.08 -6.75
N GLY A 79 7.92 8.23 -6.06
CA GLY A 79 8.71 9.37 -6.48
C GLY A 79 7.92 10.36 -7.32
N LYS A 80 6.60 10.21 -7.29
CA LYS A 80 5.70 11.07 -8.07
C LYS A 80 4.54 11.51 -7.16
N GLU A 81 3.38 11.83 -7.75
CA GLU A 81 2.19 12.15 -6.97
C GLU A 81 0.97 11.38 -7.49
N PHE A 82 0.06 11.09 -6.56
CA PHE A 82 -1.21 10.43 -6.83
C PHE A 82 -2.34 11.43 -6.56
N HIS A 83 -3.06 11.79 -7.64
CA HIS A 83 -4.19 12.76 -7.62
C HIS A 83 -3.74 14.18 -7.24
N GLY A 84 -2.47 14.52 -7.55
CA GLY A 84 -1.94 15.84 -7.21
C GLY A 84 -1.33 15.93 -5.82
N ASN A 85 -1.42 14.83 -5.05
CA ASN A 85 -0.92 14.79 -3.68
C ASN A 85 0.25 13.81 -3.61
N ILE A 86 1.28 14.14 -2.82
CA ILE A 86 2.56 13.40 -2.82
C ILE A 86 2.38 12.00 -2.23
N ILE A 87 2.90 10.99 -2.95
CA ILE A 87 2.75 9.60 -2.58
C ILE A 87 4.10 9.05 -2.09
N LYS A 88 4.07 8.19 -1.07
CA LYS A 88 5.29 7.51 -0.61
C LYS A 88 5.02 6.03 -0.32
N VAL A 89 5.85 5.17 -0.89
CA VAL A 89 5.77 3.72 -0.69
C VAL A 89 6.93 3.25 0.22
N SER A 90 6.60 2.40 1.19
CA SER A 90 7.55 1.82 2.15
C SER A 90 7.27 0.34 2.33
N PHE A 91 8.15 -0.34 3.07
CA PHE A 91 7.96 -1.75 3.43
C PHE A 91 7.06 -1.96 4.65
N ALA A 92 6.53 -0.85 5.23
CA ALA A 92 5.58 -0.87 6.36
C ALA A 92 6.19 -1.49 7.65
N THR A 93 5.32 -1.95 8.55
CA THR A 93 5.76 -2.61 9.77
C THR A 93 5.57 -4.12 9.66
N ARG A 94 6.47 -4.88 10.27
CA ARG A 94 6.37 -6.34 10.28
C ARG A 94 5.61 -6.82 11.52
N ARG A 95 5.33 -8.14 11.58
CA ARG A 95 4.61 -8.80 12.70
C ARG A 95 3.16 -8.32 12.81
N PRO A 96 2.22 -8.96 12.07
CA PRO A 96 0.79 -8.60 12.13
C PRO A 96 0.11 -9.11 13.41
N GLU A 97 -0.27 -8.17 14.26
CA GLU A 97 -0.90 -8.48 15.54
C GLU A 97 -2.37 -8.05 15.52
N GLY A 1 17.92 -4.45 1.29
CA GLY A 1 16.75 -5.32 0.99
C GLY A 1 17.10 -6.80 1.17
N SER A 2 17.22 -7.52 0.04
CA SER A 2 17.76 -8.90 -0.03
C SER A 2 16.90 -9.96 0.72
N HIS A 3 15.57 -9.71 0.80
CA HIS A 3 14.58 -10.60 1.47
C HIS A 3 14.90 -10.78 2.96
N MET A 4 14.47 -9.80 3.76
CA MET A 4 14.73 -9.81 5.20
C MET A 4 13.46 -10.07 6.02
N SER A 5 12.32 -10.16 5.34
CA SER A 5 11.04 -10.32 6.02
C SER A 5 10.13 -11.29 5.28
N ASP A 6 9.41 -12.12 6.06
CA ASP A 6 8.38 -13.02 5.54
C ASP A 6 7.02 -12.30 5.48
N ASN A 7 6.97 -11.12 6.14
CA ASN A 7 5.81 -10.23 6.08
C ASN A 7 5.84 -9.42 4.80
N ASN A 8 4.90 -9.71 3.90
CA ASN A 8 4.64 -8.81 2.78
C ASN A 8 3.54 -7.81 3.15
N THR A 9 3.96 -6.58 3.41
CA THR A 9 3.07 -5.43 3.48
C THR A 9 3.80 -4.22 2.86
N ILE A 10 3.08 -3.33 2.18
CA ILE A 10 3.66 -2.04 1.82
C ILE A 10 2.80 -0.92 2.41
N PHE A 11 3.45 0.17 2.83
CA PHE A 11 2.75 1.33 3.37
C PHE A 11 2.73 2.43 2.34
N VAL A 12 1.61 3.07 2.17
CA VAL A 12 1.49 4.20 1.28
C VAL A 12 0.91 5.43 1.96
N GLN A 13 1.42 6.57 1.55
CA GLN A 13 1.07 7.86 2.12
C GLN A 13 0.64 8.82 1.02
N GLY A 14 -0.29 9.72 1.35
CA GLY A 14 -0.70 10.76 0.41
C GLY A 14 -1.89 10.37 -0.44
N LEU A 15 -2.67 9.41 0.03
CA LEU A 15 -3.89 8.98 -0.65
C LEU A 15 -5.06 9.33 0.25
N GLY A 16 -5.39 10.62 0.29
CA GLY A 16 -6.36 11.09 1.26
C GLY A 16 -7.43 11.96 0.66
N GLU A 17 -7.15 13.26 0.56
CA GLU A 17 -8.17 14.22 0.15
C GLU A 17 -8.44 14.15 -1.35
N GLY A 18 -9.65 13.71 -1.71
CA GLY A 18 -10.02 13.57 -3.09
C GLY A 18 -9.71 12.18 -3.60
N VAL A 19 -9.57 11.22 -2.67
CA VAL A 19 -9.16 9.88 -3.00
C VAL A 19 -10.36 9.09 -3.51
N SER A 20 -10.08 8.12 -4.35
CA SER A 20 -11.08 7.19 -4.80
C SER A 20 -11.16 5.98 -3.84
N THR A 21 -12.18 5.17 -4.05
CA THR A 21 -12.55 3.99 -3.23
C THR A 21 -11.50 2.85 -3.27
N ASP A 22 -11.90 1.63 -2.80
CA ASP A 22 -11.10 0.36 -2.82
C ASP A 22 -10.32 0.09 -4.15
N GLN A 23 -10.67 0.84 -5.21
CA GLN A 23 -9.97 0.90 -6.51
C GLN A 23 -8.42 1.06 -6.41
N VAL A 24 -7.89 1.55 -5.25
CA VAL A 24 -6.44 1.73 -5.06
C VAL A 24 -5.70 0.38 -5.27
N GLY A 25 -6.37 -0.75 -4.95
CA GLY A 25 -5.84 -2.08 -5.26
C GLY A 25 -5.63 -2.33 -6.75
N GLU A 26 -6.52 -1.78 -7.60
CA GLU A 26 -6.38 -1.82 -9.08
C GLU A 26 -5.18 -0.97 -9.56
N PHE A 27 -4.94 0.15 -8.85
CA PHE A 27 -3.78 1.02 -9.06
C PHE A 27 -2.46 0.23 -8.89
N PHE A 28 -2.38 -0.60 -7.86
CA PHE A 28 -1.19 -1.43 -7.65
C PHE A 28 -1.19 -2.66 -8.58
N LYS A 29 -2.38 -3.10 -9.03
CA LYS A 29 -2.56 -4.21 -9.98
C LYS A 29 -1.95 -3.89 -11.36
N GLN A 30 -1.79 -2.60 -11.68
CA GLN A 30 -1.15 -2.20 -12.94
C GLN A 30 0.32 -2.68 -13.02
N ILE A 31 0.97 -2.89 -11.84
CA ILE A 31 2.28 -3.56 -11.78
C ILE A 31 2.19 -4.74 -10.80
N GLY A 32 1.43 -5.79 -11.15
CA GLY A 32 1.49 -7.00 -10.35
C GLY A 32 0.17 -7.74 -10.25
N ILE A 33 0.18 -8.82 -9.46
CA ILE A 33 -1.00 -9.62 -9.19
C ILE A 33 -1.48 -9.35 -7.75
N ILE A 34 -2.80 -9.23 -7.59
CA ILE A 34 -3.42 -9.06 -6.27
C ILE A 34 -3.23 -10.32 -5.43
N LYS A 35 -2.49 -10.18 -4.34
CA LYS A 35 -2.16 -11.29 -3.49
C LYS A 35 -3.13 -11.39 -2.31
N THR A 36 -3.51 -12.61 -2.00
CA THR A 36 -4.18 -12.91 -0.76
C THR A 36 -3.10 -13.17 0.31
N ASN A 37 -3.10 -12.33 1.35
CA ASN A 37 -2.10 -12.42 2.42
C ASN A 37 -2.46 -13.55 3.37
N LYS A 38 -1.49 -14.39 3.69
CA LYS A 38 -1.71 -15.58 4.52
C LYS A 38 -1.82 -15.28 6.03
N LYS A 39 -1.50 -14.04 6.43
CA LYS A 39 -1.63 -13.63 7.84
C LYS A 39 -3.10 -13.52 8.28
N THR A 40 -3.99 -13.16 7.35
CA THR A 40 -5.42 -13.00 7.63
C THR A 40 -6.28 -13.89 6.70
N GLY A 41 -5.80 -14.09 5.47
CA GLY A 41 -6.51 -14.87 4.46
C GLY A 41 -7.45 -14.02 3.61
N LYS A 42 -7.36 -12.71 3.81
CA LYS A 42 -8.09 -11.73 3.00
C LYS A 42 -7.21 -11.12 1.89
N PRO A 43 -7.82 -10.70 0.75
CA PRO A 43 -7.15 -9.91 -0.31
C PRO A 43 -6.72 -8.52 0.18
N MET A 44 -5.69 -7.96 -0.45
CA MET A 44 -5.08 -6.72 -0.01
C MET A 44 -5.94 -5.47 -0.23
N ILE A 45 -6.61 -5.04 0.84
CA ILE A 45 -7.22 -3.72 0.95
C ILE A 45 -7.07 -3.25 2.40
N ASN A 46 -6.30 -2.19 2.67
CA ASN A 46 -6.44 -1.46 3.93
C ASN A 46 -6.58 0.03 3.68
N LEU A 47 -7.71 0.61 4.04
CA LEU A 47 -7.95 2.03 3.85
C LEU A 47 -8.05 2.73 5.21
N TYR A 48 -7.06 3.55 5.53
CA TYR A 48 -7.05 4.29 6.79
C TYR A 48 -7.44 5.75 6.58
N THR A 49 -8.62 6.09 7.13
CA THR A 49 -9.22 7.42 7.02
C THR A 49 -9.90 7.82 8.35
N ASP A 50 -9.51 8.95 8.94
CA ASP A 50 -10.12 9.39 10.22
C ASP A 50 -11.40 10.19 9.96
N LYS A 51 -12.53 9.63 10.35
CA LYS A 51 -13.83 10.31 10.24
C LYS A 51 -14.16 11.17 11.47
N ASP A 52 -13.37 11.03 12.55
CA ASP A 52 -13.57 11.82 13.77
C ASP A 52 -13.04 13.25 13.57
N THR A 53 -12.03 13.37 12.70
CA THR A 53 -11.59 14.68 12.23
C THR A 53 -12.38 15.08 10.98
N GLY A 54 -12.94 14.07 10.31
CA GLY A 54 -13.81 14.29 9.17
C GLY A 54 -13.10 14.11 7.85
N LYS A 55 -11.83 14.50 7.81
CA LYS A 55 -11.04 14.38 6.60
C LYS A 55 -10.17 13.12 6.64
N PRO A 56 -10.02 12.44 5.47
CA PRO A 56 -9.17 11.24 5.33
C PRO A 56 -7.70 11.46 5.73
N LYS A 57 -7.19 10.49 6.50
CA LYS A 57 -5.79 10.47 6.98
C LYS A 57 -4.79 10.39 5.84
N GLY A 58 -5.14 9.64 4.81
CA GLY A 58 -4.28 9.53 3.65
C GLY A 58 -3.38 8.33 3.71
N GLU A 59 -3.79 7.32 4.48
CA GLU A 59 -2.92 6.19 4.75
C GLU A 59 -3.54 4.92 4.19
N ALA A 60 -2.72 4.04 3.67
CA ALA A 60 -3.17 2.75 3.15
C ALA A 60 -2.07 1.71 3.27
N THR A 61 -2.44 0.43 3.37
CA THR A 61 -1.47 -0.66 3.23
C THR A 61 -2.05 -1.75 2.32
N VAL A 62 -1.20 -2.27 1.43
CA VAL A 62 -1.59 -3.33 0.49
C VAL A 62 -0.46 -4.39 0.38
N SER A 63 -0.82 -5.63 0.11
CA SER A 63 0.14 -6.74 0.08
C SER A 63 0.46 -7.22 -1.34
N PHE A 64 1.73 -7.11 -1.74
CA PHE A 64 2.18 -7.67 -3.01
C PHE A 64 2.55 -9.16 -2.86
N ASP A 65 2.56 -9.88 -3.98
CA ASP A 65 2.87 -11.31 -3.97
C ASP A 65 4.37 -11.53 -3.87
N ASP A 66 5.14 -10.80 -4.67
CA ASP A 66 6.58 -10.94 -4.67
C ASP A 66 7.21 -9.97 -3.67
N PRO A 67 8.19 -10.44 -2.86
CA PRO A 67 9.04 -9.55 -2.04
C PRO A 67 9.95 -8.56 -2.82
N PRO A 68 10.64 -8.91 -3.98
CA PRO A 68 11.47 -7.94 -4.72
C PRO A 68 10.66 -6.82 -5.41
N SER A 69 9.41 -7.14 -5.78
CA SER A 69 8.50 -6.19 -6.41
C SER A 69 8.14 -5.01 -5.47
N ALA A 70 8.22 -5.23 -4.15
CA ALA A 70 7.88 -4.20 -3.17
C ALA A 70 8.94 -3.08 -3.11
N LYS A 71 10.22 -3.49 -3.05
CA LYS A 71 11.34 -2.55 -2.99
C LYS A 71 11.54 -1.80 -4.32
N ALA A 72 11.24 -2.51 -5.40
CA ALA A 72 11.34 -1.95 -6.74
C ALA A 72 10.20 -0.98 -7.01
N ALA A 73 9.04 -1.22 -6.39
CA ALA A 73 7.91 -0.30 -6.45
C ALA A 73 8.22 1.01 -5.70
N ILE A 74 9.03 0.92 -4.65
CA ILE A 74 9.51 2.10 -3.95
C ILE A 74 10.45 2.94 -4.86
N ASP A 75 11.24 2.26 -5.70
CA ASP A 75 12.19 2.97 -6.57
C ASP A 75 11.53 3.63 -7.82
N TRP A 76 10.88 2.85 -8.71
CA TRP A 76 10.26 3.44 -9.91
C TRP A 76 8.79 3.87 -9.77
N PHE A 77 7.99 3.12 -8.97
CA PHE A 77 6.53 3.31 -8.93
C PHE A 77 6.17 4.46 -7.98
N ASP A 78 7.12 4.79 -7.12
CA ASP A 78 7.01 5.93 -6.21
C ASP A 78 7.90 7.07 -6.75
N GLY A 79 8.02 8.16 -5.98
CA GLY A 79 8.80 9.32 -6.42
C GLY A 79 7.97 10.30 -7.23
N LYS A 80 6.65 10.11 -7.19
CA LYS A 80 5.73 10.91 -7.98
C LYS A 80 4.52 11.34 -7.11
N GLU A 81 3.43 11.72 -7.76
CA GLU A 81 2.21 12.09 -7.05
C GLU A 81 1.02 11.23 -7.48
N PHE A 82 0.15 10.98 -6.51
CA PHE A 82 -1.13 10.33 -6.70
C PHE A 82 -2.23 11.33 -6.38
N HIS A 83 -3.01 11.71 -7.41
CA HIS A 83 -4.15 12.66 -7.33
C HIS A 83 -3.71 14.08 -6.94
N GLY A 84 -2.47 14.44 -7.31
CA GLY A 84 -1.93 15.76 -6.99
C GLY A 84 -1.25 15.86 -5.63
N ASN A 85 -1.27 14.76 -4.87
CA ASN A 85 -0.64 14.70 -3.56
C ASN A 85 0.56 13.76 -3.60
N ILE A 86 1.61 14.08 -2.86
CA ILE A 86 2.86 13.32 -2.88
C ILE A 86 2.64 11.94 -2.22
N ILE A 87 3.07 10.89 -2.92
CA ILE A 87 2.86 9.54 -2.46
C ILE A 87 4.20 8.94 -2.01
N LYS A 88 4.15 8.09 -0.99
CA LYS A 88 5.34 7.38 -0.52
C LYS A 88 5.05 5.90 -0.26
N VAL A 89 5.85 5.02 -0.85
CA VAL A 89 5.76 3.58 -0.62
C VAL A 89 6.90 3.14 0.32
N SER A 90 6.53 2.34 1.32
CA SER A 90 7.46 1.78 2.30
C SER A 90 7.20 0.29 2.45
N PHE A 91 8.07 -0.37 3.20
CA PHE A 91 7.89 -1.79 3.55
C PHE A 91 6.95 -2.01 4.75
N ALA A 92 6.45 -0.90 5.32
CA ALA A 92 5.46 -0.89 6.43
C ALA A 92 5.98 -1.55 7.71
N THR A 93 5.05 -1.83 8.63
CA THR A 93 5.37 -2.54 9.84
C THR A 93 5.24 -4.04 9.60
N ARG A 94 6.08 -4.81 10.27
CA ARG A 94 6.02 -6.28 10.23
C ARG A 94 5.19 -6.77 11.42
N ARG A 95 5.29 -8.09 11.71
CA ARG A 95 4.63 -8.77 12.89
C ARG A 95 3.16 -8.36 13.12
N PRO A 96 2.20 -8.99 12.41
CA PRO A 96 0.77 -8.68 12.57
C PRO A 96 0.17 -9.31 13.84
N GLU A 97 -0.18 -8.45 14.80
CA GLU A 97 -0.65 -8.88 16.12
C GLU A 97 -2.10 -8.47 16.34
N GLY A 1 20.21 -15.67 7.64
CA GLY A 1 19.27 -14.95 8.53
C GLY A 1 18.96 -13.56 8.03
N SER A 2 19.52 -12.54 8.74
CA SER A 2 19.36 -11.09 8.46
C SER A 2 17.97 -10.56 8.85
N HIS A 3 16.91 -11.11 8.24
CA HIS A 3 15.53 -10.81 8.61
C HIS A 3 14.90 -12.03 9.26
N MET A 4 13.96 -11.82 10.17
CA MET A 4 13.34 -12.94 10.90
C MET A 4 11.86 -13.07 10.54
N SER A 5 11.46 -12.36 9.46
CA SER A 5 10.07 -12.28 9.02
C SER A 5 9.99 -12.05 7.52
N ASP A 6 9.05 -12.73 6.85
CA ASP A 6 8.82 -12.51 5.43
C ASP A 6 7.35 -12.12 5.21
N ASN A 7 7.02 -10.92 5.67
CA ASN A 7 5.72 -10.29 5.46
C ASN A 7 5.69 -9.45 4.17
N ASN A 8 4.79 -9.76 3.23
CA ASN A 8 4.59 -8.87 2.09
C ASN A 8 3.48 -7.85 2.38
N THR A 9 3.88 -6.61 2.66
CA THR A 9 2.97 -5.46 2.73
C THR A 9 3.67 -4.20 2.18
N ILE A 10 2.94 -3.26 1.58
CA ILE A 10 3.48 -1.92 1.31
C ILE A 10 2.62 -0.84 1.98
N PHE A 11 3.28 0.14 2.60
CA PHE A 11 2.58 1.26 3.27
C PHE A 11 2.62 2.48 2.38
N VAL A 12 1.46 3.04 2.11
CA VAL A 12 1.36 4.20 1.26
C VAL A 12 0.73 5.39 1.98
N GLN A 13 1.24 6.56 1.65
CA GLN A 13 0.87 7.80 2.27
C GLN A 13 0.50 8.81 1.17
N GLY A 14 -0.50 9.64 1.43
CA GLY A 14 -0.84 10.71 0.49
C GLY A 14 -2.09 10.41 -0.32
N LEU A 15 -2.76 9.30 -0.01
CA LEU A 15 -3.97 8.92 -0.70
C LEU A 15 -5.16 9.21 0.21
N GLY A 16 -5.55 10.48 0.27
CA GLY A 16 -6.56 10.89 1.22
C GLY A 16 -7.54 11.89 0.66
N GLU A 17 -7.15 13.16 0.65
CA GLU A 17 -8.06 14.24 0.29
C GLU A 17 -8.26 14.31 -1.24
N GLY A 18 -9.44 13.89 -1.69
CA GLY A 18 -9.72 13.79 -3.10
C GLY A 18 -9.50 12.39 -3.64
N VAL A 19 -9.52 11.41 -2.74
CA VAL A 19 -9.18 10.02 -3.07
C VAL A 19 -10.37 9.32 -3.74
N SER A 20 -10.07 8.34 -4.56
CA SER A 20 -11.08 7.44 -5.07
C SER A 20 -11.17 6.19 -4.16
N THR A 21 -12.21 5.39 -4.37
CA THR A 21 -12.61 4.18 -3.60
C THR A 21 -11.56 3.03 -3.63
N ASP A 22 -11.97 1.81 -3.16
CA ASP A 22 -11.16 0.54 -3.18
C ASP A 22 -10.40 0.25 -4.51
N GLN A 23 -10.75 0.98 -5.58
CA GLN A 23 -10.05 1.05 -6.87
C GLN A 23 -8.50 1.22 -6.74
N VAL A 24 -8.01 1.77 -5.60
CA VAL A 24 -6.56 1.93 -5.35
C VAL A 24 -5.83 0.57 -5.48
N GLY A 25 -6.52 -0.54 -5.16
CA GLY A 25 -5.97 -1.87 -5.34
C GLY A 25 -5.66 -2.20 -6.81
N GLU A 26 -6.47 -1.66 -7.75
CA GLU A 26 -6.24 -1.80 -9.20
C GLU A 26 -5.04 -0.92 -9.65
N PHE A 27 -4.87 0.22 -8.97
CA PHE A 27 -3.71 1.11 -9.12
C PHE A 27 -2.39 0.35 -8.90
N PHE A 28 -2.33 -0.45 -7.85
CA PHE A 28 -1.14 -1.24 -7.58
C PHE A 28 -1.07 -2.49 -8.48
N LYS A 29 -2.24 -2.95 -8.98
CA LYS A 29 -2.35 -4.11 -9.89
C LYS A 29 -1.88 -3.77 -11.32
N GLN A 30 -1.67 -2.49 -11.62
CA GLN A 30 -1.08 -2.08 -12.92
C GLN A 30 0.39 -2.58 -13.06
N ILE A 31 0.99 -3.00 -11.94
CA ILE A 31 2.34 -3.55 -11.92
C ILE A 31 2.31 -5.09 -11.73
N GLY A 32 1.49 -5.58 -10.81
CA GLY A 32 1.52 -7.00 -10.46
C GLY A 32 0.15 -7.64 -10.26
N ILE A 33 0.16 -8.79 -9.60
CA ILE A 33 -1.05 -9.55 -9.34
C ILE A 33 -1.47 -9.44 -7.86
N ILE A 34 -2.78 -9.28 -7.64
CA ILE A 34 -3.34 -9.16 -6.28
C ILE A 34 -3.25 -10.50 -5.54
N LYS A 35 -2.46 -10.48 -4.48
CA LYS A 35 -2.26 -11.64 -3.64
C LYS A 35 -3.09 -11.54 -2.36
N THR A 36 -3.56 -12.69 -1.93
CA THR A 36 -4.16 -12.87 -0.63
C THR A 36 -3.02 -13.10 0.38
N ASN A 37 -2.89 -12.20 1.35
CA ASN A 37 -1.81 -12.24 2.35
C ASN A 37 -2.05 -13.38 3.32
N LYS A 38 -1.00 -14.16 3.60
CA LYS A 38 -1.10 -15.35 4.44
C LYS A 38 -1.18 -15.01 5.94
N LYS A 39 -0.90 -13.74 6.30
CA LYS A 39 -0.95 -13.29 7.70
C LYS A 39 -2.40 -13.23 8.24
N THR A 40 -3.36 -12.94 7.37
CA THR A 40 -4.76 -12.84 7.75
C THR A 40 -5.65 -13.78 6.92
N GLY A 41 -5.26 -14.00 5.66
CA GLY A 41 -6.04 -14.83 4.74
C GLY A 41 -7.09 -14.04 3.98
N LYS A 42 -7.03 -12.71 4.11
CA LYS A 42 -7.86 -11.80 3.33
C LYS A 42 -7.12 -11.21 2.12
N PRO A 43 -7.86 -10.83 1.04
CA PRO A 43 -7.32 -10.02 -0.06
C PRO A 43 -6.97 -8.61 0.42
N MET A 44 -6.04 -7.98 -0.26
CA MET A 44 -5.44 -6.74 0.22
C MET A 44 -6.33 -5.52 0.03
N ILE A 45 -6.95 -5.12 1.13
CA ILE A 45 -7.56 -3.80 1.28
C ILE A 45 -7.33 -3.34 2.72
N ASN A 46 -6.51 -2.32 2.94
CA ASN A 46 -6.55 -1.58 4.21
C ASN A 46 -6.70 -0.10 3.94
N LEU A 47 -7.81 0.49 4.33
CA LEU A 47 -8.03 1.91 4.08
C LEU A 47 -8.12 2.64 5.43
N TYR A 48 -7.10 3.46 5.72
CA TYR A 48 -7.05 4.22 6.98
C TYR A 48 -7.42 5.67 6.76
N THR A 49 -8.58 6.05 7.33
CA THR A 49 -9.12 7.40 7.25
C THR A 49 -9.83 7.76 8.56
N ASP A 50 -9.39 8.81 9.25
CA ASP A 50 -10.04 9.23 10.49
C ASP A 50 -11.23 10.14 10.23
N LYS A 51 -12.41 9.63 10.54
CA LYS A 51 -13.67 10.38 10.38
C LYS A 51 -14.00 11.26 11.59
N ASP A 52 -13.21 11.10 12.69
CA ASP A 52 -13.40 11.92 13.90
C ASP A 52 -12.96 13.37 13.68
N THR A 53 -11.95 13.54 12.82
CA THR A 53 -11.54 14.87 12.35
C THR A 53 -12.29 15.21 11.04
N GLY A 54 -12.88 14.18 10.43
CA GLY A 54 -13.71 14.35 9.25
C GLY A 54 -12.95 14.09 7.97
N LYS A 55 -11.79 14.73 7.84
CA LYS A 55 -10.97 14.58 6.66
C LYS A 55 -10.18 13.27 6.70
N PRO A 56 -10.02 12.59 5.54
CA PRO A 56 -9.20 11.38 5.41
C PRO A 56 -7.74 11.55 5.85
N LYS A 57 -7.26 10.57 6.62
CA LYS A 57 -5.85 10.48 7.05
C LYS A 57 -4.89 10.36 5.86
N GLY A 58 -5.28 9.55 4.88
CA GLY A 58 -4.50 9.41 3.68
C GLY A 58 -3.56 8.23 3.71
N GLU A 59 -3.89 7.22 4.51
CA GLU A 59 -2.98 6.08 4.68
C GLU A 59 -3.65 4.80 4.21
N ALA A 60 -2.86 3.89 3.64
CA ALA A 60 -3.34 2.60 3.21
C ALA A 60 -2.23 1.55 3.26
N THR A 61 -2.61 0.28 3.37
CA THR A 61 -1.66 -0.80 3.17
C THR A 61 -2.24 -1.86 2.26
N VAL A 62 -1.44 -2.35 1.31
CA VAL A 62 -1.86 -3.41 0.39
C VAL A 62 -0.70 -4.43 0.21
N SER A 63 -1.06 -5.70 -0.01
CA SER A 63 -0.13 -6.82 -0.08
C SER A 63 0.23 -7.18 -1.53
N PHE A 64 1.47 -7.52 -1.78
CA PHE A 64 1.89 -7.96 -3.10
C PHE A 64 2.24 -9.45 -3.09
N ASP A 65 2.33 -10.05 -4.28
CA ASP A 65 2.60 -11.49 -4.41
C ASP A 65 4.02 -11.82 -3.97
N ASP A 66 4.99 -11.05 -4.45
CA ASP A 66 6.38 -11.27 -4.10
C ASP A 66 6.92 -10.07 -3.31
N PRO A 67 7.73 -10.34 -2.23
CA PRO A 67 8.39 -9.28 -1.44
C PRO A 67 9.42 -8.35 -2.18
N PRO A 68 10.30 -8.81 -3.15
CA PRO A 68 11.36 -7.93 -3.70
C PRO A 68 10.82 -6.89 -4.71
N SER A 69 9.71 -7.26 -5.37
CA SER A 69 8.96 -6.39 -6.28
C SER A 69 8.46 -5.12 -5.57
N ALA A 70 8.23 -5.24 -4.26
CA ALA A 70 7.81 -4.13 -3.41
C ALA A 70 8.90 -3.07 -3.24
N LYS A 71 10.18 -3.49 -3.10
CA LYS A 71 11.28 -2.54 -2.95
C LYS A 71 11.63 -1.87 -4.29
N ALA A 72 11.44 -2.62 -5.37
CA ALA A 72 11.62 -2.09 -6.72
C ALA A 72 10.53 -1.03 -7.00
N ALA A 73 9.33 -1.25 -6.47
CA ALA A 73 8.24 -0.28 -6.54
C ALA A 73 8.54 0.98 -5.70
N ILE A 74 9.31 0.84 -4.64
CA ILE A 74 9.79 2.00 -3.87
C ILE A 74 10.78 2.83 -4.72
N ASP A 75 11.54 2.19 -5.63
CA ASP A 75 12.46 2.95 -6.50
C ASP A 75 11.75 3.67 -7.69
N TRP A 76 11.07 2.93 -8.58
CA TRP A 76 10.40 3.56 -9.75
C TRP A 76 8.93 4.01 -9.55
N PHE A 77 8.15 3.23 -8.81
CA PHE A 77 6.68 3.43 -8.71
C PHE A 77 6.36 4.53 -7.67
N ASP A 78 7.33 4.76 -6.77
CA ASP A 78 7.33 5.91 -5.86
C ASP A 78 7.91 7.15 -6.58
N GLY A 79 8.13 8.25 -5.83
CA GLY A 79 8.83 9.41 -6.37
C GLY A 79 7.93 10.31 -7.20
N LYS A 80 6.64 10.05 -7.12
CA LYS A 80 5.66 10.76 -7.94
C LYS A 80 4.50 11.23 -7.04
N GLU A 81 3.37 11.49 -7.66
CA GLU A 81 2.18 11.92 -6.97
C GLU A 81 0.97 11.11 -7.42
N PHE A 82 0.08 10.87 -6.46
CA PHE A 82 -1.20 10.20 -6.69
C PHE A 82 -2.30 11.23 -6.47
N HIS A 83 -3.01 11.56 -7.57
CA HIS A 83 -4.11 12.56 -7.58
C HIS A 83 -3.62 13.98 -7.25
N GLY A 84 -2.35 14.27 -7.58
CA GLY A 84 -1.77 15.58 -7.30
C GLY A 84 -1.22 15.70 -5.87
N ASN A 85 -1.27 14.61 -5.12
CA ASN A 85 -0.79 14.58 -3.73
C ASN A 85 0.42 13.68 -3.66
N ILE A 86 1.43 14.05 -2.86
CA ILE A 86 2.69 13.31 -2.80
C ILE A 86 2.48 11.93 -2.15
N ILE A 87 2.92 10.88 -2.85
CA ILE A 87 2.73 9.52 -2.39
C ILE A 87 4.07 8.93 -1.93
N LYS A 88 4.02 8.10 -0.89
CA LYS A 88 5.21 7.43 -0.39
C LYS A 88 4.89 5.97 -0.10
N VAL A 89 5.62 5.10 -0.76
CA VAL A 89 5.45 3.67 -0.61
C VAL A 89 6.64 3.08 0.18
N SER A 90 6.32 2.17 1.11
CA SER A 90 7.28 1.60 2.07
C SER A 90 7.04 0.10 2.22
N PHE A 91 7.91 -0.57 2.96
CA PHE A 91 7.75 -1.99 3.28
C PHE A 91 6.78 -2.26 4.45
N ALA A 92 6.32 -1.18 5.11
CA ALA A 92 5.27 -1.21 6.16
C ALA A 92 5.69 -1.88 7.48
N THR A 93 7.00 -2.19 7.60
CA THR A 93 7.59 -2.96 8.72
C THR A 93 7.08 -4.42 8.75
N ARG A 94 8.01 -5.36 8.67
CA ARG A 94 7.68 -6.78 8.54
C ARG A 94 7.42 -7.42 9.91
N ARG A 95 6.14 -7.44 10.30
CA ARG A 95 5.69 -7.98 11.60
C ARG A 95 4.17 -8.20 11.63
N PRO A 96 3.66 -9.37 11.21
CA PRO A 96 2.24 -9.70 11.37
C PRO A 96 1.90 -10.19 12.79
N GLU A 97 1.46 -9.26 13.63
CA GLU A 97 1.04 -9.56 14.99
C GLU A 97 -0.39 -9.08 15.21
N GLY A 1 21.25 -6.57 -0.82
CA GLY A 1 20.06 -6.99 -0.04
C GLY A 1 18.81 -6.24 -0.45
N SER A 2 17.74 -6.99 -0.74
CA SER A 2 16.48 -6.40 -1.17
C SER A 2 15.30 -6.93 -0.36
N HIS A 3 15.21 -8.26 -0.21
CA HIS A 3 14.11 -8.90 0.53
C HIS A 3 14.66 -9.81 1.62
N MET A 4 14.21 -9.59 2.86
CA MET A 4 14.67 -10.37 4.01
C MET A 4 13.54 -10.61 5.03
N SER A 5 12.31 -10.69 4.55
CA SER A 5 11.16 -10.94 5.41
C SER A 5 10.12 -11.78 4.67
N ASP A 6 9.34 -12.57 5.43
CA ASP A 6 8.21 -13.32 4.87
C ASP A 6 6.93 -12.47 4.94
N ASN A 7 7.05 -11.30 5.59
CA ASN A 7 6.00 -10.31 5.63
C ASN A 7 5.92 -9.56 4.30
N ASN A 8 4.90 -9.83 3.51
CA ASN A 8 4.54 -8.91 2.44
C ASN A 8 3.47 -7.93 2.92
N THR A 9 3.90 -6.71 3.19
CA THR A 9 3.03 -5.55 3.35
C THR A 9 3.75 -4.36 2.72
N ILE A 10 3.04 -3.42 2.09
CA ILE A 10 3.66 -2.15 1.70
C ILE A 10 2.88 -0.99 2.31
N PHE A 11 3.61 0.05 2.76
CA PHE A 11 2.98 1.22 3.39
C PHE A 11 2.93 2.34 2.37
N VAL A 12 1.74 2.82 2.12
CA VAL A 12 1.54 3.87 1.14
C VAL A 12 1.00 5.12 1.85
N GLN A 13 1.47 6.29 1.41
CA GLN A 13 1.12 7.57 2.00
C GLN A 13 0.64 8.52 0.94
N GLY A 14 -0.24 9.45 1.34
CA GLY A 14 -0.67 10.52 0.46
C GLY A 14 -1.90 10.17 -0.36
N LEU A 15 -2.67 9.20 0.12
CA LEU A 15 -3.90 8.80 -0.54
C LEU A 15 -5.06 9.19 0.36
N GLY A 16 -5.39 10.49 0.36
CA GLY A 16 -6.35 11.00 1.31
C GLY A 16 -7.39 11.90 0.69
N GLU A 17 -7.11 13.19 0.67
CA GLU A 17 -8.09 14.17 0.21
C GLU A 17 -8.15 14.20 -1.31
N GLY A 18 -9.30 13.76 -1.83
CA GLY A 18 -9.47 13.65 -3.28
C GLY A 18 -9.22 12.24 -3.77
N VAL A 19 -9.29 11.27 -2.86
CA VAL A 19 -8.92 9.89 -3.15
C VAL A 19 -10.14 9.14 -3.71
N SER A 20 -9.88 8.14 -4.52
CA SER A 20 -10.93 7.24 -4.94
C SER A 20 -10.98 6.02 -4.01
N THR A 21 -12.03 5.21 -4.19
CA THR A 21 -12.40 4.02 -3.38
C THR A 21 -11.35 2.87 -3.41
N ASP A 22 -11.79 1.68 -2.93
CA ASP A 22 -11.04 0.38 -2.95
C ASP A 22 -10.28 0.06 -4.27
N GLN A 23 -10.61 0.82 -5.33
CA GLN A 23 -9.90 0.88 -6.61
C GLN A 23 -8.35 1.02 -6.50
N VAL A 24 -7.81 1.52 -5.34
CA VAL A 24 -6.36 1.68 -5.15
C VAL A 24 -5.63 0.33 -5.33
N GLY A 25 -6.30 -0.79 -4.95
CA GLY A 25 -5.75 -2.13 -5.19
C GLY A 25 -5.52 -2.44 -6.68
N GLU A 26 -6.39 -1.91 -7.55
CA GLU A 26 -6.26 -2.04 -9.00
C GLU A 26 -5.12 -1.14 -9.55
N PHE A 27 -4.90 0.01 -8.88
CA PHE A 27 -3.74 0.87 -9.14
C PHE A 27 -2.41 0.10 -8.96
N PHE A 28 -2.30 -0.70 -7.92
CA PHE A 28 -1.11 -1.53 -7.72
C PHE A 28 -1.11 -2.81 -8.60
N LYS A 29 -2.32 -3.25 -9.01
CA LYS A 29 -2.52 -4.39 -9.95
C LYS A 29 -1.92 -4.08 -11.34
N GLN A 30 -1.76 -2.79 -11.67
CA GLN A 30 -1.14 -2.41 -12.95
C GLN A 30 0.35 -2.85 -13.05
N ILE A 31 1.01 -3.12 -11.91
CA ILE A 31 2.37 -3.68 -11.91
C ILE A 31 2.42 -5.01 -11.10
N GLY A 32 1.41 -5.87 -11.26
CA GLY A 32 1.50 -7.20 -10.65
C GLY A 32 0.19 -7.83 -10.26
N ILE A 33 0.27 -8.91 -9.50
CA ILE A 33 -0.89 -9.72 -9.15
C ILE A 33 -1.31 -9.45 -7.70
N ILE A 34 -2.64 -9.32 -7.51
CA ILE A 34 -3.26 -9.16 -6.20
C ILE A 34 -3.10 -10.45 -5.39
N LYS A 35 -2.35 -10.36 -4.30
CA LYS A 35 -2.13 -11.51 -3.44
C LYS A 35 -3.07 -11.49 -2.23
N THR A 36 -3.55 -12.68 -1.89
CA THR A 36 -4.27 -12.90 -0.65
C THR A 36 -3.23 -13.14 0.45
N ASN A 37 -3.21 -12.25 1.45
CA ASN A 37 -2.21 -12.31 2.53
C ASN A 37 -2.63 -13.39 3.52
N LYS A 38 -1.72 -14.32 3.81
CA LYS A 38 -2.00 -15.47 4.68
C LYS A 38 -2.04 -15.12 6.19
N LYS A 39 -1.72 -13.86 6.54
CA LYS A 39 -1.81 -13.40 7.95
C LYS A 39 -3.27 -13.35 8.42
N THR A 40 -4.19 -13.00 7.51
CA THR A 40 -5.62 -12.99 7.82
C THR A 40 -6.42 -13.86 6.83
N GLY A 41 -5.91 -13.97 5.60
CA GLY A 41 -6.58 -14.73 4.55
C GLY A 41 -7.51 -13.87 3.70
N LYS A 42 -7.41 -12.55 3.88
CA LYS A 42 -8.13 -11.58 3.05
C LYS A 42 -7.23 -11.00 1.94
N PRO A 43 -7.85 -10.59 0.79
CA PRO A 43 -7.18 -9.80 -0.28
C PRO A 43 -6.73 -8.41 0.20
N MET A 44 -5.71 -7.86 -0.47
CA MET A 44 -5.09 -6.60 -0.05
C MET A 44 -5.99 -5.37 -0.26
N ILE A 45 -6.62 -4.95 0.83
CA ILE A 45 -7.26 -3.64 0.98
C ILE A 45 -7.06 -3.19 2.44
N ASN A 46 -6.28 -2.15 2.69
CA ASN A 46 -6.37 -1.45 3.98
C ASN A 46 -6.54 0.04 3.75
N LEU A 47 -7.68 0.59 4.14
CA LEU A 47 -7.93 2.02 3.96
C LEU A 47 -8.03 2.72 5.30
N TYR A 48 -7.03 3.57 5.60
CA TYR A 48 -6.98 4.31 6.86
C TYR A 48 -7.39 5.76 6.63
N THR A 49 -8.56 6.09 7.19
CA THR A 49 -9.19 7.41 7.06
C THR A 49 -9.88 7.80 8.37
N ASP A 50 -9.50 8.94 8.97
CA ASP A 50 -10.14 9.36 10.23
C ASP A 50 -11.43 10.15 9.98
N LYS A 51 -12.55 9.55 10.36
CA LYS A 51 -13.85 10.21 10.26
C LYS A 51 -14.19 11.06 11.50
N ASP A 52 -13.39 10.94 12.56
CA ASP A 52 -13.58 11.73 13.79
C ASP A 52 -13.08 13.16 13.58
N THR A 53 -12.08 13.32 12.70
CA THR A 53 -11.66 14.64 12.24
C THR A 53 -12.48 15.05 11.00
N GLY A 54 -13.05 14.02 10.35
CA GLY A 54 -13.95 14.22 9.23
C GLY A 54 -13.23 14.17 7.89
N LYS A 55 -11.90 14.22 7.94
CA LYS A 55 -11.10 14.23 6.75
C LYS A 55 -10.15 13.03 6.75
N PRO A 56 -9.95 12.41 5.56
CA PRO A 56 -9.09 11.22 5.41
C PRO A 56 -7.64 11.45 5.84
N LYS A 57 -7.13 10.48 6.62
CA LYS A 57 -5.74 10.48 7.12
C LYS A 57 -4.71 10.42 6.00
N GLY A 58 -5.07 9.72 4.93
CA GLY A 58 -4.20 9.63 3.79
C GLY A 58 -3.31 8.41 3.83
N GLU A 59 -3.74 7.37 4.54
CA GLU A 59 -2.89 6.20 4.68
C GLU A 59 -3.59 4.98 4.10
N ALA A 60 -2.81 4.12 3.45
CA ALA A 60 -3.31 2.86 2.93
C ALA A 60 -2.18 1.85 2.91
N THR A 61 -2.47 0.58 3.20
CA THR A 61 -1.45 -0.46 3.06
C THR A 61 -2.01 -1.60 2.23
N VAL A 62 -1.19 -2.16 1.33
CA VAL A 62 -1.63 -3.27 0.48
C VAL A 62 -0.54 -4.37 0.43
N SER A 63 -0.97 -5.63 0.38
CA SER A 63 -0.07 -6.79 0.36
C SER A 63 0.26 -7.25 -1.07
N PHE A 64 1.54 -7.29 -1.40
CA PHE A 64 1.96 -7.75 -2.72
C PHE A 64 2.32 -9.24 -2.71
N ASP A 65 2.41 -9.82 -3.91
CA ASP A 65 2.70 -11.27 -4.09
C ASP A 65 4.13 -11.63 -3.67
N ASP A 66 5.08 -10.86 -4.15
CA ASP A 66 6.49 -11.11 -3.89
C ASP A 66 7.09 -9.88 -3.22
N PRO A 67 7.92 -10.08 -2.15
CA PRO A 67 8.58 -8.97 -1.44
C PRO A 67 9.59 -8.08 -2.25
N PRO A 68 10.44 -8.57 -3.22
CA PRO A 68 11.43 -7.70 -3.89
C PRO A 68 10.79 -6.68 -4.86
N SER A 69 9.64 -7.09 -5.43
CA SER A 69 8.82 -6.25 -6.32
C SER A 69 8.34 -4.97 -5.62
N ALA A 70 8.17 -5.06 -4.30
CA ALA A 70 7.78 -3.93 -3.45
C ALA A 70 8.86 -2.86 -3.35
N LYS A 71 10.14 -3.27 -3.27
CA LYS A 71 11.26 -2.31 -3.16
C LYS A 71 11.53 -1.61 -4.50
N ALA A 72 11.36 -2.39 -5.57
CA ALA A 72 11.49 -1.87 -6.93
C ALA A 72 10.39 -0.84 -7.22
N ALA A 73 9.19 -1.09 -6.68
CA ALA A 73 8.07 -0.16 -6.78
C ALA A 73 8.31 1.12 -5.96
N ILE A 74 9.08 1.03 -4.87
CA ILE A 74 9.53 2.23 -4.14
C ILE A 74 10.43 3.11 -5.04
N ASP A 75 11.25 2.49 -5.92
CA ASP A 75 12.13 3.29 -6.79
C ASP A 75 11.40 3.93 -8.01
N TRP A 76 10.77 3.14 -8.90
CA TRP A 76 10.12 3.70 -10.11
C TRP A 76 8.64 4.08 -9.96
N PHE A 77 7.89 3.33 -9.16
CA PHE A 77 6.42 3.47 -9.07
C PHE A 77 6.05 4.57 -8.06
N ASP A 78 7.01 4.91 -7.20
CA ASP A 78 6.90 6.02 -6.27
C ASP A 78 7.82 7.15 -6.75
N GLY A 79 7.94 8.23 -5.98
CA GLY A 79 8.76 9.36 -6.36
C GLY A 79 7.97 10.43 -7.10
N LYS A 80 6.64 10.32 -7.04
CA LYS A 80 5.77 11.21 -7.78
C LYS A 80 4.54 11.56 -6.91
N GLU A 81 3.42 11.89 -7.56
CA GLU A 81 2.18 12.21 -6.88
C GLU A 81 1.06 11.25 -7.29
N PHE A 82 0.17 10.97 -6.34
CA PHE A 82 -1.07 10.23 -6.58
C PHE A 82 -2.23 11.18 -6.34
N HIS A 83 -2.92 11.54 -7.44
CA HIS A 83 -4.10 12.45 -7.45
C HIS A 83 -3.74 13.89 -7.01
N GLY A 84 -2.49 14.29 -7.28
CA GLY A 84 -2.02 15.63 -6.94
C GLY A 84 -1.40 15.74 -5.54
N ASN A 85 -1.44 14.65 -4.78
CA ASN A 85 -0.86 14.62 -3.43
C ASN A 85 0.38 13.74 -3.42
N ILE A 86 1.34 14.08 -2.56
CA ILE A 86 2.64 13.39 -2.51
C ILE A 86 2.48 11.96 -1.99
N ILE A 87 2.98 11.00 -2.76
CA ILE A 87 2.84 9.59 -2.42
C ILE A 87 4.20 9.02 -1.97
N LYS A 88 4.17 8.13 -0.96
CA LYS A 88 5.38 7.42 -0.54
C LYS A 88 5.10 5.94 -0.31
N VAL A 89 5.91 5.07 -0.90
CA VAL A 89 5.81 3.62 -0.69
C VAL A 89 6.98 3.13 0.19
N SER A 90 6.65 2.25 1.14
CA SER A 90 7.60 1.66 2.08
C SER A 90 7.32 0.17 2.21
N PHE A 91 8.21 -0.52 2.91
CA PHE A 91 8.02 -1.94 3.23
C PHE A 91 7.09 -2.17 4.44
N ALA A 92 6.65 -1.06 5.08
CA ALA A 92 5.72 -1.06 6.23
C ALA A 92 6.31 -1.75 7.48
N THR A 93 5.42 -2.06 8.43
CA THR A 93 5.77 -2.83 9.62
C THR A 93 5.71 -4.33 9.30
N ARG A 94 6.16 -5.16 10.24
CA ARG A 94 6.15 -6.62 10.08
C ARG A 94 4.74 -7.22 10.26
N ARG A 95 4.70 -8.57 10.31
CA ARG A 95 3.48 -9.35 10.55
C ARG A 95 2.82 -9.02 11.90
N PRO A 96 1.47 -9.17 12.00
CA PRO A 96 0.71 -9.01 13.26
C PRO A 96 1.06 -10.10 14.30
N GLU A 97 2.08 -9.78 15.13
CA GLU A 97 2.67 -10.67 16.14
C GLU A 97 3.12 -12.02 15.54
N GLY A 1 21.33 -7.03 1.66
CA GLY A 1 21.39 -8.51 1.79
C GLY A 1 20.06 -9.20 1.51
N SER A 2 19.50 -8.93 0.31
CA SER A 2 18.25 -9.53 -0.25
C SER A 2 16.99 -9.38 0.66
N HIS A 3 17.04 -8.40 1.58
CA HIS A 3 15.98 -8.11 2.60
C HIS A 3 15.77 -9.26 3.59
N MET A 4 14.91 -9.01 4.60
CA MET A 4 14.61 -10.01 5.62
C MET A 4 13.20 -9.80 6.20
N SER A 5 12.20 -10.33 5.50
CA SER A 5 10.82 -10.29 5.96
C SER A 5 9.94 -11.23 5.15
N ASP A 6 9.21 -12.10 5.86
CA ASP A 6 8.14 -12.91 5.27
C ASP A 6 6.86 -12.08 5.17
N ASN A 7 6.84 -10.96 5.91
CA ASN A 7 5.80 -9.95 5.81
C ASN A 7 5.87 -9.22 4.46
N ASN A 8 4.91 -9.52 3.60
CA ASN A 8 4.64 -8.64 2.47
C ASN A 8 3.55 -7.65 2.83
N THR A 9 3.95 -6.41 3.06
CA THR A 9 3.04 -5.27 3.15
C THR A 9 3.74 -4.08 2.48
N ILE A 10 3.00 -3.15 1.88
CA ILE A 10 3.59 -1.87 1.52
C ILE A 10 2.79 -0.72 2.16
N PHE A 11 3.50 0.28 2.69
CA PHE A 11 2.89 1.42 3.37
C PHE A 11 2.86 2.59 2.43
N VAL A 12 1.67 3.02 2.11
CA VAL A 12 1.49 4.08 1.15
C VAL A 12 0.94 5.31 1.86
N GLN A 13 1.45 6.48 1.48
CA GLN A 13 1.06 7.76 2.05
C GLN A 13 0.70 8.71 0.91
N GLY A 14 -0.30 9.56 1.11
CA GLY A 14 -0.65 10.57 0.12
C GLY A 14 -1.87 10.19 -0.69
N LEU A 15 -2.67 9.27 -0.14
CA LEU A 15 -3.91 8.83 -0.78
C LEU A 15 -5.08 9.30 0.06
N GLY A 16 -5.34 10.60 0.01
CA GLY A 16 -6.44 11.15 0.74
C GLY A 16 -6.99 12.38 0.09
N GLU A 17 -8.00 12.96 0.76
CA GLU A 17 -8.73 14.19 0.39
C GLU A 17 -9.05 14.33 -1.12
N GLY A 18 -10.19 13.75 -1.52
CA GLY A 18 -10.53 13.67 -2.93
C GLY A 18 -10.10 12.34 -3.52
N VAL A 19 -9.93 11.36 -2.64
CA VAL A 19 -9.41 10.06 -3.00
C VAL A 19 -10.53 9.21 -3.58
N SER A 20 -10.16 8.30 -4.45
CA SER A 20 -11.09 7.33 -4.97
C SER A 20 -11.19 6.11 -4.00
N THR A 21 -12.19 5.26 -4.27
CA THR A 21 -12.55 4.07 -3.48
C THR A 21 -11.45 2.97 -3.49
N ASP A 22 -11.80 1.77 -3.00
CA ASP A 22 -10.95 0.52 -3.01
C ASP A 22 -10.22 0.23 -4.36
N GLN A 23 -10.61 0.93 -5.42
CA GLN A 23 -9.94 0.97 -6.74
C GLN A 23 -8.40 1.14 -6.65
N VAL A 24 -7.87 1.70 -5.52
CA VAL A 24 -6.43 1.93 -5.35
C VAL A 24 -5.68 0.59 -5.49
N GLY A 25 -6.31 -0.52 -5.09
CA GLY A 25 -5.72 -1.85 -5.26
C GLY A 25 -5.44 -2.22 -6.72
N GLU A 26 -6.31 -1.75 -7.63
CA GLU A 26 -6.14 -1.94 -9.08
C GLU A 26 -5.04 -1.02 -9.65
N PHE A 27 -4.88 0.16 -9.02
CA PHE A 27 -3.74 1.06 -9.27
C PHE A 27 -2.40 0.33 -9.05
N PHE A 28 -2.30 -0.45 -7.98
CA PHE A 28 -1.10 -1.24 -7.71
C PHE A 28 -1.05 -2.51 -8.57
N LYS A 29 -2.24 -2.99 -9.03
CA LYS A 29 -2.37 -4.17 -9.89
C LYS A 29 -1.81 -3.89 -11.30
N GLN A 30 -1.67 -2.61 -11.67
CA GLN A 30 -1.06 -2.24 -12.95
C GLN A 30 0.41 -2.72 -13.01
N ILE A 31 1.04 -2.93 -11.84
CA ILE A 31 2.32 -3.61 -11.75
C ILE A 31 2.20 -4.84 -10.83
N GLY A 32 1.39 -5.83 -11.22
CA GLY A 32 1.45 -7.10 -10.49
C GLY A 32 0.13 -7.82 -10.36
N ILE A 33 0.17 -8.89 -9.58
CA ILE A 33 -0.99 -9.74 -9.31
C ILE A 33 -1.47 -9.50 -7.87
N ILE A 34 -2.79 -9.43 -7.69
CA ILE A 34 -3.39 -9.26 -6.36
C ILE A 34 -3.21 -10.53 -5.53
N LYS A 35 -2.46 -10.38 -4.45
CA LYS A 35 -2.18 -11.48 -3.56
C LYS A 35 -3.13 -11.51 -2.36
N THR A 36 -3.54 -12.71 -1.99
CA THR A 36 -4.23 -12.94 -0.75
C THR A 36 -3.19 -13.14 0.36
N ASN A 37 -3.18 -12.25 1.35
CA ASN A 37 -2.22 -12.32 2.44
C ASN A 37 -2.55 -13.48 3.39
N LYS A 38 -1.53 -14.22 3.81
CA LYS A 38 -1.71 -15.39 4.66
C LYS A 38 -1.94 -15.04 6.14
N LYS A 39 -1.75 -13.76 6.49
CA LYS A 39 -1.86 -13.31 7.87
C LYS A 39 -3.31 -13.36 8.38
N THR A 40 -4.29 -12.99 7.54
CA THR A 40 -5.70 -13.12 7.88
C THR A 40 -6.47 -13.92 6.81
N GLY A 41 -5.89 -14.01 5.60
CA GLY A 41 -6.51 -14.74 4.50
C GLY A 41 -7.43 -13.86 3.65
N LYS A 42 -7.30 -12.54 3.79
CA LYS A 42 -8.10 -11.59 3.01
C LYS A 42 -7.32 -11.02 1.81
N PRO A 43 -8.02 -10.58 0.74
CA PRO A 43 -7.42 -9.78 -0.34
C PRO A 43 -6.92 -8.42 0.17
N MET A 44 -5.92 -7.86 -0.51
CA MET A 44 -5.24 -6.66 -0.02
C MET A 44 -6.06 -5.38 -0.24
N ILE A 45 -6.72 -4.94 0.83
CA ILE A 45 -7.30 -3.60 0.96
C ILE A 45 -7.11 -3.16 2.42
N ASN A 46 -6.31 -2.14 2.68
CA ASN A 46 -6.38 -1.47 3.97
C ASN A 46 -6.53 0.03 3.77
N LEU A 47 -7.64 0.61 4.22
CA LEU A 47 -7.85 2.04 4.08
C LEU A 47 -7.88 2.70 5.45
N TYR A 48 -6.88 3.53 5.73
CA TYR A 48 -6.77 4.23 7.01
C TYR A 48 -7.22 5.68 6.84
N THR A 49 -8.36 5.97 7.47
CA THR A 49 -8.99 7.29 7.42
C THR A 49 -9.63 7.58 8.78
N ASP A 50 -9.22 8.68 9.43
CA ASP A 50 -9.83 9.05 10.70
C ASP A 50 -11.12 9.84 10.48
N LYS A 51 -12.25 9.23 10.82
CA LYS A 51 -13.55 9.89 10.72
C LYS A 51 -13.90 10.69 11.98
N ASP A 52 -13.09 10.57 13.03
CA ASP A 52 -13.31 11.32 14.27
C ASP A 52 -13.01 12.82 14.05
N THR A 53 -12.05 13.12 13.18
CA THR A 53 -11.83 14.48 12.71
C THR A 53 -12.64 14.76 11.43
N GLY A 54 -13.06 13.68 10.77
CA GLY A 54 -13.95 13.78 9.61
C GLY A 54 -13.22 13.62 8.30
N LYS A 55 -12.07 14.27 8.18
CA LYS A 55 -11.28 14.25 6.95
C LYS A 55 -10.42 12.99 6.88
N PRO A 56 -10.26 12.41 5.67
CA PRO A 56 -9.40 11.25 5.45
C PRO A 56 -7.92 11.51 5.82
N LYS A 57 -7.36 10.57 6.60
CA LYS A 57 -5.95 10.58 6.99
C LYS A 57 -5.02 10.51 5.77
N GLY A 58 -5.41 9.71 4.79
CA GLY A 58 -4.66 9.63 3.56
C GLY A 58 -3.67 8.48 3.56
N GLU A 59 -3.95 7.45 4.35
CA GLU A 59 -3.01 6.34 4.47
C GLU A 59 -3.67 5.04 4.00
N ALA A 60 -2.89 4.17 3.35
CA ALA A 60 -3.38 2.87 2.87
C ALA A 60 -2.24 1.87 2.82
N THR A 61 -2.50 0.61 3.14
CA THR A 61 -1.50 -0.43 2.97
C THR A 61 -2.06 -1.57 2.12
N VAL A 62 -1.23 -2.09 1.21
CA VAL A 62 -1.64 -3.21 0.34
C VAL A 62 -0.50 -4.26 0.24
N SER A 63 -0.84 -5.54 0.09
CA SER A 63 0.13 -6.63 0.15
C SER A 63 0.40 -7.28 -1.22
N PHE A 64 1.67 -7.18 -1.69
CA PHE A 64 2.10 -7.80 -2.95
C PHE A 64 2.49 -9.27 -2.76
N ASP A 65 2.58 -10.01 -3.87
CA ASP A 65 2.91 -11.44 -3.81
C ASP A 65 4.39 -11.65 -3.53
N ASP A 66 5.24 -10.94 -4.29
CA ASP A 66 6.68 -11.07 -4.13
C ASP A 66 7.22 -9.98 -3.19
N PRO A 67 8.11 -10.36 -2.24
CA PRO A 67 8.88 -9.39 -1.43
C PRO A 67 9.88 -8.47 -2.19
N PRO A 68 10.71 -8.94 -3.20
CA PRO A 68 11.63 -8.02 -3.93
C PRO A 68 10.90 -6.95 -4.78
N SER A 69 9.69 -7.31 -5.25
CA SER A 69 8.84 -6.43 -6.03
C SER A 69 8.36 -5.20 -5.23
N ALA A 70 8.27 -5.35 -3.90
CA ALA A 70 7.90 -4.25 -3.01
C ALA A 70 8.96 -3.14 -3.01
N LYS A 71 10.26 -3.52 -2.95
CA LYS A 71 11.38 -2.57 -2.99
C LYS A 71 11.45 -1.88 -4.34
N ALA A 72 11.20 -2.65 -5.40
CA ALA A 72 11.26 -2.16 -6.77
C ALA A 72 10.15 -1.13 -7.04
N ALA A 73 8.99 -1.31 -6.40
CA ALA A 73 7.88 -0.35 -6.46
C ALA A 73 8.23 0.95 -5.72
N ILE A 74 9.00 0.85 -4.65
CA ILE A 74 9.53 2.03 -3.96
C ILE A 74 10.49 2.82 -4.88
N ASP A 75 11.24 2.11 -5.74
CA ASP A 75 12.25 2.74 -6.57
C ASP A 75 11.68 3.45 -7.82
N TRP A 76 11.00 2.73 -8.73
CA TRP A 76 10.40 3.35 -9.93
C TRP A 76 8.95 3.83 -9.80
N PHE A 77 8.14 3.15 -8.97
CA PHE A 77 6.68 3.37 -8.93
C PHE A 77 6.35 4.50 -7.94
N ASP A 78 7.35 4.83 -7.11
CA ASP A 78 7.29 5.98 -6.21
C ASP A 78 8.19 7.10 -6.79
N GLY A 79 8.15 8.27 -6.17
CA GLY A 79 8.88 9.42 -6.71
C GLY A 79 8.01 10.29 -7.59
N LYS A 80 6.69 10.07 -7.50
CA LYS A 80 5.73 10.82 -8.28
C LYS A 80 4.62 11.31 -7.32
N GLU A 81 3.43 11.58 -7.88
CA GLU A 81 2.28 11.97 -7.08
C GLU A 81 1.04 11.17 -7.50
N PHE A 82 0.17 10.93 -6.53
CA PHE A 82 -1.12 10.27 -6.73
C PHE A 82 -2.21 11.29 -6.44
N HIS A 83 -3.02 11.58 -7.50
CA HIS A 83 -4.10 12.60 -7.48
C HIS A 83 -3.56 14.02 -7.28
N GLY A 84 -2.33 14.26 -7.73
CA GLY A 84 -1.68 15.56 -7.58
C GLY A 84 -1.02 15.77 -6.21
N ASN A 85 -1.16 14.78 -5.32
CA ASN A 85 -0.62 14.89 -3.97
C ASN A 85 0.50 13.86 -3.80
N ILE A 86 1.53 14.22 -3.03
CA ILE A 86 2.80 13.47 -3.00
C ILE A 86 2.62 12.10 -2.34
N ILE A 87 3.12 11.08 -3.04
CA ILE A 87 2.95 9.69 -2.60
C ILE A 87 4.31 9.12 -2.15
N LYS A 88 4.27 8.29 -1.10
CA LYS A 88 5.46 7.61 -0.57
C LYS A 88 5.16 6.14 -0.23
N VAL A 89 5.97 5.22 -0.78
CA VAL A 89 5.79 3.77 -0.56
C VAL A 89 6.92 3.22 0.36
N SER A 90 6.54 2.33 1.29
CA SER A 90 7.48 1.66 2.22
C SER A 90 7.17 0.18 2.30
N PHE A 91 7.99 -0.54 3.05
CA PHE A 91 7.75 -1.94 3.39
C PHE A 91 6.73 -2.14 4.54
N ALA A 92 6.40 -1.04 5.24
CA ALA A 92 5.39 -1.03 6.33
C ALA A 92 5.84 -1.82 7.58
N THR A 93 4.89 -2.00 8.49
CA THR A 93 5.10 -2.72 9.74
C THR A 93 4.90 -4.24 9.51
N ARG A 94 5.47 -5.05 10.41
CA ARG A 94 5.40 -6.49 10.30
C ARG A 94 4.18 -7.01 11.08
N ARG A 95 3.58 -8.12 10.58
CA ARG A 95 2.44 -8.81 11.21
C ARG A 95 1.08 -8.06 11.07
N PRO A 96 -0.09 -8.74 11.33
CA PRO A 96 -1.40 -8.06 11.41
C PRO A 96 -1.59 -7.24 12.69
N GLU A 97 -2.83 -6.78 12.88
CA GLU A 97 -3.21 -5.93 14.01
C GLU A 97 -3.48 -6.76 15.27
N GLY A 1 16.36 -7.65 -3.23
CA GLY A 1 15.52 -8.32 -2.19
C GLY A 1 15.37 -7.46 -0.95
N SER A 2 14.45 -7.85 -0.06
CA SER A 2 14.15 -7.09 1.15
C SER A 2 14.50 -7.90 2.41
N HIS A 3 15.73 -8.48 2.41
CA HIS A 3 16.25 -9.36 3.51
C HIS A 3 15.41 -10.64 3.67
N MET A 4 14.71 -11.01 2.58
CA MET A 4 13.74 -12.13 2.52
C MET A 4 12.65 -12.00 3.60
N SER A 5 11.79 -11.02 3.41
CA SER A 5 10.72 -10.74 4.36
C SER A 5 9.46 -11.53 4.03
N ASP A 6 9.05 -12.35 5.01
CA ASP A 6 7.80 -13.12 4.92
C ASP A 6 6.56 -12.17 5.08
N ASN A 7 6.81 -11.00 5.65
CA ASN A 7 5.89 -9.88 5.63
C ASN A 7 5.87 -9.23 4.25
N ASN A 8 4.86 -9.53 3.45
CA ASN A 8 4.56 -8.66 2.34
C ASN A 8 3.49 -7.65 2.73
N THR A 9 3.93 -6.42 2.97
CA THR A 9 3.06 -5.25 3.10
C THR A 9 3.80 -4.06 2.46
N ILE A 10 3.08 -3.10 1.88
CA ILE A 10 3.68 -1.81 1.53
C ILE A 10 2.86 -0.68 2.16
N PHE A 11 3.56 0.34 2.69
CA PHE A 11 2.92 1.49 3.36
C PHE A 11 2.85 2.64 2.39
N VAL A 12 1.66 3.10 2.13
CA VAL A 12 1.46 4.15 1.17
C VAL A 12 0.91 5.39 1.88
N GLN A 13 1.43 6.55 1.48
CA GLN A 13 1.04 7.83 2.08
C GLN A 13 0.65 8.82 0.99
N GLY A 14 -0.34 9.65 1.29
CA GLY A 14 -0.75 10.71 0.38
C GLY A 14 -2.02 10.37 -0.38
N LEU A 15 -2.79 9.43 0.15
CA LEU A 15 -4.04 9.03 -0.48
C LEU A 15 -5.19 9.40 0.45
N GLY A 16 -5.52 10.69 0.49
CA GLY A 16 -6.45 11.17 1.48
C GLY A 16 -7.58 11.97 0.91
N GLU A 17 -7.44 13.29 0.93
CA GLU A 17 -8.52 14.16 0.49
C GLU A 17 -8.62 14.20 -1.02
N GLY A 18 -9.76 13.75 -1.54
CA GLY A 18 -9.97 13.66 -2.96
C GLY A 18 -9.64 12.28 -3.50
N VAL A 19 -9.61 11.29 -2.60
CA VAL A 19 -9.21 9.94 -2.94
C VAL A 19 -10.40 9.19 -3.57
N SER A 20 -10.09 8.25 -4.43
CA SER A 20 -11.09 7.35 -4.94
C SER A 20 -11.13 6.07 -4.07
N THR A 21 -12.15 5.23 -4.31
CA THR A 21 -12.50 4.00 -3.54
C THR A 21 -11.40 2.90 -3.60
N ASP A 22 -11.75 1.67 -3.16
CA ASP A 22 -10.91 0.43 -3.18
C ASP A 22 -10.14 0.18 -4.52
N GLN A 23 -10.51 0.95 -5.54
CA GLN A 23 -9.82 1.07 -6.84
C GLN A 23 -8.29 1.29 -6.69
N VAL A 24 -7.80 1.80 -5.52
CA VAL A 24 -6.35 1.97 -5.26
C VAL A 24 -5.64 0.60 -5.44
N GLY A 25 -6.34 -0.50 -5.13
CA GLY A 25 -5.84 -1.85 -5.35
C GLY A 25 -5.53 -2.16 -6.81
N GLU A 26 -6.32 -1.64 -7.77
CA GLU A 26 -6.07 -1.84 -9.18
C GLU A 26 -4.89 -0.96 -9.67
N PHE A 27 -4.70 0.19 -8.98
CA PHE A 27 -3.53 1.07 -9.17
C PHE A 27 -2.23 0.29 -8.95
N PHE A 28 -2.15 -0.48 -7.87
CA PHE A 28 -0.97 -1.30 -7.61
C PHE A 28 -0.95 -2.59 -8.46
N LYS A 29 -2.14 -3.03 -8.92
CA LYS A 29 -2.32 -4.20 -9.82
C LYS A 29 -1.60 -3.97 -11.17
N GLN A 30 -1.43 -2.70 -11.55
CA GLN A 30 -0.71 -2.37 -12.78
C GLN A 30 0.78 -2.82 -12.72
N ILE A 31 1.31 -3.06 -11.50
CA ILE A 31 2.63 -3.68 -11.32
C ILE A 31 2.50 -4.94 -10.42
N GLY A 32 1.75 -5.95 -10.87
CA GLY A 32 1.78 -7.22 -10.14
C GLY A 32 0.48 -7.98 -10.11
N ILE A 33 0.49 -9.08 -9.35
CA ILE A 33 -0.69 -9.91 -9.13
C ILE A 33 -1.23 -9.66 -7.70
N ILE A 34 -2.54 -9.56 -7.57
CA ILE A 34 -3.17 -9.36 -6.26
C ILE A 34 -3.08 -10.64 -5.43
N LYS A 35 -2.31 -10.57 -4.36
CA LYS A 35 -2.08 -11.70 -3.48
C LYS A 35 -2.96 -11.61 -2.24
N THR A 36 -3.48 -12.76 -1.83
CA THR A 36 -4.17 -12.91 -0.56
C THR A 36 -3.12 -13.18 0.53
N ASN A 37 -3.02 -12.24 1.50
CA ASN A 37 -2.04 -12.31 2.58
C ASN A 37 -2.44 -13.39 3.57
N LYS A 38 -1.48 -14.24 3.91
CA LYS A 38 -1.69 -15.41 4.78
C LYS A 38 -1.79 -15.06 6.28
N LYS A 39 -1.52 -13.79 6.63
CA LYS A 39 -1.67 -13.31 8.01
C LYS A 39 -3.16 -13.30 8.43
N THR A 40 -4.04 -12.97 7.48
CA THR A 40 -5.46 -12.78 7.75
C THR A 40 -6.33 -13.66 6.85
N GLY A 41 -5.87 -13.88 5.62
CA GLY A 41 -6.64 -14.63 4.64
C GLY A 41 -7.56 -13.74 3.82
N LYS A 42 -7.35 -12.43 3.97
CA LYS A 42 -8.08 -11.42 3.21
C LYS A 42 -7.27 -10.95 2.00
N PRO A 43 -7.95 -10.51 0.90
CA PRO A 43 -7.31 -9.77 -0.20
C PRO A 43 -6.86 -8.38 0.26
N MET A 44 -5.85 -7.82 -0.40
CA MET A 44 -5.22 -6.57 0.05
C MET A 44 -6.09 -5.33 -0.20
N ILE A 45 -6.73 -4.89 0.87
CA ILE A 45 -7.32 -3.56 1.00
C ILE A 45 -7.10 -3.10 2.46
N ASN A 46 -6.30 -2.08 2.70
CA ASN A 46 -6.35 -1.39 3.99
C ASN A 46 -6.53 0.10 3.78
N LEU A 47 -7.66 0.63 4.18
CA LEU A 47 -7.92 2.06 4.02
C LEU A 47 -8.02 2.74 5.38
N TYR A 48 -7.03 3.57 5.71
CA TYR A 48 -7.00 4.28 7.00
C TYR A 48 -7.42 5.73 6.81
N THR A 49 -8.61 6.03 7.36
CA THR A 49 -9.27 7.33 7.26
C THR A 49 -10.01 7.64 8.57
N ASP A 50 -9.66 8.75 9.22
CA ASP A 50 -10.30 9.11 10.49
C ASP A 50 -11.58 9.92 10.28
N LYS A 51 -12.71 9.33 10.63
CA LYS A 51 -14.01 10.01 10.55
C LYS A 51 -14.32 10.83 11.81
N ASP A 52 -13.49 10.65 12.86
CA ASP A 52 -13.60 11.44 14.09
C ASP A 52 -13.12 12.88 13.87
N THR A 53 -12.18 13.05 12.94
CA THR A 53 -11.77 14.38 12.50
C THR A 53 -12.63 14.82 11.30
N GLY A 54 -13.24 13.83 10.64
CA GLY A 54 -14.13 14.07 9.53
C GLY A 54 -13.41 14.21 8.21
N LYS A 55 -12.10 13.94 8.23
CA LYS A 55 -11.29 14.00 7.02
C LYS A 55 -10.32 12.82 6.98
N PRO A 56 -10.11 12.24 5.78
CA PRO A 56 -9.17 11.13 5.57
C PRO A 56 -7.72 11.46 5.96
N LYS A 57 -7.12 10.57 6.76
CA LYS A 57 -5.71 10.66 7.20
C LYS A 57 -4.74 10.59 6.03
N GLY A 58 -5.13 9.83 5.01
CA GLY A 58 -4.31 9.71 3.84
C GLY A 58 -3.44 8.49 3.87
N GLU A 59 -3.85 7.46 4.63
CA GLU A 59 -3.00 6.29 4.80
C GLU A 59 -3.67 5.06 4.18
N ALA A 60 -2.88 4.23 3.53
CA ALA A 60 -3.35 2.95 2.98
C ALA A 60 -2.21 1.96 2.91
N THR A 61 -2.48 0.69 3.17
CA THR A 61 -1.47 -0.35 2.99
C THR A 61 -2.02 -1.50 2.14
N VAL A 62 -1.21 -2.03 1.23
CA VAL A 62 -1.62 -3.16 0.38
C VAL A 62 -0.50 -4.24 0.30
N SER A 63 -0.89 -5.50 0.19
CA SER A 63 0.05 -6.65 0.19
C SER A 63 0.45 -7.08 -1.23
N PHE A 64 1.75 -7.20 -1.48
CA PHE A 64 2.21 -7.70 -2.78
C PHE A 64 2.43 -9.21 -2.78
N ASP A 65 2.55 -9.78 -3.99
CA ASP A 65 2.68 -11.23 -4.16
C ASP A 65 4.07 -11.73 -3.74
N ASP A 66 5.12 -11.00 -4.12
CA ASP A 66 6.49 -11.35 -3.78
C ASP A 66 7.20 -10.13 -3.15
N PRO A 67 7.97 -10.34 -2.04
CA PRO A 67 8.76 -9.28 -1.38
C PRO A 67 9.85 -8.56 -2.25
N PRO A 68 10.63 -9.21 -3.19
CA PRO A 68 11.64 -8.48 -3.96
C PRO A 68 11.01 -7.57 -5.04
N SER A 69 9.84 -8.00 -5.54
CA SER A 69 9.03 -7.25 -6.48
C SER A 69 8.53 -5.94 -5.85
N ALA A 70 8.29 -5.97 -4.52
CA ALA A 70 7.89 -4.80 -3.76
C ALA A 70 9.03 -3.77 -3.66
N LYS A 71 10.29 -4.24 -3.50
CA LYS A 71 11.46 -3.36 -3.42
C LYS A 71 11.67 -2.58 -4.73
N ALA A 72 11.61 -3.29 -5.86
CA ALA A 72 11.80 -2.70 -7.19
C ALA A 72 10.69 -1.69 -7.49
N ALA A 73 9.46 -2.06 -7.11
CA ALA A 73 8.29 -1.20 -7.25
C ALA A 73 8.48 0.11 -6.50
N ILE A 74 8.86 0.05 -5.22
CA ILE A 74 9.09 1.26 -4.39
C ILE A 74 10.16 2.20 -5.01
N ASP A 75 11.16 1.61 -5.67
CA ASP A 75 12.26 2.37 -6.28
C ASP A 75 11.78 3.27 -7.44
N TRP A 76 11.10 2.72 -8.47
CA TRP A 76 10.57 3.58 -9.57
C TRP A 76 9.12 4.15 -9.40
N PHE A 77 8.26 3.46 -8.65
CA PHE A 77 6.79 3.77 -8.56
C PHE A 77 6.50 4.93 -7.56
N ASP A 78 7.44 5.20 -6.64
CA ASP A 78 7.29 6.35 -5.72
C ASP A 78 8.13 7.54 -6.26
N GLY A 79 7.89 8.73 -5.71
CA GLY A 79 8.56 9.94 -6.21
C GLY A 79 7.72 10.70 -7.22
N LYS A 80 6.45 10.34 -7.31
CA LYS A 80 5.50 11.01 -8.18
C LYS A 80 4.34 11.55 -7.32
N GLU A 81 3.19 11.82 -7.92
CA GLU A 81 2.02 12.28 -7.19
C GLU A 81 0.76 11.47 -7.55
N PHE A 82 -0.06 11.23 -6.53
CA PHE A 82 -1.33 10.51 -6.66
C PHE A 82 -2.46 11.49 -6.40
N HIS A 83 -3.21 11.81 -7.47
CA HIS A 83 -4.36 12.75 -7.44
C HIS A 83 -3.92 14.19 -7.09
N GLY A 84 -2.68 14.55 -7.46
CA GLY A 84 -2.16 15.89 -7.20
C GLY A 84 -1.45 16.03 -5.85
N ASN A 85 -1.46 14.97 -5.05
CA ASN A 85 -0.84 15.00 -3.73
C ASN A 85 0.37 14.05 -3.71
N ILE A 86 1.40 14.39 -2.93
CA ILE A 86 2.67 13.67 -2.94
C ILE A 86 2.53 12.27 -2.33
N ILE A 87 2.93 11.25 -3.10
CA ILE A 87 2.75 9.87 -2.72
C ILE A 87 4.10 9.19 -2.44
N LYS A 88 4.17 8.46 -1.33
CA LYS A 88 5.38 7.70 -0.98
C LYS A 88 5.02 6.25 -0.63
N VAL A 89 5.92 5.33 -0.98
CA VAL A 89 5.73 3.92 -0.69
C VAL A 89 6.87 3.40 0.22
N SER A 90 6.53 2.55 1.19
CA SER A 90 7.47 1.92 2.10
C SER A 90 7.17 0.44 2.21
N PHE A 91 8.01 -0.26 2.97
CA PHE A 91 7.79 -1.66 3.27
C PHE A 91 6.84 -1.89 4.46
N ALA A 92 6.48 -0.80 5.17
CA ALA A 92 5.54 -0.81 6.32
C ALA A 92 6.12 -1.56 7.53
N THR A 93 5.23 -1.95 8.46
CA THR A 93 5.61 -2.74 9.63
C THR A 93 5.46 -4.24 9.30
N ARG A 94 5.90 -5.11 10.22
CA ARG A 94 5.89 -6.56 10.00
C ARG A 94 4.51 -7.17 10.29
N ARG A 95 4.46 -8.50 10.22
CA ARG A 95 3.24 -9.28 10.44
C ARG A 95 2.66 -9.10 11.87
N PRO A 96 1.30 -9.20 12.01
CA PRO A 96 0.62 -9.12 13.32
C PRO A 96 1.05 -10.21 14.31
N GLU A 97 1.68 -9.77 15.40
CA GLU A 97 2.25 -10.65 16.40
C GLU A 97 1.30 -10.78 17.59
N GLY A 1 21.20 -15.63 -2.04
CA GLY A 1 19.91 -15.67 -1.31
C GLY A 1 19.94 -14.79 -0.06
N SER A 2 18.78 -14.22 0.28
CA SER A 2 18.65 -13.33 1.45
C SER A 2 17.20 -13.29 1.93
N HIS A 3 17.00 -12.81 3.14
CA HIS A 3 15.66 -12.67 3.71
C HIS A 3 15.32 -11.19 3.92
N MET A 4 14.06 -10.85 3.73
CA MET A 4 13.58 -9.46 3.87
C MET A 4 12.24 -9.43 4.63
N SER A 5 12.07 -10.46 5.51
CA SER A 5 10.81 -10.79 6.25
C SER A 5 9.78 -11.46 5.33
N ASP A 6 9.02 -12.40 5.90
CA ASP A 6 7.98 -13.13 5.15
C ASP A 6 6.66 -12.36 5.15
N ASN A 7 6.65 -11.21 5.84
CA ASN A 7 5.53 -10.27 5.80
C ASN A 7 5.62 -9.42 4.55
N ASN A 8 4.74 -9.68 3.57
CA ASN A 8 4.60 -8.74 2.47
C ASN A 8 3.53 -7.71 2.79
N THR A 9 3.95 -6.50 3.09
CA THR A 9 3.06 -5.35 3.23
C THR A 9 3.77 -4.11 2.65
N ILE A 10 3.04 -3.22 1.97
CA ILE A 10 3.60 -1.92 1.65
C ILE A 10 2.73 -0.80 2.24
N PHE A 11 3.38 0.22 2.78
CA PHE A 11 2.70 1.34 3.41
C PHE A 11 2.70 2.54 2.48
N VAL A 12 1.53 3.00 2.13
CA VAL A 12 1.37 4.16 1.28
C VAL A 12 0.75 5.34 2.01
N GLN A 13 1.27 6.51 1.63
CA GLN A 13 0.90 7.79 2.17
C GLN A 13 0.52 8.73 1.05
N GLY A 14 -0.35 9.68 1.34
CA GLY A 14 -0.67 10.72 0.39
C GLY A 14 -1.87 10.39 -0.47
N LEU A 15 -2.66 9.42 -0.04
CA LEU A 15 -3.92 9.13 -0.69
C LEU A 15 -5.08 9.63 0.18
N GLY A 16 -5.12 10.95 0.37
CA GLY A 16 -6.04 11.55 1.31
C GLY A 16 -7.20 12.24 0.65
N GLU A 17 -7.13 13.56 0.61
CA GLU A 17 -8.24 14.39 0.14
C GLU A 17 -8.40 14.31 -1.38
N GLY A 18 -9.58 13.85 -1.79
CA GLY A 18 -9.91 13.72 -3.20
C GLY A 18 -9.65 12.32 -3.71
N VAL A 19 -9.58 11.36 -2.78
CA VAL A 19 -9.18 10.00 -3.10
C VAL A 19 -10.39 9.24 -3.66
N SER A 20 -10.11 8.25 -4.48
CA SER A 20 -11.11 7.31 -4.92
C SER A 20 -11.14 6.11 -3.95
N THR A 21 -12.16 5.26 -4.12
CA THR A 21 -12.48 4.08 -3.27
C THR A 21 -11.37 2.98 -3.26
N ASP A 22 -11.73 1.80 -2.73
CA ASP A 22 -10.90 0.53 -2.72
C ASP A 22 -10.17 0.20 -4.07
N GLN A 23 -10.57 0.89 -5.14
CA GLN A 23 -9.89 0.91 -6.46
C GLN A 23 -8.34 1.12 -6.39
N VAL A 24 -7.81 1.66 -5.27
CA VAL A 24 -6.36 1.86 -5.07
C VAL A 24 -5.60 0.51 -5.24
N GLY A 25 -6.24 -0.62 -4.85
CA GLY A 25 -5.65 -1.94 -5.07
C GLY A 25 -5.46 -2.31 -6.55
N GLU A 26 -6.35 -1.79 -7.41
CA GLU A 26 -6.25 -1.93 -8.89
C GLU A 26 -5.12 -1.04 -9.46
N PHE A 27 -4.89 0.10 -8.81
CA PHE A 27 -3.76 1.00 -9.08
C PHE A 27 -2.42 0.26 -8.90
N PHE A 28 -2.28 -0.51 -7.82
CA PHE A 28 -1.05 -1.29 -7.60
C PHE A 28 -1.03 -2.55 -8.49
N LYS A 29 -2.21 -3.03 -8.91
CA LYS A 29 -2.36 -4.20 -9.78
C LYS A 29 -1.94 -3.89 -11.23
N GLN A 30 -1.82 -2.60 -11.58
CA GLN A 30 -1.28 -2.21 -12.89
C GLN A 30 0.22 -2.61 -13.01
N ILE A 31 0.88 -2.87 -11.87
CA ILE A 31 2.22 -3.45 -11.86
C ILE A 31 2.26 -4.66 -10.90
N GLY A 32 1.41 -5.66 -11.15
CA GLY A 32 1.50 -6.90 -10.39
C GLY A 32 0.17 -7.62 -10.19
N ILE A 33 0.25 -8.74 -9.48
CA ILE A 33 -0.91 -9.60 -9.21
C ILE A 33 -1.33 -9.45 -7.74
N ILE A 34 -2.66 -9.41 -7.51
CA ILE A 34 -3.23 -9.36 -6.16
C ILE A 34 -2.97 -10.67 -5.41
N LYS A 35 -2.18 -10.56 -4.35
CA LYS A 35 -1.92 -11.68 -3.45
C LYS A 35 -2.82 -11.60 -2.23
N THR A 36 -3.32 -12.76 -1.85
CA THR A 36 -4.02 -12.91 -0.60
C THR A 36 -2.98 -13.17 0.50
N ASN A 37 -2.90 -12.23 1.46
CA ASN A 37 -1.93 -12.32 2.55
C ASN A 37 -2.38 -13.38 3.53
N LYS A 38 -1.49 -14.31 3.85
CA LYS A 38 -1.81 -15.47 4.69
C LYS A 38 -1.85 -15.15 6.19
N LYS A 39 -1.46 -13.92 6.57
CA LYS A 39 -1.51 -13.48 7.96
C LYS A 39 -2.98 -13.30 8.43
N THR A 40 -3.87 -12.94 7.51
CA THR A 40 -5.29 -12.84 7.82
C THR A 40 -6.16 -13.70 6.87
N GLY A 41 -5.67 -13.88 5.62
CA GLY A 41 -6.38 -14.67 4.62
C GLY A 41 -7.35 -13.83 3.78
N LYS A 42 -7.23 -12.52 3.88
CA LYS A 42 -7.99 -11.59 3.03
C LYS A 42 -7.15 -11.07 1.84
N PRO A 43 -7.82 -10.69 0.71
CA PRO A 43 -7.20 -9.91 -0.38
C PRO A 43 -6.78 -8.50 0.09
N MET A 44 -5.79 -7.92 -0.58
CA MET A 44 -5.14 -6.70 -0.07
C MET A 44 -5.97 -5.43 -0.29
N ILE A 45 -6.67 -5.04 0.77
CA ILE A 45 -7.27 -3.71 0.92
C ILE A 45 -7.15 -3.31 2.39
N ASN A 46 -6.36 -2.29 2.72
CA ASN A 46 -6.52 -1.61 4.00
C ASN A 46 -6.61 -0.12 3.79
N LEU A 47 -7.77 0.47 4.11
CA LEU A 47 -7.96 1.90 3.89
C LEU A 47 -8.11 2.62 5.24
N TYR A 48 -7.12 3.43 5.59
CA TYR A 48 -7.12 4.17 6.85
C TYR A 48 -7.48 5.64 6.62
N THR A 49 -8.66 6.02 7.15
CA THR A 49 -9.21 7.37 7.02
C THR A 49 -9.92 7.79 8.32
N ASP A 50 -9.51 8.92 8.92
CA ASP A 50 -10.12 9.37 10.19
C ASP A 50 -11.39 10.20 9.93
N LYS A 51 -12.53 9.67 10.33
CA LYS A 51 -13.81 10.35 10.20
C LYS A 51 -14.14 11.27 11.41
N ASP A 52 -13.37 11.16 12.50
CA ASP A 52 -13.63 11.97 13.71
C ASP A 52 -13.16 13.41 13.49
N THR A 53 -12.08 13.57 12.73
CA THR A 53 -11.64 14.88 12.27
C THR A 53 -12.30 15.20 10.92
N GLY A 54 -12.85 14.17 10.27
CA GLY A 54 -13.65 14.34 9.07
C GLY A 54 -12.88 14.07 7.81
N LYS A 55 -11.65 14.60 7.72
CA LYS A 55 -10.83 14.42 6.54
C LYS A 55 -10.07 13.10 6.57
N PRO A 56 -9.94 12.42 5.40
CA PRO A 56 -9.10 11.22 5.25
C PRO A 56 -7.64 11.42 5.69
N LYS A 57 -7.12 10.42 6.41
CA LYS A 57 -5.73 10.40 6.88
C LYS A 57 -4.75 10.25 5.73
N GLY A 58 -5.16 9.51 4.71
CA GLY A 58 -4.35 9.33 3.54
C GLY A 58 -3.45 8.13 3.62
N GLU A 59 -3.83 7.16 4.44
CA GLU A 59 -2.96 6.03 4.73
C GLU A 59 -3.59 4.74 4.21
N ALA A 60 -2.74 3.84 3.71
CA ALA A 60 -3.19 2.54 3.26
C ALA A 60 -2.07 1.51 3.38
N THR A 61 -2.45 0.24 3.50
CA THR A 61 -1.51 -0.84 3.30
C THR A 61 -2.10 -1.88 2.35
N VAL A 62 -1.28 -2.33 1.41
CA VAL A 62 -1.66 -3.37 0.44
C VAL A 62 -0.49 -4.38 0.29
N SER A 63 -0.79 -5.64 0.02
CA SER A 63 0.18 -6.72 0.08
C SER A 63 0.47 -7.36 -1.29
N PHE A 64 1.73 -7.29 -1.73
CA PHE A 64 2.13 -7.82 -3.04
C PHE A 64 2.46 -9.31 -3.01
N ASP A 65 2.53 -9.88 -4.23
CA ASP A 65 2.77 -11.32 -4.42
C ASP A 65 4.24 -11.68 -4.14
N ASP A 66 5.15 -10.89 -4.71
CA ASP A 66 6.59 -11.12 -4.54
C ASP A 66 7.23 -10.01 -3.71
N PRO A 67 8.15 -10.38 -2.78
CA PRO A 67 8.93 -9.40 -1.99
C PRO A 67 9.88 -8.45 -2.78
N PRO A 68 10.63 -8.86 -3.87
CA PRO A 68 11.52 -7.91 -4.58
C PRO A 68 10.77 -6.83 -5.35
N SER A 69 9.56 -7.18 -5.82
CA SER A 69 8.64 -6.27 -6.52
C SER A 69 8.23 -5.08 -5.63
N ALA A 70 8.20 -5.29 -4.30
CA ALA A 70 7.85 -4.24 -3.33
C ALA A 70 8.93 -3.16 -3.23
N LYS A 71 10.22 -3.56 -3.18
CA LYS A 71 11.34 -2.60 -3.08
C LYS A 71 11.56 -1.88 -4.41
N ALA A 72 11.33 -2.59 -5.50
CA ALA A 72 11.44 -2.03 -6.84
C ALA A 72 10.32 -1.01 -7.09
N ALA A 73 9.14 -1.25 -6.49
CA ALA A 73 8.05 -0.29 -6.54
C ALA A 73 8.36 0.96 -5.71
N ILE A 74 9.19 0.82 -4.67
CA ILE A 74 9.71 2.00 -3.95
C ILE A 74 10.64 2.84 -4.86
N ASP A 75 11.37 2.18 -5.77
CA ASP A 75 12.26 2.93 -6.67
C ASP A 75 11.53 3.63 -7.85
N TRP A 76 10.81 2.88 -8.72
CA TRP A 76 10.11 3.51 -9.88
C TRP A 76 8.67 3.99 -9.62
N PHE A 77 7.91 3.25 -8.81
CA PHE A 77 6.46 3.47 -8.67
C PHE A 77 6.18 4.57 -7.64
N ASP A 78 7.14 4.80 -6.74
CA ASP A 78 7.11 5.93 -5.81
C ASP A 78 7.70 7.19 -6.47
N GLY A 79 7.79 8.28 -5.70
CA GLY A 79 8.52 9.47 -6.13
C GLY A 79 7.70 10.44 -6.96
N LYS A 80 6.42 10.13 -7.12
CA LYS A 80 5.53 10.95 -7.93
C LYS A 80 4.33 11.40 -7.09
N GLU A 81 3.23 11.68 -7.76
CA GLU A 81 2.00 12.12 -7.12
C GLU A 81 0.85 11.18 -7.44
N PHE A 82 0.03 10.94 -6.44
CA PHE A 82 -1.24 10.26 -6.59
C PHE A 82 -2.34 11.27 -6.26
N HIS A 83 -3.09 11.64 -7.32
CA HIS A 83 -4.22 12.60 -7.25
C HIS A 83 -3.76 14.02 -6.86
N GLY A 84 -2.53 14.38 -7.25
CA GLY A 84 -2.00 15.73 -7.02
C GLY A 84 -1.38 15.91 -5.64
N ASN A 85 -1.19 14.81 -4.91
CA ASN A 85 -0.54 14.81 -3.61
C ASN A 85 0.59 13.82 -3.61
N ILE A 86 1.64 14.10 -2.84
CA ILE A 86 2.86 13.29 -2.82
C ILE A 86 2.60 11.92 -2.20
N ILE A 87 3.03 10.88 -2.89
CA ILE A 87 2.81 9.51 -2.46
C ILE A 87 4.14 8.93 -1.96
N LYS A 88 4.07 8.12 -0.91
CA LYS A 88 5.25 7.45 -0.37
C LYS A 88 4.92 6.00 -0.07
N VAL A 89 5.67 5.09 -0.67
CA VAL A 89 5.48 3.67 -0.51
C VAL A 89 6.68 3.08 0.27
N SER A 90 6.38 2.19 1.22
CA SER A 90 7.38 1.63 2.15
C SER A 90 7.16 0.14 2.33
N PHE A 91 8.08 -0.52 3.04
CA PHE A 91 7.93 -1.93 3.41
C PHE A 91 7.03 -2.14 4.65
N ALA A 92 6.56 -1.02 5.25
CA ALA A 92 5.61 -1.02 6.38
C ALA A 92 6.17 -1.70 7.65
N THR A 93 5.27 -2.02 8.58
CA THR A 93 5.63 -2.76 9.78
C THR A 93 5.37 -4.25 9.57
N ARG A 94 5.95 -5.08 10.42
CA ARG A 94 5.82 -6.52 10.33
C ARG A 94 4.58 -6.97 11.11
N ARG A 95 3.96 -8.07 10.64
CA ARG A 95 2.72 -8.65 11.23
C ARG A 95 1.46 -7.78 10.94
N PRO A 96 0.22 -8.29 11.18
CA PRO A 96 -0.98 -7.44 11.11
C PRO A 96 -1.13 -6.54 12.34
N GLU A 97 -0.73 -5.27 12.18
CA GLU A 97 -0.91 -4.26 13.21
C GLU A 97 -1.80 -3.14 12.68
N GLY A 1 18.15 0.68 0.84
CA GLY A 1 16.88 -0.04 1.12
C GLY A 1 17.12 -1.49 1.49
N SER A 2 16.64 -2.40 0.61
CA SER A 2 16.85 -3.86 0.72
C SER A 2 16.33 -4.49 2.02
N HIS A 3 15.10 -4.10 2.40
CA HIS A 3 14.45 -4.64 3.60
C HIS A 3 13.97 -6.08 3.40
N MET A 4 14.24 -6.92 4.39
CA MET A 4 13.91 -8.35 4.34
C MET A 4 13.02 -8.71 5.51
N SER A 5 11.75 -8.97 5.22
CA SER A 5 10.79 -9.46 6.21
C SER A 5 9.92 -10.56 5.59
N ASP A 6 9.39 -11.44 6.45
CA ASP A 6 8.49 -12.53 6.02
C ASP A 6 7.10 -11.97 5.74
N ASN A 7 6.77 -10.87 6.42
CA ASN A 7 5.53 -10.13 6.18
C ASN A 7 5.63 -9.32 4.88
N ASN A 8 4.74 -9.62 3.93
CA ASN A 8 4.54 -8.72 2.80
C ASN A 8 3.44 -7.71 3.11
N THR A 9 3.86 -6.47 3.34
CA THR A 9 2.95 -5.32 3.36
C THR A 9 3.70 -4.14 2.71
N ILE A 10 3.00 -3.23 2.05
CA ILE A 10 3.60 -1.96 1.68
C ILE A 10 2.76 -0.82 2.27
N PHE A 11 3.43 0.24 2.74
CA PHE A 11 2.75 1.41 3.31
C PHE A 11 2.74 2.50 2.28
N VAL A 12 1.61 3.14 2.12
CA VAL A 12 1.48 4.25 1.19
C VAL A 12 0.88 5.48 1.84
N GLN A 13 1.38 6.61 1.37
CA GLN A 13 1.01 7.92 1.88
C GLN A 13 0.58 8.81 0.74
N GLY A 14 -0.37 9.71 1.01
CA GLY A 14 -0.78 10.70 0.02
C GLY A 14 -1.97 10.26 -0.80
N LEU A 15 -2.71 9.28 -0.27
CA LEU A 15 -3.93 8.83 -0.90
C LEU A 15 -5.11 9.31 -0.05
N GLY A 16 -5.36 10.62 -0.12
CA GLY A 16 -6.37 11.23 0.71
C GLY A 16 -6.90 12.52 0.13
N GLU A 17 -8.12 12.87 0.58
CA GLU A 17 -8.88 14.06 0.16
C GLU A 17 -9.17 14.09 -1.35
N GLY A 18 -10.37 13.62 -1.71
CA GLY A 18 -10.71 13.49 -3.10
C GLY A 18 -10.33 12.12 -3.62
N VAL A 19 -10.18 11.16 -2.70
CA VAL A 19 -9.65 9.85 -3.01
C VAL A 19 -10.76 8.94 -3.51
N SER A 20 -10.39 8.01 -4.36
CA SER A 20 -11.33 7.04 -4.88
C SER A 20 -11.41 5.81 -3.96
N THR A 21 -12.39 4.96 -4.25
CA THR A 21 -12.69 3.69 -3.55
C THR A 21 -11.56 2.63 -3.67
N ASP A 22 -11.89 1.39 -3.25
CA ASP A 22 -11.01 0.16 -3.29
C ASP A 22 -10.22 -0.07 -4.62
N GLN A 23 -10.59 0.68 -5.67
CA GLN A 23 -9.88 0.78 -6.97
C GLN A 23 -8.34 1.05 -6.83
N VAL A 24 -7.89 1.62 -5.67
CA VAL A 24 -6.45 1.86 -5.40
C VAL A 24 -5.65 0.53 -5.48
N GLY A 25 -6.30 -0.60 -5.16
CA GLY A 25 -5.69 -1.92 -5.33
C GLY A 25 -5.32 -2.22 -6.80
N GLU A 26 -6.17 -1.78 -7.74
CA GLU A 26 -5.94 -1.93 -9.19
C GLU A 26 -4.81 -0.97 -9.67
N PHE A 27 -4.68 0.17 -8.99
CA PHE A 27 -3.57 1.12 -9.18
C PHE A 27 -2.21 0.42 -8.94
N PHE A 28 -2.09 -0.35 -7.88
CA PHE A 28 -0.84 -1.08 -7.61
C PHE A 28 -0.73 -2.35 -8.51
N LYS A 29 -1.88 -2.83 -8.99
CA LYS A 29 -2.00 -4.01 -9.88
C LYS A 29 -1.57 -3.69 -11.33
N GLN A 30 -1.38 -2.40 -11.65
CA GLN A 30 -0.79 -1.99 -12.93
C GLN A 30 0.68 -2.50 -13.08
N ILE A 31 1.29 -2.88 -11.95
CA ILE A 31 2.63 -3.44 -11.92
C ILE A 31 2.57 -4.97 -11.73
N GLY A 32 1.78 -5.43 -10.74
CA GLY A 32 1.78 -6.84 -10.38
C GLY A 32 0.40 -7.41 -10.17
N ILE A 33 0.33 -8.51 -9.44
CA ILE A 33 -0.92 -9.24 -9.20
C ILE A 33 -1.40 -9.07 -7.74
N ILE A 34 -2.72 -8.95 -7.58
CA ILE A 34 -3.36 -8.86 -6.25
C ILE A 34 -3.17 -10.16 -5.48
N LYS A 35 -2.43 -10.07 -4.39
CA LYS A 35 -2.15 -11.21 -3.55
C LYS A 35 -3.10 -11.27 -2.36
N THR A 36 -3.52 -12.47 -2.04
CA THR A 36 -4.22 -12.74 -0.80
C THR A 36 -3.18 -13.01 0.30
N ASN A 37 -3.18 -12.15 1.33
CA ASN A 37 -2.20 -12.26 2.41
C ASN A 37 -2.60 -13.39 3.34
N LYS A 38 -1.68 -14.33 3.57
CA LYS A 38 -1.96 -15.56 4.35
C LYS A 38 -2.03 -15.34 5.87
N LYS A 39 -1.67 -14.12 6.34
CA LYS A 39 -1.77 -13.78 7.77
C LYS A 39 -3.24 -13.62 8.22
N THR A 40 -4.11 -13.21 7.28
CA THR A 40 -5.52 -13.01 7.57
C THR A 40 -6.41 -13.83 6.62
N GLY A 41 -5.95 -14.03 5.38
CA GLY A 41 -6.69 -14.77 4.37
C GLY A 41 -7.61 -13.87 3.54
N LYS A 42 -7.49 -12.55 3.75
CA LYS A 42 -8.20 -11.57 2.95
C LYS A 42 -7.32 -10.99 1.82
N PRO A 43 -7.95 -10.54 0.70
CA PRO A 43 -7.28 -9.74 -0.35
C PRO A 43 -6.87 -8.36 0.17
N MET A 44 -5.84 -7.79 -0.44
CA MET A 44 -5.21 -6.56 0.02
C MET A 44 -6.07 -5.30 -0.18
N ILE A 45 -6.74 -4.87 0.89
CA ILE A 45 -7.33 -3.55 1.02
C ILE A 45 -7.17 -3.10 2.49
N ASN A 46 -6.39 -2.06 2.77
CA ASN A 46 -6.51 -1.35 4.06
C ASN A 46 -6.64 0.15 3.83
N LEU A 47 -7.75 0.73 4.27
CA LEU A 47 -7.96 2.16 4.14
C LEU A 47 -7.95 2.82 5.52
N TYR A 48 -6.93 3.65 5.77
CA TYR A 48 -6.83 4.37 7.03
C TYR A 48 -7.25 5.84 6.85
N THR A 49 -8.38 6.15 7.50
CA THR A 49 -9.03 7.47 7.45
C THR A 49 -9.66 7.79 8.81
N ASP A 50 -9.26 8.89 9.46
CA ASP A 50 -9.82 9.25 10.77
C ASP A 50 -11.11 10.06 10.63
N LYS A 51 -12.22 9.47 11.03
CA LYS A 51 -13.50 10.16 11.00
C LYS A 51 -13.78 11.00 12.25
N ASP A 52 -12.93 10.89 13.28
CA ASP A 52 -13.04 11.74 14.49
C ASP A 52 -12.62 13.19 14.21
N THR A 53 -11.68 13.37 13.27
CA THR A 53 -11.39 14.72 12.77
C THR A 53 -12.26 15.02 11.54
N GLY A 54 -12.80 13.97 10.92
CA GLY A 54 -13.84 14.10 9.91
C GLY A 54 -13.30 14.27 8.50
N LYS A 55 -12.08 13.83 8.28
CA LYS A 55 -11.43 13.94 6.97
C LYS A 55 -10.51 12.73 6.75
N PRO A 56 -10.35 12.26 5.48
CA PRO A 56 -9.39 11.19 5.16
C PRO A 56 -7.94 11.52 5.56
N LYS A 57 -7.34 10.60 6.33
CA LYS A 57 -5.92 10.68 6.73
C LYS A 57 -5.00 10.63 5.54
N GLY A 58 -5.33 9.78 4.58
CA GLY A 58 -4.53 9.64 3.39
C GLY A 58 -3.54 8.50 3.50
N GLU A 59 -3.86 7.50 4.35
CA GLU A 59 -2.92 6.40 4.60
C GLU A 59 -3.56 5.08 4.18
N ALA A 60 -2.73 4.17 3.64
CA ALA A 60 -3.21 2.86 3.23
C ALA A 60 -2.10 1.82 3.33
N THR A 61 -2.48 0.54 3.42
CA THR A 61 -1.52 -0.55 3.27
C THR A 61 -2.09 -1.65 2.38
N VAL A 62 -1.26 -2.20 1.48
CA VAL A 62 -1.67 -3.28 0.58
C VAL A 62 -0.55 -4.34 0.44
N SER A 63 -0.93 -5.59 0.26
CA SER A 63 0.00 -6.72 0.23
C SER A 63 0.37 -7.16 -1.20
N PHE A 64 1.64 -7.05 -1.55
CA PHE A 64 2.11 -7.51 -2.86
C PHE A 64 2.50 -9.00 -2.81
N ASP A 65 2.60 -9.63 -3.99
CA ASP A 65 2.80 -11.08 -4.06
C ASP A 65 4.25 -11.48 -3.77
N ASP A 66 5.21 -10.82 -4.40
CA ASP A 66 6.60 -11.11 -4.15
C ASP A 66 7.30 -9.93 -3.46
N PRO A 67 8.14 -10.23 -2.43
CA PRO A 67 8.99 -9.23 -1.78
C PRO A 67 10.03 -8.50 -2.69
N PRO A 68 10.72 -9.14 -3.72
CA PRO A 68 11.64 -8.38 -4.62
C PRO A 68 10.90 -7.38 -5.53
N SER A 69 9.65 -7.72 -5.87
CA SER A 69 8.77 -6.87 -6.67
C SER A 69 8.33 -5.63 -5.85
N ALA A 70 8.24 -5.78 -4.52
CA ALA A 70 7.80 -4.71 -3.62
C ALA A 70 8.90 -3.66 -3.43
N LYS A 71 10.15 -4.10 -3.28
CA LYS A 71 11.30 -3.18 -3.08
C LYS A 71 11.66 -2.42 -4.36
N ALA A 72 11.48 -3.07 -5.52
CA ALA A 72 11.71 -2.43 -6.80
C ALA A 72 10.65 -1.36 -7.08
N ALA A 73 9.41 -1.63 -6.63
CA ALA A 73 8.30 -0.66 -6.73
C ALA A 73 8.50 0.53 -5.79
N ILE A 74 9.25 0.34 -4.72
CA ILE A 74 9.64 1.46 -3.85
C ILE A 74 10.66 2.37 -4.57
N ASP A 75 11.54 1.79 -5.41
CA ASP A 75 12.55 2.60 -6.11
C ASP A 75 11.98 3.44 -7.29
N TRP A 76 11.35 2.81 -8.30
CA TRP A 76 10.82 3.58 -9.47
C TRP A 76 9.38 4.10 -9.35
N PHE A 77 8.51 3.39 -8.60
CA PHE A 77 7.05 3.66 -8.63
C PHE A 77 6.67 4.73 -7.58
N ASP A 78 7.63 5.12 -6.72
CA ASP A 78 7.44 6.28 -5.82
C ASP A 78 8.21 7.48 -6.42
N GLY A 79 7.93 8.70 -5.93
CA GLY A 79 8.55 9.89 -6.50
C GLY A 79 7.67 10.56 -7.54
N LYS A 80 6.40 10.14 -7.57
CA LYS A 80 5.40 10.72 -8.44
C LYS A 80 4.25 11.24 -7.54
N GLU A 81 3.07 11.45 -8.11
CA GLU A 81 1.92 11.92 -7.35
C GLU A 81 0.65 11.13 -7.70
N PHE A 82 -0.16 10.91 -6.67
CA PHE A 82 -1.47 10.26 -6.80
C PHE A 82 -2.55 11.29 -6.46
N HIS A 83 -3.36 11.63 -7.48
CA HIS A 83 -4.45 12.64 -7.40
C HIS A 83 -3.93 14.06 -7.10
N GLY A 84 -2.69 14.34 -7.53
CA GLY A 84 -2.08 15.65 -7.28
C GLY A 84 -1.51 15.81 -5.87
N ASN A 85 -1.30 14.69 -5.19
CA ASN A 85 -0.74 14.69 -3.85
C ASN A 85 0.44 13.72 -3.83
N ILE A 86 1.49 14.05 -3.07
CA ILE A 86 2.75 13.30 -3.10
C ILE A 86 2.59 11.91 -2.45
N ILE A 87 3.00 10.88 -3.19
CA ILE A 87 2.81 9.50 -2.74
C ILE A 87 4.16 8.86 -2.37
N LYS A 88 4.15 8.12 -1.24
CA LYS A 88 5.35 7.43 -0.76
C LYS A 88 5.06 5.96 -0.44
N VAL A 89 5.86 5.06 -1.00
CA VAL A 89 5.73 3.61 -0.76
C VAL A 89 6.86 3.09 0.15
N SER A 90 6.46 2.34 1.19
CA SER A 90 7.37 1.75 2.19
C SER A 90 7.07 0.27 2.33
N PHE A 91 7.86 -0.42 3.14
CA PHE A 91 7.61 -1.83 3.50
C PHE A 91 6.68 -2.00 4.72
N ALA A 92 6.27 -0.88 5.34
CA ALA A 92 5.33 -0.86 6.49
C ALA A 92 5.90 -1.55 7.75
N THR A 93 5.00 -1.86 8.70
CA THR A 93 5.39 -2.56 9.91
C THR A 93 5.04 -4.06 9.76
N ARG A 94 5.89 -4.91 10.34
CA ARG A 94 5.72 -6.36 10.26
C ARG A 94 5.17 -6.89 11.59
N ARG A 95 4.85 -8.20 11.62
CA ARG A 95 4.44 -8.94 12.84
C ARG A 95 3.01 -8.56 13.30
N PRO A 96 1.98 -9.28 12.78
CA PRO A 96 0.59 -8.96 13.06
C PRO A 96 0.07 -9.55 14.38
N GLU A 97 -0.02 -8.70 15.40
CA GLU A 97 -0.61 -9.07 16.68
C GLU A 97 -1.81 -8.16 16.98
N GLY A 1 18.67 -0.47 -1.65
CA GLY A 1 17.53 -0.96 -0.84
C GLY A 1 17.57 -2.47 -0.65
N SER A 2 17.37 -2.91 0.58
CA SER A 2 17.47 -4.33 0.92
C SER A 2 16.10 -4.91 1.30
N HIS A 3 16.09 -6.18 1.71
CA HIS A 3 14.86 -6.86 2.09
C HIS A 3 15.05 -7.70 3.35
N MET A 4 14.28 -7.38 4.39
CA MET A 4 14.33 -8.12 5.66
C MET A 4 12.95 -8.08 6.34
N SER A 5 12.05 -8.94 5.83
CA SER A 5 10.67 -9.02 6.30
C SER A 5 10.03 -10.35 5.90
N ASP A 6 9.40 -11.02 6.87
CA ASP A 6 8.61 -12.23 6.59
C ASP A 6 7.20 -11.85 6.14
N ASN A 7 6.70 -10.77 6.74
CA ASN A 7 5.44 -10.16 6.33
C ASN A 7 5.63 -9.36 5.03
N ASN A 8 4.85 -9.69 4.00
CA ASN A 8 4.74 -8.80 2.84
C ASN A 8 3.58 -7.82 3.03
N THR A 9 3.92 -6.57 3.29
CA THR A 9 2.99 -5.45 3.22
C THR A 9 3.74 -4.24 2.65
N ILE A 10 3.05 -3.36 1.93
CA ILE A 10 3.63 -2.05 1.62
C ILE A 10 2.75 -0.95 2.24
N PHE A 11 3.40 0.09 2.77
CA PHE A 11 2.70 1.23 3.35
C PHE A 11 2.71 2.38 2.36
N VAL A 12 1.58 3.02 2.18
CA VAL A 12 1.48 4.17 1.30
C VAL A 12 0.87 5.38 2.00
N GLN A 13 1.39 6.54 1.61
CA GLN A 13 1.03 7.81 2.20
C GLN A 13 0.63 8.81 1.14
N GLY A 14 -0.29 9.70 1.48
CA GLY A 14 -0.68 10.79 0.58
C GLY A 14 -1.87 10.43 -0.30
N LEU A 15 -2.63 9.43 0.11
CA LEU A 15 -3.83 9.03 -0.62
C LEU A 15 -5.03 9.34 0.28
N GLY A 16 -5.36 10.62 0.39
CA GLY A 16 -6.36 11.03 1.33
C GLY A 16 -7.37 11.96 0.73
N GLU A 17 -7.04 13.24 0.66
CA GLU A 17 -8.00 14.27 0.27
C GLU A 17 -8.25 14.26 -1.24
N GLY A 18 -9.47 13.84 -1.62
CA GLY A 18 -9.83 13.73 -3.01
C GLY A 18 -9.59 12.33 -3.55
N VAL A 19 -9.50 11.37 -2.63
CA VAL A 19 -9.11 10.01 -2.96
C VAL A 19 -10.32 9.25 -3.50
N SER A 20 -10.04 8.27 -4.35
CA SER A 20 -11.06 7.36 -4.81
C SER A 20 -11.12 6.13 -3.87
N THR A 21 -12.15 5.31 -4.08
CA THR A 21 -12.51 4.11 -3.28
C THR A 21 -11.44 2.99 -3.32
N ASP A 22 -11.82 1.78 -2.84
CA ASP A 22 -11.02 0.51 -2.86
C ASP A 22 -10.28 0.22 -4.21
N GLN A 23 -10.64 0.95 -5.26
CA GLN A 23 -9.97 1.02 -6.56
C GLN A 23 -8.42 1.20 -6.46
N VAL A 24 -7.90 1.71 -5.31
CA VAL A 24 -6.43 1.88 -5.11
C VAL A 24 -5.72 0.52 -5.30
N GLY A 25 -6.40 -0.59 -4.96
CA GLY A 25 -5.88 -1.93 -5.21
C GLY A 25 -5.62 -2.23 -6.69
N GLU A 26 -6.46 -1.67 -7.56
CA GLU A 26 -6.32 -1.78 -9.03
C GLU A 26 -5.16 -0.89 -9.55
N PHE A 27 -4.93 0.23 -8.85
CA PHE A 27 -3.77 1.10 -9.09
C PHE A 27 -2.46 0.32 -8.94
N PHE A 28 -2.33 -0.46 -7.88
CA PHE A 28 -1.13 -1.28 -7.67
C PHE A 28 -1.14 -2.54 -8.56
N LYS A 29 -2.34 -2.95 -8.99
CA LYS A 29 -2.54 -4.09 -9.89
C LYS A 29 -2.02 -3.79 -11.31
N GLN A 30 -1.88 -2.50 -11.66
CA GLN A 30 -1.31 -2.12 -12.96
C GLN A 30 0.16 -2.56 -13.07
N ILE A 31 0.84 -2.80 -11.92
CA ILE A 31 2.16 -3.44 -11.92
C ILE A 31 2.16 -4.62 -10.94
N GLY A 32 1.33 -5.65 -11.20
CA GLY A 32 1.39 -6.85 -10.38
C GLY A 32 0.05 -7.58 -10.20
N ILE A 33 0.11 -8.70 -9.50
CA ILE A 33 -1.05 -9.56 -9.24
C ILE A 33 -1.53 -9.39 -7.79
N ILE A 34 -2.86 -9.33 -7.61
CA ILE A 34 -3.47 -9.21 -6.27
C ILE A 34 -3.31 -10.51 -5.49
N LYS A 35 -2.50 -10.46 -4.45
CA LYS A 35 -2.28 -11.59 -3.58
C LYS A 35 -3.06 -11.44 -2.28
N THR A 36 -3.56 -12.55 -1.76
CA THR A 36 -4.04 -12.61 -0.41
C THR A 36 -2.86 -12.87 0.54
N ASN A 37 -2.79 -12.09 1.60
CA ASN A 37 -1.73 -12.22 2.59
C ASN A 37 -2.03 -13.44 3.46
N LYS A 38 -1.09 -14.38 3.52
CA LYS A 38 -1.30 -15.67 4.21
C LYS A 38 -1.33 -15.53 5.75
N LYS A 39 -0.97 -14.35 6.26
CA LYS A 39 -1.01 -14.06 7.69
C LYS A 39 -2.46 -14.01 8.21
N THR A 40 -3.38 -13.52 7.37
CA THR A 40 -4.77 -13.27 7.78
C THR A 40 -5.76 -13.98 6.87
N GLY A 41 -5.40 -14.12 5.59
CA GLY A 41 -6.24 -14.78 4.61
C GLY A 41 -7.21 -13.82 3.90
N LYS A 42 -7.02 -12.51 4.10
CA LYS A 42 -7.80 -11.52 3.36
C LYS A 42 -7.03 -10.99 2.14
N PRO A 43 -7.73 -10.66 1.01
CA PRO A 43 -7.14 -9.92 -0.12
C PRO A 43 -6.75 -8.50 0.29
N MET A 44 -5.77 -7.94 -0.41
CA MET A 44 -5.18 -6.67 0.00
C MET A 44 -6.09 -5.46 -0.22
N ILE A 45 -6.73 -5.04 0.87
CA ILE A 45 -7.38 -3.75 1.01
C ILE A 45 -7.20 -3.31 2.47
N ASN A 46 -6.42 -2.25 2.73
CA ASN A 46 -6.55 -1.53 4.01
C ASN A 46 -6.67 -0.03 3.74
N LEU A 47 -7.80 0.56 4.09
CA LEU A 47 -8.03 1.97 3.87
C LEU A 47 -8.15 2.71 5.21
N TYR A 48 -7.15 3.53 5.54
CA TYR A 48 -7.17 4.28 6.80
C TYR A 48 -7.55 5.75 6.56
N THR A 49 -8.73 6.10 7.10
CA THR A 49 -9.34 7.44 6.96
C THR A 49 -10.07 7.82 8.26
N ASP A 50 -9.70 8.96 8.88
CA ASP A 50 -10.33 9.38 10.14
C ASP A 50 -11.62 10.17 9.89
N LYS A 51 -12.75 9.58 10.26
CA LYS A 51 -14.06 10.24 10.15
C LYS A 51 -14.40 11.09 11.39
N ASP A 52 -13.62 10.95 12.47
CA ASP A 52 -13.82 11.77 13.69
C ASP A 52 -13.30 13.19 13.51
N THR A 53 -12.29 13.36 12.64
CA THR A 53 -11.86 14.68 12.21
C THR A 53 -12.66 15.08 10.96
N GLY A 54 -13.18 14.06 10.27
CA GLY A 54 -14.03 14.26 9.11
C GLY A 54 -13.27 14.21 7.81
N LYS A 55 -11.95 14.39 7.91
CA LYS A 55 -11.09 14.39 6.73
C LYS A 55 -10.23 13.12 6.71
N PRO A 56 -10.04 12.51 5.52
CA PRO A 56 -9.18 11.32 5.36
C PRO A 56 -7.73 11.53 5.80
N LYS A 57 -7.20 10.51 6.51
CA LYS A 57 -5.83 10.49 7.02
C LYS A 57 -4.80 10.41 5.89
N GLY A 58 -5.14 9.67 4.85
CA GLY A 58 -4.26 9.53 3.71
C GLY A 58 -3.39 8.31 3.78
N GLU A 59 -3.80 7.31 4.56
CA GLU A 59 -2.96 6.16 4.82
C GLU A 59 -3.61 4.91 4.25
N ALA A 60 -2.77 4.02 3.71
CA ALA A 60 -3.24 2.74 3.17
C ALA A 60 -2.14 1.68 3.26
N THR A 61 -2.53 0.42 3.34
CA THR A 61 -1.59 -0.69 3.21
C THR A 61 -2.16 -1.78 2.30
N VAL A 62 -1.32 -2.30 1.41
CA VAL A 62 -1.70 -3.36 0.46
C VAL A 62 -0.56 -4.39 0.33
N SER A 63 -0.92 -5.65 0.10
CA SER A 63 0.03 -6.78 0.06
C SER A 63 0.33 -7.27 -1.36
N PHE A 64 1.60 -7.22 -1.77
CA PHE A 64 2.00 -7.74 -3.07
C PHE A 64 2.30 -9.23 -3.03
N ASP A 65 2.35 -9.84 -4.23
CA ASP A 65 2.62 -11.27 -4.38
C ASP A 65 4.12 -11.54 -4.25
N ASP A 66 4.93 -10.74 -4.94
CA ASP A 66 6.37 -10.93 -4.92
C ASP A 66 7.03 -9.94 -3.95
N PRO A 67 8.01 -10.44 -3.13
CA PRO A 67 8.88 -9.57 -2.32
C PRO A 67 9.82 -8.63 -3.13
N PRO A 68 10.48 -9.03 -4.29
CA PRO A 68 11.29 -8.09 -5.08
C PRO A 68 10.46 -6.97 -5.75
N SER A 69 9.20 -7.28 -6.07
CA SER A 69 8.27 -6.30 -6.66
C SER A 69 7.94 -5.15 -5.71
N ALA A 70 8.04 -5.39 -4.39
CA ALA A 70 7.72 -4.38 -3.38
C ALA A 70 8.81 -3.30 -3.29
N LYS A 71 10.08 -3.73 -3.21
CA LYS A 71 11.23 -2.82 -3.11
C LYS A 71 11.48 -2.05 -4.41
N ALA A 72 11.20 -2.71 -5.53
CA ALA A 72 11.36 -2.10 -6.84
C ALA A 72 10.26 -1.08 -7.12
N ALA A 73 9.06 -1.31 -6.55
CA ALA A 73 7.97 -0.35 -6.63
C ALA A 73 8.26 0.90 -5.79
N ILE A 74 9.04 0.75 -4.72
CA ILE A 74 9.55 1.90 -3.97
C ILE A 74 10.54 2.72 -4.84
N ASP A 75 11.31 2.06 -5.72
CA ASP A 75 12.27 2.80 -6.58
C ASP A 75 11.61 3.51 -7.80
N TRP A 76 10.94 2.78 -8.71
CA TRP A 76 10.33 3.40 -9.92
C TRP A 76 8.88 3.89 -9.75
N PHE A 77 8.08 3.19 -8.94
CA PHE A 77 6.62 3.40 -8.87
C PHE A 77 6.31 4.53 -7.87
N ASP A 78 7.28 4.79 -6.99
CA ASP A 78 7.22 5.90 -6.05
C ASP A 78 8.18 7.01 -6.53
N GLY A 79 8.18 8.16 -5.84
CA GLY A 79 8.97 9.31 -6.29
C GLY A 79 8.14 10.26 -7.13
N LYS A 80 6.83 10.07 -7.09
CA LYS A 80 5.89 10.85 -7.89
C LYS A 80 4.68 11.26 -7.02
N GLU A 81 3.54 11.51 -7.66
CA GLU A 81 2.34 11.95 -6.98
C GLU A 81 1.11 11.12 -7.40
N PHE A 82 0.22 10.92 -6.43
CA PHE A 82 -1.07 10.29 -6.64
C PHE A 82 -2.16 11.32 -6.37
N HIS A 83 -2.92 11.66 -7.43
CA HIS A 83 -4.04 12.64 -7.38
C HIS A 83 -3.57 14.07 -7.06
N GLY A 84 -2.34 14.39 -7.45
CA GLY A 84 -1.79 15.74 -7.21
C GLY A 84 -1.15 15.91 -5.83
N ASN A 85 -1.08 14.83 -5.06
CA ASN A 85 -0.47 14.86 -3.74
C ASN A 85 0.67 13.84 -3.70
N ILE A 86 1.70 14.13 -2.91
CA ILE A 86 2.92 13.33 -2.89
C ILE A 86 2.65 11.96 -2.23
N ILE A 87 3.07 10.89 -2.91
CA ILE A 87 2.84 9.54 -2.44
C ILE A 87 4.17 8.94 -1.97
N LYS A 88 4.11 8.07 -0.95
CA LYS A 88 5.30 7.41 -0.41
C LYS A 88 5.03 5.93 -0.14
N VAL A 89 5.85 5.06 -0.74
CA VAL A 89 5.74 3.61 -0.57
C VAL A 89 6.88 3.10 0.35
N SER A 90 6.51 2.22 1.29
CA SER A 90 7.42 1.61 2.26
C SER A 90 7.09 0.13 2.40
N PHE A 91 7.90 -0.58 3.19
CA PHE A 91 7.64 -1.98 3.55
C PHE A 91 6.73 -2.14 4.79
N ALA A 92 6.25 -1.01 5.34
CA ALA A 92 5.35 -1.00 6.52
C ALA A 92 5.99 -1.65 7.76
N THR A 93 5.16 -2.01 8.75
CA THR A 93 5.62 -2.80 9.87
C THR A 93 5.46 -4.29 9.54
N ARG A 94 6.43 -5.09 9.97
CA ARG A 94 6.43 -6.50 9.63
C ARG A 94 6.30 -7.36 10.89
N ARG A 95 5.05 -7.57 11.30
CA ARG A 95 4.72 -8.25 12.55
C ARG A 95 3.24 -8.65 12.58
N PRO A 96 2.88 -9.84 12.05
CA PRO A 96 1.50 -10.33 12.14
C PRO A 96 1.21 -11.02 13.48
N GLU A 97 0.38 -10.37 14.30
CA GLU A 97 0.02 -10.90 15.60
C GLU A 97 -1.50 -10.87 15.77
N GLY A 1 21.15 -4.56 -0.50
CA GLY A 1 19.92 -5.38 -0.37
C GLY A 1 19.92 -6.18 0.91
N SER A 2 18.78 -6.18 1.61
CA SER A 2 18.67 -6.86 2.90
C SER A 2 17.35 -7.60 3.02
N HIS A 3 17.24 -8.46 4.04
CA HIS A 3 16.03 -9.22 4.32
C HIS A 3 14.91 -8.31 4.89
N MET A 4 13.72 -8.46 4.35
CA MET A 4 12.58 -7.61 4.74
C MET A 4 11.49 -8.46 5.37
N SER A 5 11.88 -9.69 5.78
CA SER A 5 11.02 -10.71 6.41
C SER A 5 10.02 -11.34 5.42
N ASP A 6 9.19 -12.25 5.93
CA ASP A 6 8.16 -12.92 5.12
C ASP A 6 6.86 -12.09 5.08
N ASN A 7 6.91 -10.91 5.70
CA ASN A 7 5.80 -9.97 5.73
C ASN A 7 5.73 -9.18 4.42
N ASN A 8 4.75 -9.48 3.59
CA ASN A 8 4.45 -8.60 2.48
C ASN A 8 3.40 -7.57 2.90
N THR A 9 3.86 -6.34 3.10
CA THR A 9 2.99 -5.17 3.22
C THR A 9 3.72 -4.00 2.55
N ILE A 10 3.01 -3.09 1.88
CA ILE A 10 3.60 -1.81 1.53
C ILE A 10 2.78 -0.67 2.15
N PHE A 11 3.49 0.32 2.70
CA PHE A 11 2.85 1.46 3.38
C PHE A 11 2.84 2.64 2.44
N VAL A 12 1.65 3.12 2.17
CA VAL A 12 1.48 4.17 1.20
C VAL A 12 0.88 5.41 1.87
N GLN A 13 1.39 6.57 1.48
CA GLN A 13 0.98 7.85 2.04
C GLN A 13 0.59 8.80 0.91
N GLY A 14 -0.46 9.59 1.12
CA GLY A 14 -0.87 10.58 0.13
C GLY A 14 -2.11 10.17 -0.64
N LEU A 15 -2.94 9.33 -0.03
CA LEU A 15 -4.17 8.85 -0.64
C LEU A 15 -5.34 9.10 0.33
N GLY A 16 -5.83 10.34 0.39
CA GLY A 16 -6.86 10.67 1.34
C GLY A 16 -7.87 11.61 0.79
N GLU A 17 -7.52 12.88 0.77
CA GLU A 17 -8.45 13.93 0.41
C GLU A 17 -8.68 13.99 -1.11
N GLY A 18 -9.90 13.61 -1.53
CA GLY A 18 -10.21 13.56 -2.96
C GLY A 18 -9.93 12.20 -3.54
N VAL A 19 -9.84 11.20 -2.65
CA VAL A 19 -9.38 9.86 -3.03
C VAL A 19 -10.56 9.07 -3.64
N SER A 20 -10.22 8.15 -4.52
CA SER A 20 -11.20 7.20 -5.04
C SER A 20 -11.30 5.98 -4.11
N THR A 21 -12.31 5.14 -4.36
CA THR A 21 -12.67 3.93 -3.59
C THR A 21 -11.56 2.84 -3.63
N ASP A 22 -11.91 1.62 -3.17
CA ASP A 22 -11.05 0.38 -3.18
C ASP A 22 -10.29 0.10 -4.51
N GLN A 23 -10.66 0.82 -5.57
CA GLN A 23 -9.96 0.89 -6.88
C GLN A 23 -8.41 1.09 -6.75
N VAL A 24 -7.94 1.67 -5.60
CA VAL A 24 -6.50 1.89 -5.36
C VAL A 24 -5.75 0.55 -5.47
N GLY A 25 -6.39 -0.58 -5.11
CA GLY A 25 -5.78 -1.90 -5.26
C GLY A 25 -5.44 -2.25 -6.72
N GLU A 26 -6.25 -1.75 -7.66
CA GLU A 26 -6.01 -1.90 -9.11
C GLU A 26 -4.88 -0.98 -9.58
N PHE A 27 -4.75 0.20 -8.93
CA PHE A 27 -3.60 1.11 -9.12
C PHE A 27 -2.27 0.38 -8.89
N PHE A 28 -2.18 -0.38 -7.80
CA PHE A 28 -0.97 -1.16 -7.52
C PHE A 28 -0.89 -2.43 -8.38
N LYS A 29 -2.06 -2.91 -8.86
CA LYS A 29 -2.16 -4.11 -9.73
C LYS A 29 -1.53 -3.86 -11.10
N GLN A 30 -1.36 -2.59 -11.48
CA GLN A 30 -0.66 -2.25 -12.72
C GLN A 30 0.82 -2.72 -12.68
N ILE A 31 1.35 -2.98 -11.47
CA ILE A 31 2.68 -3.59 -11.29
C ILE A 31 2.53 -4.92 -10.48
N GLY A 32 1.69 -5.86 -10.94
CA GLY A 32 1.73 -7.18 -10.32
C GLY A 32 0.40 -7.88 -10.25
N ILE A 33 0.40 -8.97 -9.49
CA ILE A 33 -0.77 -9.81 -9.28
C ILE A 33 -1.28 -9.62 -7.85
N ILE A 34 -2.61 -9.52 -7.69
CA ILE A 34 -3.23 -9.37 -6.39
C ILE A 34 -3.14 -10.67 -5.60
N LYS A 35 -2.37 -10.62 -4.53
CA LYS A 35 -2.15 -11.77 -3.69
C LYS A 35 -3.07 -11.71 -2.46
N THR A 36 -3.52 -12.87 -2.04
CA THR A 36 -4.22 -13.01 -0.78
C THR A 36 -3.17 -13.18 0.33
N ASN A 37 -3.17 -12.24 1.29
CA ASN A 37 -2.23 -12.26 2.39
C ASN A 37 -2.63 -13.34 3.38
N LYS A 38 -1.69 -14.20 3.73
CA LYS A 38 -1.93 -15.35 4.60
C LYS A 38 -1.97 -14.97 6.09
N LYS A 39 -1.62 -13.72 6.42
CA LYS A 39 -1.69 -13.23 7.81
C LYS A 39 -3.16 -13.11 8.28
N THR A 40 -4.07 -12.81 7.34
CA THR A 40 -5.49 -12.67 7.65
C THR A 40 -6.35 -13.59 6.78
N GLY A 41 -5.89 -13.84 5.55
CA GLY A 41 -6.63 -14.66 4.59
C GLY A 41 -7.57 -13.84 3.71
N LYS A 42 -7.48 -12.51 3.85
CA LYS A 42 -8.20 -11.57 2.99
C LYS A 42 -7.31 -11.06 1.85
N PRO A 43 -7.91 -10.66 0.69
CA PRO A 43 -7.23 -9.88 -0.36
C PRO A 43 -6.82 -8.49 0.15
N MET A 44 -5.77 -7.93 -0.46
CA MET A 44 -5.18 -6.68 0.01
C MET A 44 -6.06 -5.45 -0.21
N ILE A 45 -6.70 -5.01 0.85
CA ILE A 45 -7.32 -3.69 0.98
C ILE A 45 -7.13 -3.23 2.43
N ASN A 46 -6.34 -2.18 2.68
CA ASN A 46 -6.40 -1.49 3.97
C ASN A 46 -6.57 -0.01 3.77
N LEU A 47 -7.69 0.55 4.23
CA LEU A 47 -7.95 1.99 4.07
C LEU A 47 -7.99 2.66 5.44
N TYR A 48 -6.99 3.51 5.70
CA TYR A 48 -6.89 4.23 6.97
C TYR A 48 -7.34 5.68 6.79
N THR A 49 -8.48 5.98 7.43
CA THR A 49 -9.14 7.27 7.35
C THR A 49 -9.73 7.67 8.72
N ASP A 50 -9.32 8.82 9.28
CA ASP A 50 -9.87 9.26 10.57
C ASP A 50 -11.17 10.03 10.39
N LYS A 51 -12.27 9.43 10.81
CA LYS A 51 -13.59 10.06 10.74
C LYS A 51 -13.93 10.92 11.97
N ASP A 52 -13.13 10.82 13.05
CA ASP A 52 -13.35 11.62 14.27
C ASP A 52 -12.87 13.06 14.05
N THR A 53 -11.88 13.20 13.18
CA THR A 53 -11.43 14.51 12.70
C THR A 53 -12.23 14.90 11.45
N GLY A 54 -12.81 13.89 10.81
CA GLY A 54 -13.73 14.10 9.71
C GLY A 54 -13.08 13.94 8.36
N LYS A 55 -11.81 14.33 8.25
CA LYS A 55 -11.11 14.22 6.99
C LYS A 55 -10.19 12.99 7.01
N PRO A 56 -10.05 12.28 5.86
CA PRO A 56 -9.18 11.11 5.73
C PRO A 56 -7.71 11.37 6.12
N LYS A 57 -7.12 10.38 6.80
CA LYS A 57 -5.70 10.39 7.20
C LYS A 57 -4.77 10.36 5.99
N GLY A 58 -5.22 9.68 4.94
CA GLY A 58 -4.46 9.62 3.73
C GLY A 58 -3.58 8.41 3.67
N GLU A 59 -3.92 7.37 4.41
CA GLU A 59 -3.03 6.22 4.52
C GLU A 59 -3.71 4.97 4.00
N ALA A 60 -2.92 4.12 3.34
CA ALA A 60 -3.40 2.84 2.84
C ALA A 60 -2.26 1.85 2.80
N THR A 61 -2.53 0.60 3.12
CA THR A 61 -1.51 -0.44 2.96
C THR A 61 -2.06 -1.59 2.11
N VAL A 62 -1.24 -2.10 1.20
CA VAL A 62 -1.65 -3.24 0.35
C VAL A 62 -0.49 -4.26 0.26
N SER A 63 -0.81 -5.55 0.20
CA SER A 63 0.20 -6.62 0.18
C SER A 63 0.50 -7.15 -1.22
N PHE A 64 1.78 -7.21 -1.58
CA PHE A 64 2.20 -7.75 -2.87
C PHE A 64 2.40 -9.26 -2.84
N ASP A 65 2.49 -9.85 -4.03
CA ASP A 65 2.62 -11.30 -4.19
C ASP A 65 4.01 -11.80 -3.74
N ASP A 66 5.04 -11.05 -4.07
CA ASP A 66 6.42 -11.38 -3.75
C ASP A 66 7.07 -10.18 -3.02
N PRO A 67 7.89 -10.42 -1.97
CA PRO A 67 8.65 -9.34 -1.30
C PRO A 67 9.66 -8.52 -2.18
N PRO A 68 10.46 -9.08 -3.16
CA PRO A 68 11.48 -8.28 -3.90
C PRO A 68 10.87 -7.29 -4.91
N SER A 69 9.69 -7.63 -5.49
CA SER A 69 8.96 -6.74 -6.41
C SER A 69 8.52 -5.48 -5.71
N ALA A 70 8.27 -5.60 -4.41
CA ALA A 70 7.84 -4.50 -3.60
C ALA A 70 8.95 -3.47 -3.41
N LYS A 71 10.22 -3.93 -3.28
CA LYS A 71 11.37 -3.00 -3.18
C LYS A 71 11.62 -2.26 -4.50
N ALA A 72 11.45 -2.98 -5.62
CA ALA A 72 11.59 -2.39 -6.95
C ALA A 72 10.55 -1.29 -7.18
N ALA A 73 9.32 -1.55 -6.71
CA ALA A 73 8.25 -0.56 -6.74
C ALA A 73 8.52 0.63 -5.80
N ILE A 74 9.30 0.44 -4.74
CA ILE A 74 9.73 1.57 -3.90
C ILE A 74 10.71 2.51 -4.66
N ASP A 75 11.54 1.94 -5.54
CA ASP A 75 12.50 2.76 -6.28
C ASP A 75 11.87 3.59 -7.43
N TRP A 76 11.20 2.93 -8.39
CA TRP A 76 10.57 3.68 -9.52
C TRP A 76 9.12 4.14 -9.30
N PHE A 77 8.32 3.39 -8.53
CA PHE A 77 6.85 3.62 -8.44
C PHE A 77 6.52 4.65 -7.32
N ASP A 78 7.49 4.88 -6.42
CA ASP A 78 7.47 6.02 -5.48
C ASP A 78 8.12 7.24 -6.15
N GLY A 79 7.82 8.44 -5.64
CA GLY A 79 8.46 9.65 -6.13
C GLY A 79 7.64 10.37 -7.17
N LYS A 80 6.39 9.98 -7.31
CA LYS A 80 5.46 10.67 -8.19
C LYS A 80 4.32 11.27 -7.33
N GLU A 81 3.20 11.62 -7.96
CA GLU A 81 2.04 12.09 -7.24
C GLU A 81 0.79 11.28 -7.62
N PHE A 82 -0.06 11.07 -6.62
CA PHE A 82 -1.34 10.40 -6.77
C PHE A 82 -2.45 11.41 -6.51
N HIS A 83 -3.25 11.68 -7.56
CA HIS A 83 -4.37 12.66 -7.54
C HIS A 83 -3.87 14.10 -7.29
N GLY A 84 -2.63 14.40 -7.70
CA GLY A 84 -2.08 15.74 -7.54
C GLY A 84 -1.49 16.00 -6.16
N ASN A 85 -1.33 14.95 -5.36
CA ASN A 85 -0.72 15.06 -4.04
C ASN A 85 0.40 14.03 -3.93
N ILE A 86 1.46 14.36 -3.18
CA ILE A 86 2.71 13.58 -3.16
C ILE A 86 2.49 12.20 -2.52
N ILE A 87 2.90 11.15 -3.25
CA ILE A 87 2.74 9.79 -2.80
C ILE A 87 4.10 9.16 -2.46
N LYS A 88 4.15 8.50 -1.30
CA LYS A 88 5.34 7.75 -0.90
C LYS A 88 4.98 6.30 -0.61
N VAL A 89 5.86 5.38 -1.00
CA VAL A 89 5.59 3.97 -0.83
C VAL A 89 6.75 3.35 0.00
N SER A 90 6.41 2.43 0.91
CA SER A 90 7.39 1.85 1.85
C SER A 90 7.14 0.35 2.03
N PHE A 91 8.04 -0.29 2.78
CA PHE A 91 7.87 -1.69 3.16
C PHE A 91 6.99 -1.88 4.40
N ALA A 92 6.53 -0.76 5.01
CA ALA A 92 5.68 -0.76 6.22
C ALA A 92 6.42 -1.35 7.44
N THR A 93 5.66 -1.77 8.46
CA THR A 93 6.22 -2.45 9.60
C THR A 93 5.98 -3.97 9.45
N ARG A 94 6.79 -4.76 10.14
CA ARG A 94 6.65 -6.21 10.11
C ARG A 94 5.90 -6.70 11.35
N ARG A 95 5.55 -8.00 11.36
CA ARG A 95 4.89 -8.69 12.50
C ARG A 95 3.47 -8.14 12.79
N PRO A 96 2.44 -8.70 12.10
CA PRO A 96 1.04 -8.30 12.29
C PRO A 96 0.36 -9.08 13.42
N GLU A 97 0.51 -8.57 14.67
CA GLU A 97 -0.01 -9.20 15.90
C GLU A 97 0.53 -10.63 16.10
N GLY A 1 21.19 -7.09 1.38
CA GLY A 1 20.20 -8.20 1.50
C GLY A 1 19.62 -8.30 2.90
N SER A 2 20.07 -9.33 3.65
CA SER A 2 19.60 -9.64 5.02
C SER A 2 18.08 -9.90 5.04
N HIS A 3 17.67 -10.99 4.34
CA HIS A 3 16.26 -11.38 4.09
C HIS A 3 15.51 -10.33 3.25
N MET A 4 14.22 -10.56 2.99
CA MET A 4 13.40 -9.60 2.24
C MET A 4 12.09 -9.30 2.96
N SER A 5 12.07 -9.60 4.29
CA SER A 5 10.87 -9.51 5.17
C SER A 5 9.85 -10.63 4.89
N ASP A 6 9.41 -11.28 5.96
CA ASP A 6 8.44 -12.39 5.87
C ASP A 6 7.02 -11.84 5.66
N ASN A 7 6.73 -10.72 6.33
CA ASN A 7 5.50 -9.97 6.10
C ASN A 7 5.58 -9.20 4.79
N ASN A 8 4.71 -9.50 3.83
CA ASN A 8 4.53 -8.59 2.70
C ASN A 8 3.42 -7.59 2.99
N THR A 9 3.82 -6.35 3.25
CA THR A 9 2.91 -5.21 3.27
C THR A 9 3.66 -4.01 2.67
N ILE A 10 2.97 -3.09 1.97
CA ILE A 10 3.57 -1.81 1.63
C ILE A 10 2.73 -0.66 2.22
N PHE A 11 3.42 0.35 2.79
CA PHE A 11 2.77 1.49 3.43
C PHE A 11 2.78 2.65 2.47
N VAL A 12 1.61 3.18 2.21
CA VAL A 12 1.46 4.21 1.22
C VAL A 12 0.87 5.45 1.89
N GLN A 13 1.37 6.62 1.49
CA GLN A 13 0.95 7.90 2.05
C GLN A 13 0.56 8.85 0.92
N GLY A 14 -0.49 9.65 1.14
CA GLY A 14 -0.89 10.65 0.16
C GLY A 14 -2.11 10.22 -0.64
N LEU A 15 -2.95 9.39 -0.03
CA LEU A 15 -4.17 8.90 -0.65
C LEU A 15 -5.33 9.09 0.32
N GLY A 16 -5.86 10.31 0.38
CA GLY A 16 -6.95 10.59 1.28
C GLY A 16 -7.91 11.62 0.74
N GLU A 17 -7.43 12.85 0.66
CA GLU A 17 -8.28 13.97 0.32
C GLU A 17 -8.56 14.03 -1.19
N GLY A 18 -9.79 13.68 -1.57
CA GLY A 18 -10.16 13.62 -2.98
C GLY A 18 -9.89 12.24 -3.56
N VAL A 19 -9.79 11.24 -2.68
CA VAL A 19 -9.36 9.90 -3.05
C VAL A 19 -10.54 9.13 -3.67
N SER A 20 -10.21 8.20 -4.53
CA SER A 20 -11.19 7.27 -5.05
C SER A 20 -11.26 6.04 -4.13
N THR A 21 -12.26 5.20 -4.39
CA THR A 21 -12.56 3.96 -3.67
C THR A 21 -11.43 2.90 -3.75
N ASP A 22 -11.76 1.70 -3.26
CA ASP A 22 -10.91 0.45 -3.22
C ASP A 22 -10.12 0.15 -4.53
N GLN A 23 -10.47 0.84 -5.62
CA GLN A 23 -9.75 0.87 -6.92
C GLN A 23 -8.21 1.11 -6.80
N VAL A 24 -7.75 1.69 -5.67
CA VAL A 24 -6.32 1.92 -5.41
C VAL A 24 -5.54 0.60 -5.53
N GLY A 25 -6.17 -0.53 -5.19
CA GLY A 25 -5.58 -1.85 -5.37
C GLY A 25 -5.24 -2.19 -6.84
N GLU A 26 -6.06 -1.69 -7.78
CA GLU A 26 -5.81 -1.87 -9.23
C GLU A 26 -4.68 -0.93 -9.71
N PHE A 27 -4.56 0.23 -9.06
CA PHE A 27 -3.42 1.14 -9.24
C PHE A 27 -2.09 0.41 -8.99
N PHE A 28 -2.01 -0.36 -7.93
CA PHE A 28 -0.79 -1.15 -7.65
C PHE A 28 -0.72 -2.42 -8.52
N LYS A 29 -1.90 -2.88 -8.99
CA LYS A 29 -2.03 -4.09 -9.84
C LYS A 29 -1.47 -3.85 -11.26
N GLN A 30 -1.24 -2.58 -11.62
CA GLN A 30 -0.58 -2.25 -12.89
C GLN A 30 0.90 -2.75 -12.92
N ILE A 31 1.45 -3.12 -11.74
CA ILE A 31 2.79 -3.65 -11.61
C ILE A 31 2.78 -5.17 -11.38
N GLY A 32 1.75 -5.71 -10.71
CA GLY A 32 1.76 -7.13 -10.37
C GLY A 32 0.41 -7.74 -10.13
N ILE A 33 0.42 -8.88 -9.46
CA ILE A 33 -0.77 -9.67 -9.21
C ILE A 33 -1.25 -9.49 -7.76
N ILE A 34 -2.58 -9.38 -7.59
CA ILE A 34 -3.20 -9.24 -6.27
C ILE A 34 -3.07 -10.53 -5.47
N LYS A 35 -2.34 -10.45 -4.37
CA LYS A 35 -2.13 -11.58 -3.50
C LYS A 35 -3.09 -11.54 -2.32
N THR A 36 -3.56 -12.71 -1.94
CA THR A 36 -4.26 -12.89 -0.67
C THR A 36 -3.22 -13.14 0.43
N ASN A 37 -3.13 -12.21 1.39
CA ASN A 37 -2.15 -12.28 2.46
C ASN A 37 -2.56 -13.37 3.44
N LYS A 38 -1.68 -14.34 3.64
CA LYS A 38 -1.95 -15.53 4.46
C LYS A 38 -2.01 -15.26 5.98
N LYS A 39 -1.63 -14.05 6.41
CA LYS A 39 -1.71 -13.65 7.84
C LYS A 39 -3.17 -13.50 8.32
N THR A 40 -4.06 -13.12 7.40
CA THR A 40 -5.48 -12.99 7.70
C THR A 40 -6.34 -13.84 6.75
N GLY A 41 -5.87 -14.01 5.51
CA GLY A 41 -6.57 -14.78 4.50
C GLY A 41 -7.57 -13.93 3.70
N LYS A 42 -7.46 -12.61 3.88
CA LYS A 42 -8.21 -11.64 3.10
C LYS A 42 -7.38 -11.09 1.94
N PRO A 43 -8.06 -10.64 0.84
CA PRO A 43 -7.43 -9.83 -0.22
C PRO A 43 -6.92 -8.48 0.31
N MET A 44 -5.90 -7.92 -0.37
CA MET A 44 -5.24 -6.71 0.11
C MET A 44 -6.08 -5.44 -0.13
N ILE A 45 -6.72 -5.00 0.94
CA ILE A 45 -7.31 -3.66 1.06
C ILE A 45 -7.11 -3.21 2.51
N ASN A 46 -6.32 -2.18 2.77
CA ASN A 46 -6.41 -1.48 4.05
C ASN A 46 -6.56 0.02 3.80
N LEU A 47 -7.69 0.58 4.22
CA LEU A 47 -7.89 2.02 4.08
C LEU A 47 -7.97 2.68 5.45
N TYR A 48 -6.95 3.49 5.76
CA TYR A 48 -6.87 4.19 7.04
C TYR A 48 -7.31 5.63 6.88
N THR A 49 -8.46 5.93 7.50
CA THR A 49 -9.08 7.25 7.43
C THR A 49 -9.75 7.59 8.78
N ASP A 50 -9.32 8.66 9.45
CA ASP A 50 -9.94 9.04 10.72
C ASP A 50 -11.17 9.95 10.53
N LYS A 51 -12.33 9.41 10.85
CA LYS A 51 -13.60 10.13 10.74
C LYS A 51 -13.92 10.97 11.98
N ASP A 52 -13.10 10.81 13.04
CA ASP A 52 -13.23 11.61 14.27
C ASP A 52 -12.81 13.07 14.05
N THR A 53 -11.91 13.31 13.09
CA THR A 53 -11.62 14.67 12.63
C THR A 53 -12.56 15.03 11.47
N GLY A 54 -13.01 14.00 10.77
CA GLY A 54 -13.98 14.16 9.69
C GLY A 54 -13.32 14.29 8.33
N LYS A 55 -12.01 14.08 8.31
CA LYS A 55 -11.24 14.17 7.09
C LYS A 55 -10.31 12.96 7.02
N PRO A 56 -10.13 12.35 5.83
CA PRO A 56 -9.26 11.17 5.67
C PRO A 56 -7.79 11.41 6.05
N LYS A 57 -7.24 10.40 6.77
CA LYS A 57 -5.84 10.36 7.21
C LYS A 57 -4.87 10.37 6.03
N GLY A 58 -5.29 9.72 4.95
CA GLY A 58 -4.48 9.67 3.76
C GLY A 58 -3.59 8.46 3.71
N GLU A 59 -3.93 7.41 4.46
CA GLU A 59 -3.03 6.28 4.59
C GLU A 59 -3.70 5.00 4.08
N ALA A 60 -2.89 4.15 3.44
CA ALA A 60 -3.37 2.87 2.94
C ALA A 60 -2.22 1.88 2.90
N THR A 61 -2.51 0.60 3.18
CA THR A 61 -1.51 -0.45 3.00
C THR A 61 -2.07 -1.57 2.13
N VAL A 62 -1.25 -2.07 1.20
CA VAL A 62 -1.65 -3.19 0.34
C VAL A 62 -0.51 -4.24 0.26
N SER A 63 -0.86 -5.52 0.11
CA SER A 63 0.11 -6.61 0.23
C SER A 63 0.40 -7.28 -1.14
N PHE A 64 1.69 -7.31 -1.51
CA PHE A 64 2.10 -7.87 -2.81
C PHE A 64 2.48 -9.35 -2.71
N ASP A 65 2.54 -10.04 -3.87
CA ASP A 65 2.81 -11.48 -3.89
C ASP A 65 4.30 -11.74 -3.65
N ASP A 66 5.16 -11.02 -4.36
CA ASP A 66 6.59 -11.18 -4.17
C ASP A 66 7.14 -9.99 -3.38
N PRO A 67 8.00 -10.26 -2.37
CA PRO A 67 8.81 -9.22 -1.72
C PRO A 67 9.87 -8.49 -2.63
N PRO A 68 10.63 -9.17 -3.58
CA PRO A 68 11.54 -8.44 -4.51
C PRO A 68 10.81 -7.50 -5.48
N SER A 69 9.58 -7.87 -5.85
CA SER A 69 8.74 -7.06 -6.71
C SER A 69 8.25 -5.80 -5.97
N ALA A 70 8.09 -5.93 -4.63
CA ALA A 70 7.65 -4.85 -3.78
C ALA A 70 8.75 -3.80 -3.59
N LYS A 71 10.01 -4.26 -3.43
CA LYS A 71 11.15 -3.36 -3.17
C LYS A 71 11.53 -2.56 -4.45
N ALA A 72 11.43 -3.21 -5.62
CA ALA A 72 11.72 -2.56 -6.88
C ALA A 72 10.65 -1.51 -7.21
N ALA A 73 9.39 -1.82 -6.85
CA ALA A 73 8.28 -0.88 -7.01
C ALA A 73 8.45 0.35 -6.12
N ILE A 74 9.00 0.17 -4.93
CA ILE A 74 9.30 1.30 -4.03
C ILE A 74 10.37 2.24 -4.67
N ASP A 75 11.31 1.70 -5.46
CA ASP A 75 12.32 2.55 -6.13
C ASP A 75 11.74 3.41 -7.30
N TRP A 76 11.15 2.78 -8.35
CA TRP A 76 10.67 3.57 -9.53
C TRP A 76 9.22 4.10 -9.46
N PHE A 77 8.34 3.38 -8.78
CA PHE A 77 6.88 3.62 -8.82
C PHE A 77 6.47 4.73 -7.83
N ASP A 78 7.40 5.12 -6.95
CA ASP A 78 7.19 6.25 -6.04
C ASP A 78 8.01 7.45 -6.54
N GLY A 79 7.80 8.64 -5.96
CA GLY A 79 8.49 9.84 -6.40
C GLY A 79 7.67 10.65 -7.39
N LYS A 80 6.43 10.22 -7.59
CA LYS A 80 5.47 10.95 -8.40
C LYS A 80 4.34 11.46 -7.48
N GLU A 81 3.17 11.74 -8.05
CA GLU A 81 2.01 12.16 -7.27
C GLU A 81 0.77 11.35 -7.62
N PHE A 82 -0.06 11.15 -6.61
CA PHE A 82 -1.34 10.46 -6.74
C PHE A 82 -2.45 11.47 -6.46
N HIS A 83 -3.21 11.79 -7.51
CA HIS A 83 -4.34 12.76 -7.48
C HIS A 83 -3.86 14.20 -7.17
N GLY A 84 -2.62 14.50 -7.56
CA GLY A 84 -2.04 15.82 -7.30
C GLY A 84 -1.39 15.94 -5.94
N ASN A 85 -1.46 14.87 -5.14
CA ASN A 85 -0.90 14.85 -3.79
C ASN A 85 0.33 13.96 -3.78
N ILE A 86 1.34 14.32 -2.98
CA ILE A 86 2.63 13.63 -2.98
C ILE A 86 2.51 12.23 -2.38
N ILE A 87 2.98 11.23 -3.14
CA ILE A 87 2.84 9.83 -2.72
C ILE A 87 4.20 9.22 -2.35
N LYS A 88 4.21 8.49 -1.23
CA LYS A 88 5.40 7.80 -0.72
C LYS A 88 5.08 6.34 -0.41
N VAL A 89 5.93 5.42 -0.88
CA VAL A 89 5.72 3.99 -0.64
C VAL A 89 6.86 3.43 0.24
N SER A 90 6.49 2.56 1.19
CA SER A 90 7.42 1.94 2.15
C SER A 90 7.08 0.47 2.31
N PHE A 91 7.91 -0.26 3.05
CA PHE A 91 7.65 -1.66 3.39
C PHE A 91 6.77 -1.86 4.63
N ALA A 92 6.32 -0.76 5.26
CA ALA A 92 5.40 -0.77 6.42
C ALA A 92 6.02 -1.44 7.66
N THR A 93 5.16 -1.81 8.61
CA THR A 93 5.58 -2.53 9.80
C THR A 93 5.35 -4.04 9.59
N ARG A 94 6.37 -4.83 9.89
CA ARG A 94 6.31 -6.28 9.73
C ARG A 94 5.82 -6.95 11.03
N ARG A 95 5.66 -8.28 10.98
CA ARG A 95 5.34 -9.13 12.16
C ARG A 95 3.91 -8.86 12.69
N PRO A 96 2.89 -9.54 12.13
CA PRO A 96 1.49 -9.34 12.53
C PRO A 96 1.06 -10.12 13.78
N GLU A 97 -0.18 -9.86 14.20
CA GLU A 97 -0.79 -10.54 15.34
C GLU A 97 -1.76 -11.61 14.85
N GLY A 1 20.15 -2.34 -0.46
CA GLY A 1 19.16 -3.44 -0.64
C GLY A 1 19.12 -4.37 0.54
N SER A 2 19.25 -5.68 0.24
CA SER A 2 19.31 -6.77 1.24
C SER A 2 18.04 -6.89 2.10
N HIS A 3 17.12 -7.74 1.65
CA HIS A 3 15.85 -7.93 2.34
C HIS A 3 15.48 -9.40 2.45
N MET A 4 15.09 -9.81 3.66
CA MET A 4 14.48 -11.12 3.88
C MET A 4 13.42 -11.01 4.97
N SER A 5 12.18 -10.89 4.53
CA SER A 5 11.03 -10.83 5.43
C SER A 5 9.87 -11.60 4.82
N ASP A 6 9.22 -12.43 5.63
CA ASP A 6 8.07 -13.23 5.19
C ASP A 6 6.77 -12.41 5.26
N ASN A 7 6.86 -11.24 5.87
CA ASN A 7 5.77 -10.28 5.88
C ASN A 7 5.81 -9.46 4.58
N ASN A 8 4.91 -9.75 3.65
CA ASN A 8 4.71 -8.87 2.51
C ASN A 8 3.65 -7.82 2.84
N THR A 9 4.09 -6.59 3.05
CA THR A 9 3.20 -5.43 3.14
C THR A 9 3.89 -4.23 2.48
N ILE A 10 3.14 -3.31 1.89
CA ILE A 10 3.67 -1.98 1.60
C ILE A 10 2.79 -0.92 2.25
N PHE A 11 3.44 0.12 2.78
CA PHE A 11 2.74 1.24 3.39
C PHE A 11 2.75 2.40 2.41
N VAL A 12 1.59 2.99 2.18
CA VAL A 12 1.48 4.16 1.32
C VAL A 12 0.87 5.35 2.06
N GLN A 13 1.38 6.52 1.68
CA GLN A 13 0.98 7.79 2.26
C GLN A 13 0.56 8.76 1.16
N GLY A 14 -0.33 9.68 1.50
CA GLY A 14 -0.73 10.72 0.56
C GLY A 14 -1.99 10.40 -0.24
N LEU A 15 -2.65 9.31 0.12
CA LEU A 15 -3.88 8.90 -0.57
C LEU A 15 -5.07 9.25 0.32
N GLY A 16 -5.43 10.54 0.35
CA GLY A 16 -6.42 11.00 1.29
C GLY A 16 -7.46 11.91 0.68
N GLU A 17 -7.16 13.20 0.66
CA GLU A 17 -8.14 14.20 0.20
C GLU A 17 -8.33 14.14 -1.32
N GLY A 18 -9.53 13.72 -1.73
CA GLY A 18 -9.83 13.58 -3.15
C GLY A 18 -9.54 12.18 -3.65
N VAL A 19 -9.48 11.22 -2.73
CA VAL A 19 -9.08 9.86 -3.03
C VAL A 19 -10.28 9.08 -3.59
N SER A 20 -9.99 8.12 -4.43
CA SER A 20 -11.00 7.20 -4.90
C SER A 20 -11.09 5.97 -3.97
N THR A 21 -12.12 5.16 -4.20
CA THR A 21 -12.50 3.96 -3.41
C THR A 21 -11.42 2.84 -3.41
N ASP A 22 -11.80 1.63 -2.93
CA ASP A 22 -10.99 0.37 -2.96
C ASP A 22 -10.24 0.06 -4.30
N GLN A 23 -10.59 0.82 -5.36
CA GLN A 23 -9.89 0.89 -6.65
C GLN A 23 -8.33 1.03 -6.52
N VAL A 24 -7.81 1.52 -5.37
CA VAL A 24 -6.35 1.68 -5.14
C VAL A 24 -5.63 0.33 -5.36
N GLY A 25 -6.30 -0.79 -5.04
CA GLY A 25 -5.76 -2.12 -5.32
C GLY A 25 -5.52 -2.37 -6.81
N GLU A 26 -6.41 -1.85 -7.67
CA GLU A 26 -6.28 -1.92 -9.14
C GLU A 26 -5.09 -1.06 -9.62
N PHE A 27 -4.87 0.06 -8.92
CA PHE A 27 -3.70 0.93 -9.13
C PHE A 27 -2.37 0.17 -8.95
N PHE A 28 -2.29 -0.67 -7.92
CA PHE A 28 -1.09 -1.49 -7.71
C PHE A 28 -1.08 -2.74 -8.64
N LYS A 29 -2.28 -3.16 -9.09
CA LYS A 29 -2.48 -4.29 -10.02
C LYS A 29 -1.92 -3.99 -11.43
N GLN A 30 -1.70 -2.72 -11.74
CA GLN A 30 -1.08 -2.32 -13.02
C GLN A 30 0.41 -2.81 -13.14
N ILE A 31 1.02 -3.21 -12.02
CA ILE A 31 2.40 -3.71 -12.02
C ILE A 31 2.47 -5.20 -11.58
N GLY A 32 1.33 -5.79 -11.15
CA GLY A 32 1.39 -7.17 -10.66
C GLY A 32 0.04 -7.80 -10.38
N ILE A 33 0.06 -8.85 -9.59
CA ILE A 33 -1.14 -9.62 -9.23
C ILE A 33 -1.55 -9.34 -7.77
N ILE A 34 -2.88 -9.21 -7.56
CA ILE A 34 -3.45 -9.08 -6.20
C ILE A 34 -3.23 -10.37 -5.42
N LYS A 35 -2.46 -10.26 -4.35
CA LYS A 35 -2.18 -11.40 -3.50
C LYS A 35 -3.10 -11.40 -2.30
N THR A 36 -3.67 -12.56 -2.02
CA THR A 36 -4.35 -12.80 -0.77
C THR A 36 -3.31 -13.24 0.27
N ASN A 37 -3.16 -12.43 1.33
CA ASN A 37 -2.12 -12.66 2.34
C ASN A 37 -2.46 -13.84 3.26
N LYS A 38 -1.48 -14.70 3.56
CA LYS A 38 -1.72 -15.91 4.36
C LYS A 38 -1.78 -15.64 5.88
N LYS A 39 -1.38 -14.42 6.29
CA LYS A 39 -1.36 -14.05 7.69
C LYS A 39 -2.78 -13.89 8.29
N THR A 40 -3.73 -13.35 7.52
CA THR A 40 -5.13 -13.27 7.95
C THR A 40 -6.07 -13.93 6.92
N GLY A 41 -5.62 -14.00 5.66
CA GLY A 41 -6.39 -14.68 4.62
C GLY A 41 -7.35 -13.76 3.86
N LYS A 42 -7.15 -12.44 3.97
CA LYS A 42 -7.98 -11.49 3.23
C LYS A 42 -7.26 -10.95 1.98
N PRO A 43 -8.00 -10.53 0.91
CA PRO A 43 -7.43 -9.75 -0.20
C PRO A 43 -6.93 -8.37 0.28
N MET A 44 -5.93 -7.82 -0.41
CA MET A 44 -5.27 -6.61 0.04
C MET A 44 -6.09 -5.33 -0.21
N ILE A 45 -6.77 -4.89 0.84
CA ILE A 45 -7.37 -3.56 0.96
C ILE A 45 -7.22 -3.10 2.41
N ASN A 46 -6.42 -2.09 2.69
CA ASN A 46 -6.56 -1.37 3.97
C ASN A 46 -6.64 0.12 3.70
N LEU A 47 -7.78 0.73 4.07
CA LEU A 47 -7.97 2.16 3.89
C LEU A 47 -8.08 2.84 5.26
N TYR A 48 -7.07 3.64 5.62
CA TYR A 48 -7.07 4.35 6.89
C TYR A 48 -7.44 5.81 6.69
N THR A 49 -8.63 6.15 7.23
CA THR A 49 -9.24 7.47 7.13
C THR A 49 -9.96 7.83 8.44
N ASP A 50 -9.56 8.94 9.10
CA ASP A 50 -10.19 9.34 10.36
C ASP A 50 -11.41 10.22 10.11
N LYS A 51 -12.56 9.69 10.47
CA LYS A 51 -13.84 10.40 10.32
C LYS A 51 -14.16 11.31 11.52
N ASP A 52 -13.39 11.18 12.61
CA ASP A 52 -13.58 12.02 13.81
C ASP A 52 -13.07 13.44 13.58
N THR A 53 -12.04 13.58 12.73
CA THR A 53 -11.64 14.90 12.23
C THR A 53 -12.39 15.20 10.91
N GLY A 54 -12.98 14.16 10.32
CA GLY A 54 -13.84 14.32 9.16
C GLY A 54 -13.13 14.08 7.86
N LYS A 55 -11.88 14.52 7.79
CA LYS A 55 -11.10 14.40 6.59
C LYS A 55 -10.21 13.15 6.63
N PRO A 56 -10.04 12.45 5.48
CA PRO A 56 -9.17 11.28 5.36
C PRO A 56 -7.70 11.53 5.76
N LYS A 57 -7.15 10.57 6.52
CA LYS A 57 -5.76 10.61 6.99
C LYS A 57 -4.77 10.52 5.83
N GLY A 58 -5.12 9.70 4.84
CA GLY A 58 -4.27 9.54 3.69
C GLY A 58 -3.36 8.34 3.79
N GLU A 59 -3.77 7.35 4.59
CA GLU A 59 -2.91 6.20 4.84
C GLU A 59 -3.56 4.94 4.28
N ALA A 60 -2.73 4.05 3.73
CA ALA A 60 -3.20 2.77 3.22
C ALA A 60 -2.11 1.72 3.31
N THR A 61 -2.50 0.45 3.37
CA THR A 61 -1.56 -0.67 3.24
C THR A 61 -2.16 -1.74 2.32
N VAL A 62 -1.32 -2.27 1.43
CA VAL A 62 -1.74 -3.36 0.54
C VAL A 62 -0.62 -4.44 0.48
N SER A 63 -1.01 -5.71 0.38
CA SER A 63 -0.09 -6.85 0.39
C SER A 63 0.24 -7.33 -1.03
N PHE A 64 1.51 -7.25 -1.42
CA PHE A 64 1.93 -7.66 -2.76
C PHE A 64 2.35 -9.14 -2.79
N ASP A 65 2.42 -9.71 -4.00
CA ASP A 65 2.73 -11.14 -4.21
C ASP A 65 4.18 -11.48 -3.87
N ASP A 66 5.12 -10.70 -4.39
CA ASP A 66 6.53 -11.01 -4.25
C ASP A 66 7.24 -9.86 -3.50
N PRO A 67 8.14 -10.19 -2.52
CA PRO A 67 8.93 -9.19 -1.77
C PRO A 67 9.92 -8.29 -2.56
N PRO A 68 10.68 -8.74 -3.64
CA PRO A 68 11.64 -7.86 -4.31
C PRO A 68 10.96 -6.78 -5.16
N SER A 69 9.76 -7.12 -5.66
CA SER A 69 8.90 -6.23 -6.43
C SER A 69 8.40 -5.03 -5.59
N ALA A 70 8.31 -5.23 -4.27
CA ALA A 70 7.94 -4.18 -3.34
C ALA A 70 9.03 -3.09 -3.23
N LYS A 71 10.32 -3.48 -3.21
CA LYS A 71 11.43 -2.51 -3.13
C LYS A 71 11.59 -1.79 -4.47
N ALA A 72 11.34 -2.52 -5.56
CA ALA A 72 11.40 -1.97 -6.91
C ALA A 72 10.28 -0.95 -7.12
N ALA A 73 9.13 -1.20 -6.50
CA ALA A 73 8.02 -0.24 -6.49
C ALA A 73 8.35 1.02 -5.68
N ILE A 74 9.22 0.90 -4.68
CA ILE A 74 9.72 2.08 -3.95
C ILE A 74 10.66 2.93 -4.85
N ASP A 75 11.38 2.30 -5.78
CA ASP A 75 12.26 3.06 -6.68
C ASP A 75 11.50 3.75 -7.85
N TRP A 76 10.82 3.00 -8.72
CA TRP A 76 10.12 3.63 -9.87
C TRP A 76 8.65 4.01 -9.65
N PHE A 77 7.93 3.30 -8.78
CA PHE A 77 6.47 3.48 -8.66
C PHE A 77 6.19 4.61 -7.66
N ASP A 78 7.16 4.84 -6.77
CA ASP A 78 7.23 6.02 -5.93
C ASP A 78 7.87 7.18 -6.72
N GLY A 79 8.19 8.29 -6.05
CA GLY A 79 8.87 9.41 -6.71
C GLY A 79 7.93 10.26 -7.55
N LYS A 80 6.64 10.05 -7.34
CA LYS A 80 5.62 10.75 -8.10
C LYS A 80 4.50 11.24 -7.17
N GLU A 81 3.35 11.55 -7.74
CA GLU A 81 2.18 12.00 -7.00
C GLU A 81 0.95 11.18 -7.38
N PHE A 82 0.11 10.93 -6.40
CA PHE A 82 -1.17 10.23 -6.58
C PHE A 82 -2.30 11.22 -6.32
N HIS A 83 -3.02 11.53 -7.41
CA HIS A 83 -4.17 12.49 -7.41
C HIS A 83 -3.73 13.93 -7.08
N GLY A 84 -2.48 14.27 -7.42
CA GLY A 84 -1.96 15.61 -7.18
C GLY A 84 -1.36 15.81 -5.80
N ASN A 85 -1.26 14.74 -5.02
CA ASN A 85 -0.70 14.80 -3.68
C ASN A 85 0.44 13.80 -3.57
N ILE A 86 1.44 14.12 -2.76
CA ILE A 86 2.69 13.36 -2.71
C ILE A 86 2.45 11.97 -2.09
N ILE A 87 2.92 10.93 -2.79
CA ILE A 87 2.73 9.56 -2.35
C ILE A 87 4.07 8.99 -1.86
N LYS A 88 4.03 8.15 -0.83
CA LYS A 88 5.23 7.52 -0.31
C LYS A 88 4.95 6.05 -0.01
N VAL A 89 5.73 5.19 -0.65
CA VAL A 89 5.61 3.76 -0.47
C VAL A 89 6.84 3.18 0.24
N SER A 90 6.58 2.25 1.17
CA SER A 90 7.59 1.64 2.04
C SER A 90 7.25 0.16 2.26
N PHE A 91 8.17 -0.56 2.91
CA PHE A 91 7.96 -1.97 3.27
C PHE A 91 7.04 -2.17 4.48
N ALA A 92 6.63 -1.06 5.13
CA ALA A 92 5.70 -1.07 6.29
C ALA A 92 6.28 -1.77 7.53
N THR A 93 5.42 -1.99 8.53
CA THR A 93 5.80 -2.67 9.75
C THR A 93 5.64 -4.18 9.59
N ARG A 94 6.59 -4.95 10.11
CA ARG A 94 6.54 -6.40 10.06
C ARG A 94 5.96 -6.96 11.36
N ARG A 95 5.65 -8.27 11.35
CA ARG A 95 5.11 -9.02 12.51
C ARG A 95 3.63 -8.66 12.79
N PRO A 96 2.68 -9.40 12.18
CA PRO A 96 1.24 -9.17 12.35
C PRO A 96 0.64 -9.84 13.61
N GLU A 97 -0.69 -9.91 13.61
CA GLU A 97 -1.48 -10.42 14.73
C GLU A 97 -1.40 -11.95 14.84
N GLY A 1 20.52 -6.50 -4.09
CA GLY A 1 19.72 -6.38 -2.84
C GLY A 1 18.80 -7.57 -2.66
N SER A 2 18.87 -8.23 -1.50
CA SER A 2 18.10 -9.45 -1.24
C SER A 2 16.68 -9.13 -0.76
N HIS A 3 16.57 -8.60 0.46
CA HIS A 3 15.29 -8.31 1.16
C HIS A 3 14.38 -9.54 1.24
N MET A 4 14.76 -10.50 2.08
CA MET A 4 13.94 -11.68 2.30
C MET A 4 13.16 -11.54 3.59
N SER A 5 11.97 -11.01 3.47
CA SER A 5 11.05 -10.89 4.58
C SER A 5 9.85 -11.80 4.38
N ASP A 6 9.40 -12.41 5.49
CA ASP A 6 8.18 -13.23 5.54
C ASP A 6 6.94 -12.35 5.30
N ASN A 7 7.03 -11.11 5.80
CA ASN A 7 5.96 -10.13 5.67
C ASN A 7 6.01 -9.43 4.32
N ASN A 8 5.03 -9.70 3.46
CA ASN A 8 4.75 -8.79 2.36
C ASN A 8 3.67 -7.79 2.76
N THR A 9 4.10 -6.55 3.02
CA THR A 9 3.20 -5.40 3.12
C THR A 9 3.90 -4.18 2.50
N ILE A 10 3.17 -3.26 1.89
CA ILE A 10 3.71 -1.94 1.59
C ILE A 10 2.85 -0.86 2.25
N PHE A 11 3.50 0.18 2.76
CA PHE A 11 2.81 1.29 3.40
C PHE A 11 2.81 2.49 2.46
N VAL A 12 1.64 2.98 2.12
CA VAL A 12 1.52 4.16 1.30
C VAL A 12 0.92 5.34 2.03
N GLN A 13 1.43 6.52 1.68
CA GLN A 13 1.02 7.78 2.27
C GLN A 13 0.60 8.75 1.18
N GLY A 14 -0.31 9.67 1.51
CA GLY A 14 -0.69 10.73 0.60
C GLY A 14 -1.88 10.39 -0.28
N LEU A 15 -2.61 9.34 0.10
CA LEU A 15 -3.83 8.95 -0.61
C LEU A 15 -5.02 9.30 0.27
N GLY A 16 -5.37 10.59 0.30
CA GLY A 16 -6.34 11.05 1.27
C GLY A 16 -7.42 11.93 0.69
N GLU A 17 -7.16 13.23 0.63
CA GLU A 17 -8.19 14.19 0.27
C GLU A 17 -8.42 14.23 -1.24
N GLY A 18 -9.59 13.71 -1.65
CA GLY A 18 -9.90 13.59 -3.06
C GLY A 18 -9.59 12.20 -3.59
N VAL A 19 -9.54 11.23 -2.68
CA VAL A 19 -9.12 9.87 -3.02
C VAL A 19 -10.33 9.07 -3.52
N SER A 20 -10.05 8.10 -4.38
CA SER A 20 -11.07 7.17 -4.81
C SER A 20 -11.12 5.93 -3.88
N THR A 21 -12.16 5.12 -4.07
CA THR A 21 -12.49 3.91 -3.29
C THR A 21 -11.42 2.79 -3.40
N ASP A 22 -11.80 1.58 -2.93
CA ASP A 22 -10.99 0.31 -2.97
C ASP A 22 -10.25 0.03 -4.31
N GLN A 23 -10.60 0.79 -5.34
CA GLN A 23 -9.92 0.88 -6.64
C GLN A 23 -8.36 1.05 -6.53
N VAL A 24 -7.85 1.55 -5.35
CA VAL A 24 -6.38 1.73 -5.13
C VAL A 24 -5.65 0.38 -5.33
N GLY A 25 -6.32 -0.75 -5.01
CA GLY A 25 -5.78 -2.08 -5.25
C GLY A 25 -5.56 -2.41 -6.74
N GLU A 26 -6.40 -1.83 -7.61
CA GLU A 26 -6.26 -1.95 -9.07
C GLU A 26 -5.07 -1.09 -9.58
N PHE A 27 -4.86 0.05 -8.90
CA PHE A 27 -3.72 0.93 -9.11
C PHE A 27 -2.38 0.17 -8.93
N PHE A 28 -2.29 -0.65 -7.90
CA PHE A 28 -1.09 -1.47 -7.68
C PHE A 28 -1.08 -2.73 -8.60
N LYS A 29 -2.28 -3.17 -9.03
CA LYS A 29 -2.47 -4.31 -9.96
C LYS A 29 -1.88 -4.03 -11.36
N GLN A 30 -1.72 -2.75 -11.72
CA GLN A 30 -1.11 -2.38 -13.02
C GLN A 30 0.37 -2.82 -13.16
N ILE A 31 1.00 -3.21 -12.04
CA ILE A 31 2.38 -3.67 -12.02
C ILE A 31 2.46 -5.19 -11.69
N GLY A 32 1.46 -5.72 -10.98
CA GLY A 32 1.53 -7.11 -10.52
C GLY A 32 0.20 -7.74 -10.13
N ILE A 33 0.27 -8.97 -9.62
CA ILE A 33 -0.93 -9.77 -9.28
C ILE A 33 -1.32 -9.58 -7.82
N ILE A 34 -2.65 -9.46 -7.57
CA ILE A 34 -3.20 -9.29 -6.22
C ILE A 34 -3.06 -10.59 -5.42
N LYS A 35 -2.28 -10.53 -4.35
CA LYS A 35 -2.09 -11.67 -3.48
C LYS A 35 -2.98 -11.57 -2.24
N THR A 36 -3.55 -12.72 -1.88
CA THR A 36 -4.24 -12.89 -0.62
C THR A 36 -3.20 -13.23 0.45
N ASN A 37 -3.07 -12.36 1.45
CA ASN A 37 -2.07 -12.51 2.51
C ASN A 37 -2.56 -13.54 3.51
N LYS A 38 -1.67 -14.47 3.83
CA LYS A 38 -1.97 -15.59 4.74
C LYS A 38 -2.00 -15.19 6.22
N LYS A 39 -1.65 -13.92 6.52
CA LYS A 39 -1.74 -13.39 7.89
C LYS A 39 -3.21 -13.27 8.35
N THR A 40 -4.10 -12.94 7.40
CA THR A 40 -5.51 -12.74 7.67
C THR A 40 -6.39 -13.64 6.79
N GLY A 41 -5.90 -13.91 5.58
CA GLY A 41 -6.63 -14.71 4.61
C GLY A 41 -7.54 -13.84 3.73
N LYS A 42 -7.38 -12.52 3.85
CA LYS A 42 -8.11 -11.55 3.04
C LYS A 42 -7.28 -11.05 1.85
N PRO A 43 -7.94 -10.63 0.73
CA PRO A 43 -7.29 -9.85 -0.35
C PRO A 43 -6.85 -8.47 0.13
N MET A 44 -5.84 -7.91 -0.51
CA MET A 44 -5.19 -6.70 0.00
C MET A 44 -5.99 -5.42 -0.26
N ILE A 45 -6.70 -5.00 0.79
CA ILE A 45 -7.29 -3.66 0.89
C ILE A 45 -7.18 -3.22 2.36
N ASN A 46 -6.37 -2.20 2.67
CA ASN A 46 -6.51 -1.49 3.96
C ASN A 46 -6.60 0.00 3.73
N LEU A 47 -7.73 0.60 4.08
CA LEU A 47 -7.94 2.03 3.89
C LEU A 47 -8.05 2.72 5.25
N TYR A 48 -7.05 3.53 5.59
CA TYR A 48 -7.04 4.25 6.87
C TYR A 48 -7.42 5.72 6.67
N THR A 49 -8.59 6.07 7.21
CA THR A 49 -9.17 7.41 7.11
C THR A 49 -9.91 7.78 8.40
N ASP A 50 -9.52 8.87 9.06
CA ASP A 50 -10.21 9.31 10.28
C ASP A 50 -11.43 10.18 9.99
N LYS A 51 -12.61 9.65 10.29
CA LYS A 51 -13.87 10.38 10.15
C LYS A 51 -14.21 11.22 11.40
N ASP A 52 -13.44 11.00 12.47
CA ASP A 52 -13.59 11.76 13.73
C ASP A 52 -13.10 13.20 13.55
N THR A 53 -12.10 13.36 12.69
CA THR A 53 -11.61 14.66 12.28
C THR A 53 -12.36 15.13 11.03
N GLY A 54 -12.93 14.16 10.31
CA GLY A 54 -13.78 14.44 9.18
C GLY A 54 -13.06 14.32 7.85
N LYS A 55 -11.77 14.66 7.84
CA LYS A 55 -10.99 14.54 6.63
C LYS A 55 -10.16 13.23 6.66
N PRO A 56 -10.02 12.55 5.49
CA PRO A 56 -9.18 11.36 5.36
C PRO A 56 -7.71 11.56 5.77
N LYS A 57 -7.22 10.60 6.57
CA LYS A 57 -5.81 10.54 7.02
C LYS A 57 -4.84 10.45 5.85
N GLY A 58 -5.18 9.63 4.86
CA GLY A 58 -4.34 9.48 3.70
C GLY A 58 -3.40 8.30 3.79
N GLU A 59 -3.77 7.31 4.59
CA GLU A 59 -2.87 6.19 4.83
C GLU A 59 -3.51 4.91 4.30
N ALA A 60 -2.68 4.03 3.73
CA ALA A 60 -3.15 2.75 3.22
C ALA A 60 -2.05 1.70 3.30
N THR A 61 -2.44 0.44 3.43
CA THR A 61 -1.49 -0.67 3.27
C THR A 61 -2.08 -1.72 2.34
N VAL A 62 -1.25 -2.22 1.43
CA VAL A 62 -1.65 -3.31 0.53
C VAL A 62 -0.50 -4.36 0.46
N SER A 63 -0.85 -5.63 0.33
CA SER A 63 0.11 -6.72 0.42
C SER A 63 0.35 -7.39 -0.94
N PHE A 64 1.59 -7.33 -1.42
CA PHE A 64 1.92 -7.74 -2.79
C PHE A 64 2.34 -9.22 -2.87
N ASP A 65 2.36 -9.75 -4.10
CA ASP A 65 2.69 -11.16 -4.39
C ASP A 65 4.15 -11.52 -4.04
N ASP A 66 5.10 -10.69 -4.47
CA ASP A 66 6.51 -10.98 -4.29
C ASP A 66 7.19 -9.84 -3.50
N PRO A 67 8.07 -10.18 -2.51
CA PRO A 67 8.84 -9.19 -1.75
C PRO A 67 9.83 -8.29 -2.55
N PRO A 68 10.61 -8.75 -3.61
CA PRO A 68 11.56 -7.87 -4.30
C PRO A 68 10.86 -6.83 -5.19
N SER A 69 9.67 -7.19 -5.68
CA SER A 69 8.79 -6.32 -6.44
C SER A 69 8.32 -5.10 -5.62
N ALA A 70 8.26 -5.26 -4.28
CA ALA A 70 7.90 -4.18 -3.36
C ALA A 70 9.00 -3.11 -3.28
N LYS A 71 10.29 -3.53 -3.30
CA LYS A 71 11.43 -2.60 -3.28
C LYS A 71 11.54 -1.85 -4.62
N ALA A 72 11.24 -2.57 -5.71
CA ALA A 72 11.27 -1.99 -7.04
C ALA A 72 10.14 -0.97 -7.23
N ALA A 73 9.02 -1.20 -6.54
CA ALA A 73 7.90 -0.26 -6.52
C ALA A 73 8.25 1.01 -5.73
N ILE A 74 9.12 0.89 -4.74
CA ILE A 74 9.62 2.08 -4.02
C ILE A 74 10.55 2.91 -4.94
N ASP A 75 11.27 2.23 -5.84
CA ASP A 75 12.23 2.93 -6.69
C ASP A 75 11.57 3.69 -7.87
N TRP A 76 10.86 2.98 -8.77
CA TRP A 76 10.18 3.65 -9.90
C TRP A 76 8.71 4.05 -9.68
N PHE A 77 7.95 3.29 -8.86
CA PHE A 77 6.49 3.47 -8.78
C PHE A 77 6.15 4.59 -7.79
N ASP A 78 7.09 4.85 -6.88
CA ASP A 78 7.06 6.04 -6.02
C ASP A 78 7.75 7.23 -6.71
N GLY A 79 8.06 8.26 -5.91
CA GLY A 79 8.81 9.41 -6.39
C GLY A 79 7.94 10.44 -7.09
N LYS A 80 6.62 10.23 -7.03
CA LYS A 80 5.67 11.04 -7.78
C LYS A 80 4.45 11.39 -6.92
N GLU A 81 3.39 11.84 -7.57
CA GLU A 81 2.16 12.16 -6.89
C GLU A 81 0.99 11.28 -7.37
N PHE A 82 0.12 10.96 -6.41
CA PHE A 82 -1.14 10.26 -6.66
C PHE A 82 -2.29 11.22 -6.35
N HIS A 83 -3.05 11.57 -7.41
CA HIS A 83 -4.18 12.53 -7.36
C HIS A 83 -3.73 13.95 -6.98
N GLY A 84 -2.49 14.30 -7.32
CA GLY A 84 -1.96 15.64 -7.06
C GLY A 84 -1.29 15.79 -5.70
N ASN A 85 -1.35 14.73 -4.88
CA ASN A 85 -0.71 14.72 -3.56
C ASN A 85 0.43 13.73 -3.55
N ILE A 86 1.50 14.04 -2.81
CA ILE A 86 2.74 13.25 -2.83
C ILE A 86 2.51 11.87 -2.18
N ILE A 87 2.96 10.83 -2.88
CA ILE A 87 2.77 9.47 -2.40
C ILE A 87 4.12 8.93 -1.92
N LYS A 88 4.09 8.10 -0.87
CA LYS A 88 5.30 7.49 -0.35
C LYS A 88 5.02 6.02 -0.05
N VAL A 89 5.78 5.15 -0.69
CA VAL A 89 5.62 3.72 -0.50
C VAL A 89 6.85 3.14 0.23
N SER A 90 6.56 2.30 1.23
CA SER A 90 7.58 1.71 2.11
C SER A 90 7.31 0.22 2.25
N PHE A 91 8.22 -0.48 2.91
CA PHE A 91 8.04 -1.90 3.24
C PHE A 91 7.13 -2.12 4.47
N ALA A 92 6.69 -1.00 5.11
CA ALA A 92 5.76 -1.01 6.26
C ALA A 92 6.37 -1.68 7.50
N THR A 93 5.51 -2.00 8.47
CA THR A 93 5.89 -2.76 9.64
C THR A 93 5.87 -4.27 9.29
N ARG A 94 6.37 -5.12 10.20
CA ARG A 94 6.38 -6.58 9.98
C ARG A 94 5.01 -7.22 10.25
N ARG A 95 4.97 -8.56 10.26
CA ARG A 95 3.73 -9.33 10.42
C ARG A 95 3.07 -9.09 11.80
N PRO A 96 1.71 -9.17 11.88
CA PRO A 96 0.96 -9.00 13.13
C PRO A 96 1.27 -10.09 14.17
N GLU A 97 2.22 -9.74 15.09
CA GLU A 97 2.73 -10.57 16.21
C GLU A 97 3.00 -12.05 15.85
N GLY A 1 17.98 -8.90 -5.44
CA GLY A 1 18.03 -7.89 -4.34
C GLY A 1 18.40 -8.51 -3.01
N SER A 2 17.54 -8.29 -2.01
CA SER A 2 17.73 -8.87 -0.69
C SER A 2 16.38 -9.32 -0.11
N HIS A 3 16.44 -10.03 1.01
CA HIS A 3 15.22 -10.49 1.69
C HIS A 3 14.69 -9.40 2.64
N MET A 4 13.36 -9.26 2.69
CA MET A 4 12.70 -8.32 3.60
C MET A 4 11.61 -9.05 4.38
N SER A 5 12.06 -10.13 5.07
CA SER A 5 11.24 -11.06 5.87
C SER A 5 10.12 -11.75 5.05
N ASP A 6 9.22 -12.45 5.76
CA ASP A 6 8.10 -13.15 5.13
C ASP A 6 6.83 -12.30 5.18
N ASN A 7 6.95 -11.10 5.76
CA ASN A 7 5.85 -10.16 5.81
C ASN A 7 5.75 -9.38 4.51
N ASN A 8 4.69 -9.63 3.74
CA ASN A 8 4.34 -8.77 2.63
C ASN A 8 3.36 -7.69 3.08
N THR A 9 3.87 -6.47 3.24
CA THR A 9 3.07 -5.25 3.33
C THR A 9 3.82 -4.11 2.61
N ILE A 10 3.12 -3.15 2.02
CA ILE A 10 3.73 -1.85 1.68
C ILE A 10 2.90 -0.72 2.29
N PHE A 11 3.57 0.34 2.72
CA PHE A 11 2.91 1.51 3.28
C PHE A 11 2.84 2.58 2.22
N VAL A 12 1.68 3.17 2.06
CA VAL A 12 1.49 4.17 1.04
C VAL A 12 0.97 5.45 1.70
N GLN A 13 1.50 6.58 1.26
CA GLN A 13 1.14 7.87 1.82
C GLN A 13 0.70 8.82 0.73
N GLY A 14 -0.32 9.60 1.03
CA GLY A 14 -0.71 10.72 0.20
C GLY A 14 -1.99 10.45 -0.58
N LEU A 15 -2.87 9.66 0.02
CA LEU A 15 -4.15 9.32 -0.60
C LEU A 15 -5.27 9.62 0.38
N GLY A 16 -5.63 10.91 0.46
CA GLY A 16 -6.57 11.36 1.48
C GLY A 16 -7.78 12.08 0.93
N GLU A 17 -7.74 13.41 0.94
CA GLU A 17 -8.89 14.21 0.51
C GLU A 17 -9.06 14.19 -1.00
N GLY A 18 -10.21 13.69 -1.44
CA GLY A 18 -10.50 13.61 -2.85
C GLY A 18 -10.14 12.26 -3.42
N VAL A 19 -10.01 11.27 -2.54
CA VAL A 19 -9.52 9.96 -2.91
C VAL A 19 -10.64 9.13 -3.54
N SER A 20 -10.27 8.22 -4.41
CA SER A 20 -11.19 7.24 -4.95
C SER A 20 -11.24 6.00 -4.03
N THR A 21 -12.22 5.13 -4.29
CA THR A 21 -12.52 3.89 -3.54
C THR A 21 -11.38 2.84 -3.57
N ASP A 22 -11.71 1.61 -3.12
CA ASP A 22 -10.85 0.39 -3.15
C ASP A 22 -10.05 0.15 -4.47
N GLN A 23 -10.44 0.87 -5.52
CA GLN A 23 -9.74 0.97 -6.82
C GLN A 23 -8.20 1.24 -6.69
N VAL A 24 -7.74 1.79 -5.54
CA VAL A 24 -6.29 2.04 -5.30
C VAL A 24 -5.51 0.70 -5.45
N GLY A 25 -6.16 -0.43 -5.09
CA GLY A 25 -5.58 -1.76 -5.29
C GLY A 25 -5.29 -2.12 -6.74
N GLU A 26 -6.14 -1.64 -7.67
CA GLU A 26 -5.94 -1.81 -9.12
C GLU A 26 -4.80 -0.91 -9.65
N PHE A 27 -4.65 0.25 -8.99
CA PHE A 27 -3.52 1.16 -9.22
C PHE A 27 -2.18 0.44 -9.00
N PHE A 28 -2.05 -0.33 -7.93
CA PHE A 28 -0.82 -1.11 -7.70
C PHE A 28 -0.79 -2.39 -8.57
N LYS A 29 -1.99 -2.86 -8.99
CA LYS A 29 -2.15 -4.06 -9.83
C LYS A 29 -1.66 -3.83 -11.27
N GLN A 30 -1.46 -2.56 -11.66
CA GLN A 30 -0.87 -2.22 -12.97
C GLN A 30 0.60 -2.72 -13.08
N ILE A 31 1.20 -3.10 -11.93
CA ILE A 31 2.55 -3.63 -11.88
C ILE A 31 2.52 -5.17 -11.67
N GLY A 32 1.66 -5.66 -10.76
CA GLY A 32 1.66 -7.09 -10.44
C GLY A 32 0.30 -7.67 -10.10
N ILE A 33 0.32 -8.81 -9.41
CA ILE A 33 -0.90 -9.58 -9.12
C ILE A 33 -1.34 -9.40 -7.66
N ILE A 34 -2.67 -9.26 -7.47
CA ILE A 34 -3.27 -9.16 -6.12
C ILE A 34 -3.16 -10.49 -5.38
N LYS A 35 -2.44 -10.48 -4.28
CA LYS A 35 -2.27 -11.66 -3.46
C LYS A 35 -3.23 -11.64 -2.27
N THR A 36 -3.77 -12.81 -1.96
CA THR A 36 -4.49 -13.05 -0.72
C THR A 36 -3.47 -13.43 0.36
N ASN A 37 -3.39 -12.60 1.41
CA ASN A 37 -2.39 -12.78 2.47
C ASN A 37 -2.72 -13.98 3.35
N LYS A 38 -1.71 -14.75 3.69
CA LYS A 38 -1.89 -15.94 4.53
C LYS A 38 -2.00 -15.59 6.02
N LYS A 39 -1.71 -14.33 6.40
CA LYS A 39 -1.79 -13.91 7.80
C LYS A 39 -3.25 -13.86 8.32
N THR A 40 -4.18 -13.39 7.47
CA THR A 40 -5.58 -13.26 7.86
C THR A 40 -6.49 -14.04 6.90
N GLY A 41 -6.01 -14.22 5.67
CA GLY A 41 -6.78 -14.88 4.63
C GLY A 41 -7.63 -13.91 3.83
N LYS A 42 -7.42 -12.60 4.02
CA LYS A 42 -8.09 -11.57 3.22
C LYS A 42 -7.20 -11.04 2.08
N PRO A 43 -7.82 -10.60 0.95
CA PRO A 43 -7.12 -9.82 -0.10
C PRO A 43 -6.74 -8.42 0.39
N MET A 44 -5.70 -7.84 -0.23
CA MET A 44 -5.14 -6.56 0.18
C MET A 44 -6.08 -5.37 -0.07
N ILE A 45 -6.71 -4.91 1.00
CA ILE A 45 -7.33 -3.60 1.10
C ILE A 45 -7.12 -3.14 2.54
N ASN A 46 -6.31 -2.11 2.79
CA ASN A 46 -6.36 -1.43 4.09
C ASN A 46 -6.49 0.07 3.89
N LEU A 47 -7.62 0.62 4.30
CA LEU A 47 -7.87 2.05 4.13
C LEU A 47 -7.94 2.75 5.49
N TYR A 48 -6.94 3.59 5.78
CA TYR A 48 -6.89 4.30 7.05
C TYR A 48 -7.36 5.74 6.85
N THR A 49 -8.52 6.02 7.45
CA THR A 49 -9.21 7.31 7.35
C THR A 49 -9.90 7.62 8.69
N ASP A 50 -9.55 8.74 9.34
CA ASP A 50 -10.19 9.09 10.62
C ASP A 50 -11.47 9.89 10.39
N LYS A 51 -12.60 9.28 10.74
CA LYS A 51 -13.91 9.93 10.67
C LYS A 51 -14.23 10.74 11.93
N ASP A 52 -13.41 10.60 12.98
CA ASP A 52 -13.58 11.39 14.22
C ASP A 52 -13.16 12.85 14.02
N THR A 53 -12.17 13.09 13.15
CA THR A 53 -11.86 14.44 12.73
C THR A 53 -12.65 14.78 11.45
N GLY A 54 -13.14 13.74 10.78
CA GLY A 54 -14.04 13.91 9.65
C GLY A 54 -13.34 13.78 8.31
N LYS A 55 -12.14 14.34 8.22
CA LYS A 55 -11.36 14.27 7.00
C LYS A 55 -10.51 13.00 6.97
N PRO A 56 -10.37 12.36 5.79
CA PRO A 56 -9.47 11.20 5.60
C PRO A 56 -8.01 11.47 5.99
N LYS A 57 -7.46 10.51 6.75
CA LYS A 57 -6.06 10.52 7.22
C LYS A 57 -5.06 10.60 6.07
N GLY A 58 -5.36 9.89 4.99
CA GLY A 58 -4.48 9.86 3.83
C GLY A 58 -3.53 8.70 3.84
N GLU A 59 -3.90 7.63 4.57
CA GLU A 59 -3.00 6.50 4.77
C GLU A 59 -3.62 5.20 4.23
N ALA A 60 -2.80 4.35 3.63
CA ALA A 60 -3.25 3.04 3.15
C ALA A 60 -2.11 2.04 3.16
N THR A 61 -2.42 0.76 3.38
CA THR A 61 -1.43 -0.30 3.18
C THR A 61 -2.03 -1.39 2.29
N VAL A 62 -1.22 -1.89 1.36
CA VAL A 62 -1.64 -2.96 0.43
C VAL A 62 -0.49 -3.99 0.28
N SER A 63 -0.82 -5.24 -0.01
CA SER A 63 0.16 -6.33 0.00
C SER A 63 0.43 -6.92 -1.38
N PHE A 64 1.71 -7.06 -1.73
CA PHE A 64 2.10 -7.68 -2.99
C PHE A 64 2.36 -9.19 -2.85
N ASP A 65 2.38 -9.87 -4.01
CA ASP A 65 2.62 -11.33 -4.06
C ASP A 65 4.05 -11.70 -3.61
N ASP A 66 5.04 -10.96 -4.11
CA ASP A 66 6.43 -11.25 -3.82
C ASP A 66 7.09 -10.05 -3.11
N PRO A 67 7.89 -10.30 -2.04
CA PRO A 67 8.66 -9.25 -1.35
C PRO A 67 9.73 -8.48 -2.17
N PRO A 68 10.55 -9.08 -3.12
CA PRO A 68 11.57 -8.31 -3.84
C PRO A 68 10.98 -7.35 -4.89
N SER A 69 9.82 -7.75 -5.43
CA SER A 69 9.04 -6.94 -6.38
C SER A 69 8.52 -5.65 -5.71
N ALA A 70 8.32 -5.72 -4.39
CA ALA A 70 7.88 -4.56 -3.60
C ALA A 70 8.99 -3.51 -3.45
N LYS A 71 10.26 -3.94 -3.32
CA LYS A 71 11.40 -3.00 -3.19
C LYS A 71 11.67 -2.29 -4.51
N ALA A 72 11.49 -3.03 -5.62
CA ALA A 72 11.65 -2.47 -6.95
C ALA A 72 10.58 -1.40 -7.23
N ALA A 73 9.35 -1.65 -6.76
CA ALA A 73 8.26 -0.69 -6.87
C ALA A 73 8.50 0.55 -5.97
N ILE A 74 9.26 0.39 -4.91
CA ILE A 74 9.68 1.53 -4.08
C ILE A 74 10.66 2.43 -4.85
N ASP A 75 11.52 1.83 -5.71
CA ASP A 75 12.53 2.63 -6.44
C ASP A 75 11.93 3.43 -7.64
N TRP A 76 11.29 2.75 -8.60
CA TRP A 76 10.71 3.47 -9.77
C TRP A 76 9.26 3.97 -9.62
N PHE A 77 8.44 3.30 -8.82
CA PHE A 77 6.99 3.54 -8.82
C PHE A 77 6.59 4.62 -7.79
N ASP A 78 7.55 5.02 -6.93
CA ASP A 78 7.35 6.18 -6.04
C ASP A 78 8.14 7.38 -6.59
N GLY A 79 7.91 8.59 -6.05
CA GLY A 79 8.57 9.78 -6.57
C GLY A 79 7.69 10.53 -7.56
N LYS A 80 6.41 10.17 -7.59
CA LYS A 80 5.44 10.82 -8.46
C LYS A 80 4.27 11.30 -7.60
N GLU A 81 3.12 11.61 -8.19
CA GLU A 81 1.99 12.06 -7.41
C GLU A 81 0.71 11.25 -7.71
N PHE A 82 -0.09 11.07 -6.67
CA PHE A 82 -1.39 10.45 -6.76
C PHE A 82 -2.44 11.50 -6.43
N HIS A 83 -3.24 11.86 -7.46
CA HIS A 83 -4.32 12.87 -7.37
C HIS A 83 -3.77 14.29 -7.09
N GLY A 84 -2.53 14.55 -7.54
CA GLY A 84 -1.91 15.87 -7.36
C GLY A 84 -1.15 16.01 -6.04
N ASN A 85 -1.17 14.96 -5.22
CA ASN A 85 -0.52 14.97 -3.91
C ASN A 85 0.61 13.94 -3.92
N ILE A 86 1.71 14.26 -3.24
CA ILE A 86 2.95 13.47 -3.32
C ILE A 86 2.77 12.10 -2.64
N ILE A 87 3.14 11.03 -3.36
CA ILE A 87 2.93 9.66 -2.89
C ILE A 87 4.27 9.00 -2.54
N LYS A 88 4.29 8.33 -1.38
CA LYS A 88 5.49 7.64 -0.92
C LYS A 88 5.20 6.17 -0.65
N VAL A 89 6.05 5.29 -1.17
CA VAL A 89 5.91 3.85 -0.96
C VAL A 89 7.03 3.33 -0.06
N SER A 90 6.63 2.64 1.02
CA SER A 90 7.55 2.05 1.99
C SER A 90 7.21 0.57 2.16
N PHE A 91 8.04 -0.14 2.93
CA PHE A 91 7.78 -1.55 3.26
C PHE A 91 6.87 -1.73 4.49
N ALA A 92 6.44 -0.61 5.12
CA ALA A 92 5.55 -0.61 6.31
C ALA A 92 6.21 -1.28 7.53
N THR A 93 5.36 -1.70 8.48
CA THR A 93 5.81 -2.45 9.66
C THR A 93 5.93 -3.94 9.32
N ARG A 94 6.37 -4.75 10.29
CA ARG A 94 6.50 -6.19 10.10
C ARG A 94 5.18 -6.92 10.42
N ARG A 95 5.26 -8.25 10.64
CA ARG A 95 4.11 -9.14 10.83
C ARG A 95 3.18 -8.68 11.99
N PRO A 96 1.86 -9.00 11.92
CA PRO A 96 0.87 -8.63 12.97
C PRO A 96 0.98 -9.48 14.26
N GLU A 97 0.19 -9.08 15.25
CA GLU A 97 0.15 -9.75 16.55
C GLU A 97 -1.14 -10.57 16.71
N GLY A 1 16.56 -3.08 1.14
CA GLY A 1 16.63 -4.55 0.98
C GLY A 1 15.30 -5.24 1.25
N SER A 2 15.07 -6.38 0.60
CA SER A 2 13.79 -7.11 0.75
C SER A 2 13.98 -8.51 1.34
N HIS A 3 15.22 -9.02 1.31
CA HIS A 3 15.54 -10.34 1.87
C HIS A 3 15.44 -10.33 3.39
N MET A 4 15.17 -11.53 3.94
CA MET A 4 15.07 -11.80 5.39
C MET A 4 13.81 -11.16 6.01
N SER A 5 12.77 -10.99 5.18
CA SER A 5 11.48 -10.51 5.65
C SER A 5 10.37 -11.34 5.03
N ASP A 6 9.57 -11.99 5.88
CA ASP A 6 8.44 -12.82 5.45
C ASP A 6 7.16 -11.98 5.31
N ASN A 7 7.27 -10.71 5.70
CA ASN A 7 6.16 -9.76 5.66
C ASN A 7 6.03 -9.11 4.29
N ASN A 8 5.01 -9.51 3.53
CA ASN A 8 4.62 -8.72 2.37
C ASN A 8 3.54 -7.73 2.76
N THR A 9 3.96 -6.47 2.93
CA THR A 9 3.08 -5.31 3.05
C THR A 9 3.78 -4.12 2.36
N ILE A 10 3.04 -3.17 1.80
CA ILE A 10 3.63 -1.86 1.46
C ILE A 10 2.83 -0.74 2.12
N PHE A 11 3.54 0.28 2.63
CA PHE A 11 2.89 1.43 3.28
C PHE A 11 2.81 2.57 2.28
N VAL A 12 1.63 3.13 2.13
CA VAL A 12 1.43 4.18 1.16
C VAL A 12 0.87 5.42 1.86
N GLN A 13 1.38 6.59 1.47
CA GLN A 13 1.00 7.87 2.05
C GLN A 13 0.63 8.83 0.93
N GLY A 14 -0.41 9.65 1.17
CA GLY A 14 -0.78 10.69 0.21
C GLY A 14 -2.06 10.38 -0.54
N LEU A 15 -2.82 9.40 -0.06
CA LEU A 15 -4.08 9.00 -0.68
C LEU A 15 -5.23 9.33 0.27
N GLY A 16 -5.63 10.60 0.31
CA GLY A 16 -6.58 11.04 1.31
C GLY A 16 -7.69 11.88 0.76
N GLU A 17 -7.49 13.19 0.71
CA GLU A 17 -8.54 14.12 0.31
C GLU A 17 -8.73 14.12 -1.22
N GLY A 18 -9.92 13.71 -1.65
CA GLY A 18 -10.21 13.61 -3.08
C GLY A 18 -9.88 12.23 -3.61
N VAL A 19 -9.83 11.26 -2.71
CA VAL A 19 -9.40 9.90 -3.02
C VAL A 19 -10.56 9.13 -3.67
N SER A 20 -10.21 8.18 -4.52
CA SER A 20 -11.19 7.25 -5.07
C SER A 20 -11.26 6.00 -4.18
N THR A 21 -12.25 5.16 -4.45
CA THR A 21 -12.59 3.94 -3.68
C THR A 21 -11.49 2.86 -3.70
N ASP A 22 -11.86 1.65 -3.22
CA ASP A 22 -11.03 0.40 -3.20
C ASP A 22 -10.24 0.10 -4.51
N GLN A 23 -10.61 0.82 -5.59
CA GLN A 23 -9.90 0.89 -6.87
C GLN A 23 -8.36 1.12 -6.75
N VAL A 24 -7.88 1.67 -5.60
CA VAL A 24 -6.42 1.88 -5.35
C VAL A 24 -5.64 0.55 -5.51
N GLY A 25 -6.29 -0.57 -5.18
CA GLY A 25 -5.69 -1.90 -5.38
C GLY A 25 -5.39 -2.21 -6.85
N GLU A 26 -6.23 -1.70 -7.75
CA GLU A 26 -6.05 -1.84 -9.19
C GLU A 26 -4.88 -0.94 -9.67
N PHE A 27 -4.73 0.22 -9.00
CA PHE A 27 -3.58 1.12 -9.21
C PHE A 27 -2.25 0.40 -8.98
N PHE A 28 -2.14 -0.38 -7.91
CA PHE A 28 -0.92 -1.14 -7.65
C PHE A 28 -0.83 -2.40 -8.54
N LYS A 29 -1.99 -2.87 -9.02
CA LYS A 29 -2.09 -4.05 -9.89
C LYS A 29 -1.59 -3.76 -11.32
N GLN A 30 -1.39 -2.47 -11.64
CA GLN A 30 -0.74 -2.06 -12.90
C GLN A 30 0.73 -2.55 -12.96
N ILE A 31 1.28 -2.96 -11.81
CA ILE A 31 2.64 -3.49 -11.72
C ILE A 31 2.63 -5.03 -11.55
N GLY A 32 1.80 -5.56 -10.63
CA GLY A 32 1.83 -6.99 -10.33
C GLY A 32 0.46 -7.60 -10.11
N ILE A 33 0.45 -8.77 -9.46
CA ILE A 33 -0.78 -9.55 -9.24
C ILE A 33 -1.25 -9.42 -7.78
N ILE A 34 -2.57 -9.28 -7.61
CA ILE A 34 -3.19 -9.19 -6.29
C ILE A 34 -3.10 -10.52 -5.55
N LYS A 35 -2.38 -10.52 -4.45
CA LYS A 35 -2.25 -11.68 -3.60
C LYS A 35 -3.20 -11.61 -2.41
N THR A 36 -3.74 -12.76 -2.04
CA THR A 36 -4.44 -12.93 -0.80
C THR A 36 -3.41 -13.25 0.30
N ASN A 37 -3.31 -12.35 1.29
CA ASN A 37 -2.29 -12.46 2.34
C ASN A 37 -2.65 -13.58 3.31
N LYS A 38 -1.67 -14.43 3.61
CA LYS A 38 -1.88 -15.63 4.42
C LYS A 38 -1.95 -15.33 5.93
N LYS A 39 -1.65 -14.07 6.32
CA LYS A 39 -1.71 -13.65 7.73
C LYS A 39 -3.17 -13.64 8.25
N THR A 40 -4.12 -13.24 7.38
CA THR A 40 -5.51 -13.11 7.75
C THR A 40 -6.41 -13.95 6.83
N GLY A 41 -5.97 -14.11 5.58
CA GLY A 41 -6.76 -14.84 4.59
C GLY A 41 -7.66 -13.93 3.76
N LYS A 42 -7.53 -12.60 3.95
CA LYS A 42 -8.24 -11.63 3.13
C LYS A 42 -7.35 -11.07 2.01
N PRO A 43 -7.97 -10.64 0.86
CA PRO A 43 -7.28 -9.84 -0.17
C PRO A 43 -6.89 -8.45 0.31
N MET A 44 -5.87 -7.86 -0.32
CA MET A 44 -5.28 -6.61 0.13
C MET A 44 -6.17 -5.39 -0.08
N ILE A 45 -6.80 -4.95 1.00
CA ILE A 45 -7.41 -3.63 1.13
C ILE A 45 -7.16 -3.18 2.58
N ASN A 46 -6.35 -2.14 2.81
CA ASN A 46 -6.39 -1.43 4.10
C ASN A 46 -6.55 0.06 3.87
N LEU A 47 -7.66 0.63 4.31
CA LEU A 47 -7.91 2.06 4.16
C LEU A 47 -7.94 2.75 5.52
N TYR A 48 -6.93 3.58 5.78
CA TYR A 48 -6.85 4.30 7.05
C TYR A 48 -7.28 5.77 6.87
N THR A 49 -8.43 6.10 7.48
CA THR A 49 -9.06 7.41 7.40
C THR A 49 -9.73 7.76 8.75
N ASP A 50 -9.35 8.90 9.36
CA ASP A 50 -9.96 9.28 10.64
C ASP A 50 -11.25 10.06 10.44
N LYS A 51 -12.36 9.45 10.82
CA LYS A 51 -13.69 10.09 10.76
C LYS A 51 -14.00 10.92 12.01
N ASP A 52 -13.18 10.80 13.06
CA ASP A 52 -13.32 11.63 14.27
C ASP A 52 -12.91 13.07 13.99
N THR A 53 -11.92 13.22 13.10
CA THR A 53 -11.51 14.53 12.63
C THR A 53 -12.32 14.91 11.38
N GLY A 54 -12.91 13.89 10.75
CA GLY A 54 -13.86 14.10 9.67
C GLY A 54 -13.24 14.00 8.29
N LYS A 55 -11.96 14.34 8.20
CA LYS A 55 -11.24 14.30 6.94
C LYS A 55 -10.29 13.10 6.92
N PRO A 56 -10.14 12.44 5.74
CA PRO A 56 -9.24 11.28 5.56
C PRO A 56 -7.77 11.55 5.93
N LYS A 57 -7.19 10.58 6.64
CA LYS A 57 -5.77 10.62 7.04
C LYS A 57 -4.83 10.58 5.83
N GLY A 58 -5.22 9.79 4.84
CA GLY A 58 -4.42 9.67 3.65
C GLY A 58 -3.50 8.47 3.68
N GLU A 59 -3.85 7.47 4.47
CA GLU A 59 -2.97 6.30 4.63
C GLU A 59 -3.65 5.04 4.11
N ALA A 60 -2.87 4.19 3.48
CA ALA A 60 -3.34 2.90 2.97
C ALA A 60 -2.20 1.91 2.93
N THR A 61 -2.48 0.63 3.23
CA THR A 61 -1.49 -0.42 3.03
C THR A 61 -2.07 -1.56 2.18
N VAL A 62 -1.25 -2.07 1.26
CA VAL A 62 -1.67 -3.17 0.39
C VAL A 62 -0.54 -4.25 0.29
N SER A 63 -0.94 -5.52 0.15
CA SER A 63 -0.01 -6.66 0.15
C SER A 63 0.35 -7.13 -1.26
N PHE A 64 1.65 -7.41 -1.50
CA PHE A 64 2.08 -7.94 -2.79
C PHE A 64 2.39 -9.43 -2.71
N ASP A 65 2.48 -10.08 -3.88
CA ASP A 65 2.74 -11.51 -3.98
C ASP A 65 4.16 -11.88 -3.54
N ASP A 66 5.16 -11.12 -4.02
CA ASP A 66 6.54 -11.40 -3.71
C ASP A 66 7.18 -10.16 -3.06
N PRO A 67 7.99 -10.34 -1.98
CA PRO A 67 8.73 -9.24 -1.32
C PRO A 67 9.78 -8.47 -2.19
N PRO A 68 10.59 -9.08 -3.14
CA PRO A 68 11.57 -8.31 -3.91
C PRO A 68 10.93 -7.40 -4.99
N SER A 69 9.77 -7.84 -5.49
CA SER A 69 8.93 -7.03 -6.38
C SER A 69 8.45 -5.74 -5.70
N ALA A 70 8.34 -5.78 -4.37
CA ALA A 70 7.91 -4.64 -3.59
C ALA A 70 9.02 -3.59 -3.47
N LYS A 71 10.29 -4.03 -3.37
CA LYS A 71 11.40 -3.08 -3.24
C LYS A 71 11.66 -2.35 -4.56
N ALA A 72 11.43 -3.04 -5.69
CA ALA A 72 11.55 -2.43 -7.02
C ALA A 72 10.46 -1.37 -7.23
N ALA A 73 9.25 -1.68 -6.76
CA ALA A 73 8.11 -0.75 -6.82
C ALA A 73 8.32 0.48 -5.90
N ILE A 74 9.09 0.32 -4.85
CA ILE A 74 9.43 1.46 -3.98
C ILE A 74 10.44 2.39 -4.70
N ASP A 75 11.34 1.81 -5.51
CA ASP A 75 12.38 2.62 -6.18
C ASP A 75 11.84 3.49 -7.35
N TRP A 76 11.19 2.88 -8.36
CA TRP A 76 10.65 3.66 -9.50
C TRP A 76 9.20 4.20 -9.33
N PHE A 77 8.34 3.46 -8.61
CA PHE A 77 6.89 3.75 -8.63
C PHE A 77 6.49 4.79 -7.55
N ASP A 78 7.44 5.13 -6.66
CA ASP A 78 7.25 6.26 -5.74
C ASP A 78 8.07 7.47 -6.24
N GLY A 79 7.83 8.66 -5.69
CA GLY A 79 8.51 9.85 -6.18
C GLY A 79 7.67 10.60 -7.21
N LYS A 80 6.39 10.25 -7.28
CA LYS A 80 5.44 10.91 -8.15
C LYS A 80 4.22 11.38 -7.33
N GLU A 81 3.11 11.68 -7.98
CA GLU A 81 1.90 12.08 -7.27
C GLU A 81 0.70 11.18 -7.61
N PHE A 82 -0.17 11.01 -6.62
CA PHE A 82 -1.44 10.33 -6.77
C PHE A 82 -2.55 11.36 -6.52
N HIS A 83 -3.30 11.68 -7.59
CA HIS A 83 -4.42 12.65 -7.59
C HIS A 83 -3.96 14.08 -7.25
N GLY A 84 -2.73 14.41 -7.60
CA GLY A 84 -2.19 15.75 -7.35
C GLY A 84 -1.59 15.93 -5.97
N ASN A 85 -1.41 14.82 -5.25
CA ASN A 85 -0.81 14.85 -3.92
C ASN A 85 0.35 13.87 -3.86
N ILE A 86 1.41 14.22 -3.13
CA ILE A 86 2.69 13.49 -3.16
C ILE A 86 2.54 12.10 -2.51
N ILE A 87 2.97 11.06 -3.26
CA ILE A 87 2.82 9.68 -2.81
C ILE A 87 4.18 9.05 -2.47
N LYS A 88 4.22 8.42 -1.29
CA LYS A 88 5.42 7.76 -0.78
C LYS A 88 5.12 6.29 -0.49
N VAL A 89 6.05 5.39 -0.82
CA VAL A 89 5.86 3.95 -0.57
C VAL A 89 6.99 3.38 0.32
N SER A 90 6.60 2.55 1.30
CA SER A 90 7.53 1.83 2.19
C SER A 90 7.16 0.36 2.26
N PHE A 91 7.97 -0.40 2.99
CA PHE A 91 7.69 -1.80 3.28
C PHE A 91 6.65 -2.01 4.40
N ALA A 92 6.29 -0.91 5.09
CA ALA A 92 5.32 -0.92 6.22
C ALA A 92 5.84 -1.66 7.45
N THR A 93 4.93 -1.90 8.40
CA THR A 93 5.23 -2.58 9.65
C THR A 93 5.21 -4.09 9.45
N ARG A 94 6.22 -4.77 10.00
CA ARG A 94 6.30 -6.23 9.98
C ARG A 94 5.53 -6.83 11.17
N ARG A 95 5.50 -8.18 11.23
CA ARG A 95 4.78 -9.00 12.27
C ARG A 95 3.34 -8.52 12.58
N PRO A 96 2.34 -8.98 11.79
CA PRO A 96 0.94 -8.54 11.93
C PRO A 96 0.13 -9.34 12.99
N GLU A 97 0.31 -8.95 14.26
CA GLU A 97 -0.38 -9.53 15.44
C GLU A 97 0.02 -11.01 15.67
N GLY A 1 18.90 -5.84 2.16
CA GLY A 1 19.75 -6.74 1.34
C GLY A 1 18.93 -7.85 0.71
N SER A 2 19.08 -9.09 1.23
CA SER A 2 18.43 -10.25 0.64
C SER A 2 17.07 -10.54 1.31
N HIS A 3 16.19 -9.51 1.31
CA HIS A 3 14.78 -9.56 1.79
C HIS A 3 14.70 -9.67 3.33
N MET A 4 14.95 -10.89 3.86
CA MET A 4 15.09 -11.16 5.31
C MET A 4 13.80 -10.86 6.10
N SER A 5 12.65 -11.04 5.43
CA SER A 5 11.34 -10.80 6.04
C SER A 5 10.26 -11.62 5.30
N ASP A 6 9.41 -12.30 6.06
CA ASP A 6 8.28 -13.06 5.49
C ASP A 6 7.00 -12.21 5.46
N ASN A 7 7.15 -10.92 5.78
CA ASN A 7 6.03 -10.00 5.73
C ASN A 7 5.98 -9.30 4.38
N ASN A 8 5.01 -9.64 3.53
CA ASN A 8 4.68 -8.77 2.42
C ASN A 8 3.59 -7.78 2.84
N THR A 9 3.99 -6.55 3.10
CA THR A 9 3.08 -5.43 3.21
C THR A 9 3.79 -4.21 2.62
N ILE A 10 3.07 -3.31 1.94
CA ILE A 10 3.64 -2.01 1.63
C ILE A 10 2.75 -0.90 2.19
N PHE A 11 3.39 0.13 2.74
CA PHE A 11 2.70 1.27 3.35
C PHE A 11 2.69 2.40 2.36
N VAL A 12 1.56 3.02 2.20
CA VAL A 12 1.39 4.06 1.22
C VAL A 12 0.93 5.34 1.93
N GLN A 13 1.47 6.47 1.48
CA GLN A 13 1.20 7.76 2.03
C GLN A 13 0.73 8.68 0.92
N GLY A 14 -0.22 9.55 1.23
CA GLY A 14 -0.66 10.55 0.27
C GLY A 14 -1.81 10.08 -0.59
N LEU A 15 -2.56 9.09 -0.10
CA LEU A 15 -3.78 8.62 -0.76
C LEU A 15 -4.98 9.16 0.01
N GLY A 16 -5.19 10.46 -0.09
CA GLY A 16 -6.26 11.08 0.65
C GLY A 16 -6.85 12.27 -0.06
N GLU A 17 -7.81 12.91 0.64
CA GLU A 17 -8.52 14.16 0.26
C GLU A 17 -8.91 14.24 -1.22
N GLY A 18 -10.10 13.68 -1.53
CA GLY A 18 -10.53 13.57 -2.91
C GLY A 18 -10.17 12.21 -3.49
N VAL A 19 -9.97 11.24 -2.61
CA VAL A 19 -9.43 9.93 -2.97
C VAL A 19 -10.55 9.05 -3.54
N SER A 20 -10.18 8.14 -4.42
CA SER A 20 -11.11 7.16 -4.93
C SER A 20 -11.22 5.94 -3.98
N THR A 21 -12.21 5.10 -4.26
CA THR A 21 -12.55 3.87 -3.51
C THR A 21 -11.43 2.78 -3.54
N ASP A 22 -11.78 1.55 -3.09
CA ASP A 22 -10.91 0.32 -3.09
C ASP A 22 -10.11 0.06 -4.39
N GLN A 23 -10.45 0.78 -5.47
CA GLN A 23 -9.75 0.84 -6.76
C GLN A 23 -8.20 1.04 -6.63
N VAL A 24 -7.71 1.61 -5.50
CA VAL A 24 -6.27 1.86 -5.30
C VAL A 24 -5.48 0.53 -5.43
N GLY A 25 -6.11 -0.59 -5.04
CA GLY A 25 -5.49 -1.91 -5.21
C GLY A 25 -5.22 -2.28 -6.68
N GLU A 26 -6.10 -1.83 -7.58
CA GLU A 26 -5.94 -2.04 -9.02
C GLU A 26 -4.86 -1.09 -9.61
N PHE A 27 -4.71 0.08 -8.97
CA PHE A 27 -3.57 0.98 -9.24
C PHE A 27 -2.24 0.25 -9.02
N PHE A 28 -2.14 -0.54 -7.95
CA PHE A 28 -0.95 -1.34 -7.69
C PHE A 28 -0.89 -2.60 -8.57
N LYS A 29 -2.08 -3.07 -9.04
CA LYS A 29 -2.20 -4.25 -9.93
C LYS A 29 -1.67 -3.95 -11.35
N GLN A 30 -1.50 -2.67 -11.69
CA GLN A 30 -0.92 -2.31 -12.99
C GLN A 30 0.56 -2.78 -13.11
N ILE A 31 1.20 -3.14 -11.97
CA ILE A 31 2.55 -3.72 -11.96
C ILE A 31 2.53 -5.16 -11.34
N GLY A 32 1.38 -5.84 -11.31
CA GLY A 32 1.40 -7.21 -10.81
C GLY A 32 0.06 -7.83 -10.51
N ILE A 33 0.11 -8.88 -9.70
CA ILE A 33 -1.05 -9.69 -9.35
C ILE A 33 -1.46 -9.43 -7.90
N ILE A 34 -2.77 -9.32 -7.66
CA ILE A 34 -3.33 -9.15 -6.32
C ILE A 34 -3.22 -10.46 -5.55
N LYS A 35 -2.43 -10.43 -4.51
CA LYS A 35 -2.26 -11.57 -3.63
C LYS A 35 -3.11 -11.42 -2.40
N THR A 36 -3.65 -12.54 -1.94
CA THR A 36 -4.24 -12.59 -0.62
C THR A 36 -3.13 -12.84 0.41
N ASN A 37 -3.12 -12.06 1.47
CA ASN A 37 -2.09 -12.20 2.50
C ASN A 37 -2.48 -13.30 3.45
N LYS A 38 -1.63 -14.31 3.57
CA LYS A 38 -1.87 -15.50 4.40
C LYS A 38 -1.92 -15.22 5.92
N LYS A 39 -1.56 -13.99 6.34
CA LYS A 39 -1.64 -13.59 7.75
C LYS A 39 -3.10 -13.48 8.22
N THR A 40 -4.00 -13.12 7.31
CA THR A 40 -5.43 -13.04 7.62
C THR A 40 -6.27 -13.88 6.63
N GLY A 41 -5.77 -14.01 5.40
CA GLY A 41 -6.46 -14.76 4.36
C GLY A 41 -7.40 -13.88 3.55
N LYS A 42 -7.35 -12.58 3.80
CA LYS A 42 -8.13 -11.60 3.05
C LYS A 42 -7.27 -10.92 1.96
N PRO A 43 -7.89 -10.51 0.82
CA PRO A 43 -7.23 -9.73 -0.24
C PRO A 43 -6.76 -8.35 0.23
N MET A 44 -5.73 -7.81 -0.42
CA MET A 44 -5.12 -6.54 -0.02
C MET A 44 -6.02 -5.32 -0.23
N ILE A 45 -6.69 -4.92 0.86
CA ILE A 45 -7.36 -3.63 0.99
C ILE A 45 -7.20 -3.18 2.46
N ASN A 46 -6.44 -2.13 2.73
CA ASN A 46 -6.57 -1.43 4.03
C ASN A 46 -6.72 0.05 3.80
N LEU A 47 -7.83 0.62 4.20
CA LEU A 47 -8.06 2.06 4.04
C LEU A 47 -8.12 2.73 5.42
N TYR A 48 -7.12 3.56 5.71
CA TYR A 48 -7.06 4.27 6.98
C TYR A 48 -7.48 5.72 6.81
N THR A 49 -8.64 6.04 7.42
CA THR A 49 -9.21 7.38 7.41
C THR A 49 -9.84 7.69 8.78
N ASP A 50 -9.39 8.75 9.45
CA ASP A 50 -9.98 9.13 10.73
C ASP A 50 -11.21 10.03 10.53
N LYS A 51 -12.37 9.49 10.86
CA LYS A 51 -13.65 10.22 10.79
C LYS A 51 -13.93 11.05 12.05
N ASP A 52 -13.08 10.90 13.06
CA ASP A 52 -13.14 11.69 14.29
C ASP A 52 -12.74 13.15 14.02
N THR A 53 -11.88 13.37 13.02
CA THR A 53 -11.63 14.72 12.53
C THR A 53 -12.60 15.06 11.39
N GLY A 54 -13.03 14.02 10.66
CA GLY A 54 -14.02 14.17 9.60
C GLY A 54 -13.40 14.17 8.22
N LYS A 55 -12.09 14.26 8.18
CA LYS A 55 -11.34 14.31 6.94
C LYS A 55 -10.50 13.05 6.79
N PRO A 56 -10.33 12.53 5.55
CA PRO A 56 -9.47 11.36 5.31
C PRO A 56 -8.01 11.59 5.73
N LYS A 57 -7.50 10.65 6.57
CA LYS A 57 -6.09 10.60 6.98
C LYS A 57 -5.17 10.49 5.77
N GLY A 58 -5.58 9.65 4.83
CA GLY A 58 -4.88 9.53 3.58
C GLY A 58 -3.87 8.42 3.58
N GLU A 59 -4.07 7.42 4.45
CA GLU A 59 -3.07 6.36 4.58
C GLU A 59 -3.68 5.03 4.16
N ALA A 60 -2.85 4.15 3.61
CA ALA A 60 -3.32 2.82 3.22
C ALA A 60 -2.20 1.81 3.27
N THR A 61 -2.56 0.53 3.33
CA THR A 61 -1.62 -0.56 3.16
C THR A 61 -2.20 -1.61 2.25
N VAL A 62 -1.39 -2.13 1.34
CA VAL A 62 -1.79 -3.24 0.48
C VAL A 62 -0.64 -4.27 0.44
N SER A 63 -1.00 -5.55 0.41
CA SER A 63 -0.03 -6.66 0.44
C SER A 63 0.23 -7.25 -0.95
N PHE A 64 1.48 -7.22 -1.39
CA PHE A 64 1.85 -7.66 -2.74
C PHE A 64 2.23 -9.15 -2.77
N ASP A 65 2.29 -9.69 -4.00
CA ASP A 65 2.54 -11.12 -4.24
C ASP A 65 3.95 -11.56 -3.79
N ASP A 66 4.97 -10.80 -4.20
CA ASP A 66 6.35 -11.15 -3.89
C ASP A 66 7.05 -9.94 -3.24
N PRO A 67 7.87 -10.17 -2.16
CA PRO A 67 8.66 -9.11 -1.48
C PRO A 67 9.69 -8.30 -2.33
N PRO A 68 10.48 -8.86 -3.32
CA PRO A 68 11.46 -8.06 -4.07
C PRO A 68 10.81 -7.01 -4.99
N SER A 69 9.61 -7.35 -5.48
CA SER A 69 8.78 -6.46 -6.30
C SER A 69 8.35 -5.19 -5.54
N ALA A 70 8.25 -5.31 -4.21
CA ALA A 70 7.89 -4.21 -3.33
C ALA A 70 9.00 -3.15 -3.23
N LYS A 71 10.27 -3.59 -3.17
CA LYS A 71 11.43 -2.66 -3.13
C LYS A 71 11.63 -1.97 -4.48
N ALA A 72 11.42 -2.73 -5.55
CA ALA A 72 11.51 -2.22 -6.92
C ALA A 72 10.44 -1.16 -7.17
N ALA A 73 9.26 -1.37 -6.58
CA ALA A 73 8.17 -0.40 -6.63
C ALA A 73 8.49 0.87 -5.84
N ILE A 74 9.33 0.77 -4.79
CA ILE A 74 9.81 1.97 -4.08
C ILE A 74 10.72 2.81 -4.98
N ASP A 75 11.48 2.16 -5.87
CA ASP A 75 12.40 2.91 -6.76
C ASP A 75 11.68 3.59 -7.95
N TRP A 76 11.02 2.83 -8.84
CA TRP A 76 10.36 3.44 -10.00
C TRP A 76 8.88 3.85 -9.80
N PHE A 77 8.12 3.11 -8.99
CA PHE A 77 6.67 3.30 -8.90
C PHE A 77 6.33 4.45 -7.93
N ASP A 78 7.26 4.67 -6.99
CA ASP A 78 7.18 5.77 -6.04
C ASP A 78 7.97 6.99 -6.56
N GLY A 79 7.93 8.08 -5.80
CA GLY A 79 8.70 9.26 -6.16
C GLY A 79 7.92 10.21 -7.02
N LYS A 80 6.62 9.99 -7.11
CA LYS A 80 5.76 10.77 -7.98
C LYS A 80 4.56 11.28 -7.17
N GLU A 81 3.42 11.54 -7.82
CA GLU A 81 2.22 12.01 -7.15
C GLU A 81 0.99 11.19 -7.56
N PHE A 82 0.12 10.95 -6.59
CA PHE A 82 -1.18 10.32 -6.78
C PHE A 82 -2.26 11.35 -6.47
N HIS A 83 -3.06 11.68 -7.49
CA HIS A 83 -4.15 12.68 -7.44
C HIS A 83 -3.62 14.11 -7.16
N GLY A 84 -2.37 14.39 -7.59
CA GLY A 84 -1.76 15.70 -7.37
C GLY A 84 -1.09 15.87 -6.02
N ASN A 85 -1.22 14.85 -5.16
CA ASN A 85 -0.63 14.86 -3.82
C ASN A 85 0.54 13.88 -3.79
N ILE A 86 1.60 14.19 -3.03
CA ILE A 86 2.83 13.40 -3.05
C ILE A 86 2.61 12.03 -2.41
N ILE A 87 3.07 10.99 -3.11
CA ILE A 87 2.91 9.62 -2.67
C ILE A 87 4.28 9.08 -2.21
N LYS A 88 4.29 8.31 -1.12
CA LYS A 88 5.51 7.68 -0.63
C LYS A 88 5.20 6.24 -0.22
N VAL A 89 5.94 5.30 -0.79
CA VAL A 89 5.63 3.89 -0.65
C VAL A 89 6.77 3.24 0.18
N SER A 90 6.43 2.33 1.07
CA SER A 90 7.40 1.76 2.02
C SER A 90 7.15 0.27 2.22
N PHE A 91 8.07 -0.39 2.92
CA PHE A 91 7.94 -1.81 3.26
C PHE A 91 7.03 -2.03 4.49
N ALA A 92 6.56 -0.91 5.10
CA ALA A 92 5.61 -0.91 6.23
C ALA A 92 6.19 -1.52 7.51
N THR A 93 5.31 -1.81 8.46
CA THR A 93 5.66 -2.55 9.67
C THR A 93 5.71 -4.06 9.35
N ARG A 94 6.24 -4.87 10.28
CA ARG A 94 6.38 -6.30 10.05
C ARG A 94 5.06 -7.06 10.35
N ARG A 95 5.15 -8.39 10.49
CA ARG A 95 3.99 -9.28 10.71
C ARG A 95 3.25 -8.99 12.03
N PRO A 96 1.90 -9.22 12.06
CA PRO A 96 1.03 -8.92 13.23
C PRO A 96 1.21 -9.86 14.44
N GLU A 97 0.28 -9.72 15.42
CA GLU A 97 0.28 -10.51 16.64
C GLU A 97 -0.16 -11.96 16.38
N GLY A 1 14.08 -0.56 3.12
CA GLY A 1 14.43 -1.75 2.29
C GLY A 1 14.53 -3.01 3.12
N SER A 2 13.41 -3.67 3.34
CA SER A 2 13.34 -4.82 4.24
C SER A 2 13.46 -6.15 3.48
N HIS A 3 14.64 -6.75 3.54
CA HIS A 3 14.83 -8.13 3.08
C HIS A 3 14.70 -9.11 4.24
N MET A 4 14.87 -10.42 3.93
CA MET A 4 14.71 -11.58 4.85
C MET A 4 13.44 -11.49 5.74
N SER A 5 12.34 -11.10 5.11
CA SER A 5 11.07 -10.97 5.78
C SER A 5 9.98 -11.70 4.98
N ASP A 6 9.18 -12.51 5.69
CA ASP A 6 8.08 -13.25 5.08
C ASP A 6 6.80 -12.40 5.04
N ASN A 7 6.88 -11.23 5.68
CA ASN A 7 5.81 -10.24 5.68
C ASN A 7 5.82 -9.44 4.37
N ASN A 8 4.84 -9.68 3.53
CA ASN A 8 4.56 -8.77 2.42
C ASN A 8 3.51 -7.74 2.84
N THR A 9 3.96 -6.52 3.09
CA THR A 9 3.09 -5.36 3.24
C THR A 9 3.79 -4.16 2.59
N ILE A 10 3.05 -3.20 2.02
CA ILE A 10 3.64 -1.91 1.67
C ILE A 10 2.82 -0.77 2.31
N PHE A 11 3.54 0.23 2.84
CA PHE A 11 2.90 1.38 3.50
C PHE A 11 2.88 2.55 2.56
N VAL A 12 1.69 3.02 2.28
CA VAL A 12 1.52 4.07 1.31
C VAL A 12 0.93 5.30 2.01
N GLN A 13 1.43 6.47 1.63
CA GLN A 13 1.06 7.73 2.25
C GLN A 13 0.67 8.74 1.16
N GLY A 14 -0.34 9.55 1.43
CA GLY A 14 -0.75 10.60 0.50
C GLY A 14 -1.92 10.22 -0.37
N LEU A 15 -2.76 9.33 0.15
CA LEU A 15 -3.96 8.89 -0.55
C LEU A 15 -5.17 9.12 0.35
N GLY A 16 -5.60 10.38 0.46
CA GLY A 16 -6.66 10.70 1.38
C GLY A 16 -7.65 11.68 0.81
N GLU A 17 -7.27 12.94 0.78
CA GLU A 17 -8.18 14.00 0.40
C GLU A 17 -8.38 14.06 -1.13
N GLY A 18 -9.59 13.66 -1.56
CA GLY A 18 -9.89 13.61 -2.98
C GLY A 18 -9.61 12.22 -3.53
N VAL A 19 -9.57 11.22 -2.66
CA VAL A 19 -9.16 9.87 -3.03
C VAL A 19 -10.36 9.12 -3.63
N SER A 20 -10.08 8.18 -4.50
CA SER A 20 -11.09 7.28 -5.01
C SER A 20 -11.14 6.02 -4.11
N THR A 21 -12.17 5.19 -4.34
CA THR A 21 -12.54 3.98 -3.57
C THR A 21 -11.46 2.86 -3.59
N ASP A 22 -11.86 1.64 -3.15
CA ASP A 22 -11.04 0.39 -3.17
C ASP A 22 -10.26 0.10 -4.49
N GLN A 23 -10.60 0.86 -5.54
CA GLN A 23 -9.87 0.97 -6.82
C GLN A 23 -8.33 1.15 -6.65
N VAL A 24 -7.84 1.64 -5.48
CA VAL A 24 -6.39 1.79 -5.23
C VAL A 24 -5.68 0.43 -5.43
N GLY A 25 -6.40 -0.66 -5.15
CA GLY A 25 -5.92 -2.01 -5.41
C GLY A 25 -5.55 -2.29 -6.88
N GLU A 26 -6.34 -1.77 -7.85
CA GLU A 26 -6.04 -1.94 -9.27
C GLU A 26 -4.90 -1.02 -9.72
N PHE A 27 -4.75 0.12 -9.01
CA PHE A 27 -3.60 1.01 -9.17
C PHE A 27 -2.28 0.25 -8.94
N PHE A 28 -2.23 -0.57 -7.90
CA PHE A 28 -1.04 -1.38 -7.64
C PHE A 28 -0.99 -2.64 -8.56
N LYS A 29 -2.17 -3.08 -9.05
CA LYS A 29 -2.29 -4.26 -9.93
C LYS A 29 -1.83 -3.96 -11.38
N GLN A 30 -1.60 -2.68 -11.70
CA GLN A 30 -1.02 -2.30 -13.00
C GLN A 30 0.45 -2.81 -13.14
N ILE A 31 1.06 -3.19 -12.00
CA ILE A 31 2.42 -3.70 -11.96
C ILE A 31 2.44 -5.23 -11.70
N GLY A 32 1.52 -5.73 -10.85
CA GLY A 32 1.57 -7.14 -10.49
C GLY A 32 0.21 -7.77 -10.22
N ILE A 33 0.23 -8.91 -9.53
CA ILE A 33 -0.98 -9.66 -9.23
C ILE A 33 -1.37 -9.49 -7.75
N ILE A 34 -2.70 -9.35 -7.52
CA ILE A 34 -3.27 -9.23 -6.17
C ILE A 34 -3.10 -10.52 -5.39
N LYS A 35 -2.34 -10.44 -4.32
CA LYS A 35 -2.11 -11.58 -3.44
C LYS A 35 -3.03 -11.53 -2.23
N THR A 36 -3.55 -12.70 -1.89
CA THR A 36 -4.26 -12.88 -0.64
C THR A 36 -3.24 -13.16 0.46
N ASN A 37 -3.16 -12.25 1.44
CA ASN A 37 -2.16 -12.33 2.51
C ASN A 37 -2.56 -13.40 3.50
N LYS A 38 -1.64 -14.29 3.79
CA LYS A 38 -1.87 -15.47 4.61
C LYS A 38 -1.92 -15.17 6.12
N LYS A 39 -1.59 -13.92 6.50
CA LYS A 39 -1.69 -13.49 7.91
C LYS A 39 -3.16 -13.40 8.36
N THR A 40 -4.07 -13.10 7.43
CA THR A 40 -5.50 -13.03 7.73
C THR A 40 -6.31 -13.92 6.78
N GLY A 41 -5.84 -14.07 5.54
CA GLY A 41 -6.56 -14.82 4.52
C GLY A 41 -7.52 -13.95 3.72
N LYS A 42 -7.40 -12.64 3.91
CA LYS A 42 -8.14 -11.64 3.15
C LYS A 42 -7.30 -11.05 2.00
N PRO A 43 -7.95 -10.62 0.89
CA PRO A 43 -7.31 -9.82 -0.19
C PRO A 43 -6.86 -8.43 0.30
N MET A 44 -5.87 -7.86 -0.37
CA MET A 44 -5.27 -6.60 0.06
C MET A 44 -6.15 -5.37 -0.21
N ILE A 45 -6.81 -4.93 0.86
CA ILE A 45 -7.40 -3.60 0.96
C ILE A 45 -7.21 -3.15 2.42
N ASN A 46 -6.40 -2.13 2.70
CA ASN A 46 -6.48 -1.45 3.99
C ASN A 46 -6.62 0.05 3.79
N LEU A 47 -7.74 0.62 4.23
CA LEU A 47 -7.95 2.05 4.13
C LEU A 47 -7.98 2.70 5.50
N TYR A 48 -6.97 3.51 5.79
CA TYR A 48 -6.88 4.22 7.06
C TYR A 48 -7.32 5.68 6.86
N THR A 49 -8.48 5.99 7.43
CA THR A 49 -9.11 7.30 7.29
C THR A 49 -9.79 7.69 8.63
N ASP A 50 -9.41 8.83 9.21
CA ASP A 50 -10.03 9.27 10.46
C ASP A 50 -11.32 10.07 10.20
N LYS A 51 -12.45 9.49 10.59
CA LYS A 51 -13.75 10.16 10.47
C LYS A 51 -14.06 11.06 11.68
N ASP A 52 -13.26 10.94 12.74
CA ASP A 52 -13.42 11.79 13.94
C ASP A 52 -12.98 13.22 13.69
N THR A 53 -11.96 13.41 12.85
CA THR A 53 -11.61 14.76 12.39
C THR A 53 -12.36 15.06 11.08
N GLY A 54 -12.89 14.00 10.45
CA GLY A 54 -13.71 14.13 9.27
C GLY A 54 -12.94 13.91 7.99
N LYS A 55 -11.78 14.58 7.89
CA LYS A 55 -10.90 14.40 6.74
C LYS A 55 -10.17 13.06 6.83
N PRO A 56 -10.04 12.34 5.70
CA PRO A 56 -9.22 11.12 5.64
C PRO A 56 -7.74 11.36 6.00
N LYS A 57 -7.19 10.40 6.76
CA LYS A 57 -5.78 10.41 7.18
C LYS A 57 -4.82 10.42 5.99
N GLY A 58 -5.18 9.64 4.97
CA GLY A 58 -4.36 9.55 3.79
C GLY A 58 -3.45 8.35 3.80
N GLU A 59 -3.82 7.31 4.53
CA GLU A 59 -2.96 6.13 4.61
C GLU A 59 -3.67 4.91 4.05
N ALA A 60 -2.90 4.06 3.39
CA ALA A 60 -3.38 2.79 2.88
C ALA A 60 -2.24 1.79 2.91
N THR A 61 -2.53 0.54 3.22
CA THR A 61 -1.53 -0.51 3.10
C THR A 61 -2.07 -1.65 2.24
N VAL A 62 -1.21 -2.18 1.35
CA VAL A 62 -1.61 -3.27 0.45
C VAL A 62 -0.49 -4.34 0.35
N SER A 63 -0.89 -5.60 0.15
CA SER A 63 0.02 -6.76 0.14
C SER A 63 0.35 -7.24 -1.28
N PHE A 64 1.64 -7.37 -1.58
CA PHE A 64 2.06 -7.86 -2.89
C PHE A 64 2.41 -9.35 -2.86
N ASP A 65 2.49 -9.97 -4.04
CA ASP A 65 2.79 -11.40 -4.18
C ASP A 65 4.26 -11.68 -3.87
N ASP A 66 5.15 -10.87 -4.45
CA ASP A 66 6.57 -11.02 -4.18
C ASP A 66 7.08 -9.84 -3.34
N PRO A 67 7.90 -10.13 -2.28
CA PRO A 67 8.60 -9.09 -1.52
C PRO A 67 9.68 -8.25 -2.27
N PRO A 68 10.57 -8.80 -3.18
CA PRO A 68 11.56 -7.96 -3.92
C PRO A 68 10.91 -6.95 -4.88
N SER A 69 9.73 -7.32 -5.42
CA SER A 69 8.94 -6.47 -6.30
C SER A 69 8.44 -5.20 -5.59
N ALA A 70 8.28 -5.29 -4.27
CA ALA A 70 7.89 -4.15 -3.44
C ALA A 70 9.00 -3.12 -3.29
N LYS A 71 10.28 -3.57 -3.25
CA LYS A 71 11.44 -2.66 -3.18
C LYS A 71 11.63 -1.93 -4.51
N ALA A 72 11.42 -2.66 -5.60
CA ALA A 72 11.50 -2.09 -6.94
C ALA A 72 10.39 -1.04 -7.16
N ALA A 73 9.23 -1.27 -6.53
CA ALA A 73 8.13 -0.31 -6.53
C ALA A 73 8.46 0.95 -5.72
N ILE A 74 9.29 0.82 -4.69
CA ILE A 74 9.78 2.00 -3.95
C ILE A 74 10.71 2.85 -4.85
N ASP A 75 11.44 2.21 -5.78
CA ASP A 75 12.32 2.97 -6.66
C ASP A 75 11.59 3.68 -7.84
N TRP A 76 10.92 2.94 -8.73
CA TRP A 76 10.25 3.56 -9.90
C TRP A 76 8.77 3.95 -9.71
N PHE A 77 8.03 3.23 -8.85
CA PHE A 77 6.56 3.41 -8.73
C PHE A 77 6.25 4.52 -7.71
N ASP A 78 7.23 4.76 -6.83
CA ASP A 78 7.21 5.90 -5.90
C ASP A 78 7.96 7.09 -6.53
N GLY A 79 7.95 8.23 -5.84
CA GLY A 79 8.66 9.41 -6.30
C GLY A 79 7.80 10.29 -7.18
N LYS A 80 6.51 10.01 -7.17
CA LYS A 80 5.57 10.70 -8.02
C LYS A 80 4.43 11.27 -7.17
N GLU A 81 3.29 11.52 -7.78
CA GLU A 81 2.12 12.00 -7.08
C GLU A 81 0.89 11.19 -7.47
N PHE A 82 0.03 10.96 -6.49
CA PHE A 82 -1.24 10.27 -6.67
C PHE A 82 -2.36 11.27 -6.42
N HIS A 83 -3.12 11.56 -7.49
CA HIS A 83 -4.27 12.50 -7.50
C HIS A 83 -3.83 13.95 -7.19
N GLY A 84 -2.59 14.30 -7.57
CA GLY A 84 -2.08 15.65 -7.36
C GLY A 84 -1.51 15.90 -5.97
N ASN A 85 -1.35 14.82 -5.20
CA ASN A 85 -0.80 14.89 -3.86
C ASN A 85 0.37 13.92 -3.75
N ILE A 86 1.40 14.27 -2.96
CA ILE A 86 2.66 13.53 -2.93
C ILE A 86 2.48 12.15 -2.27
N ILE A 87 2.93 11.11 -2.99
CA ILE A 87 2.79 9.75 -2.54
C ILE A 87 4.16 9.20 -2.14
N LYS A 88 4.20 8.48 -1.02
CA LYS A 88 5.41 7.81 -0.55
C LYS A 88 5.10 6.35 -0.20
N VAL A 89 5.89 5.44 -0.76
CA VAL A 89 5.63 4.02 -0.62
C VAL A 89 6.80 3.39 0.18
N SER A 90 6.48 2.43 1.04
CA SER A 90 7.45 1.79 1.96
C SER A 90 7.17 0.31 2.10
N PHE A 91 8.03 -0.38 2.82
CA PHE A 91 7.84 -1.79 3.15
C PHE A 91 6.94 -2.02 4.38
N ALA A 92 6.52 -0.93 5.05
CA ALA A 92 5.66 -0.98 6.26
C ALA A 92 6.33 -1.69 7.45
N THR A 93 5.52 -2.09 8.44
CA THR A 93 5.98 -2.85 9.57
C THR A 93 5.69 -4.34 9.35
N ARG A 94 6.33 -5.19 10.15
CA ARG A 94 6.18 -6.63 10.03
C ARG A 94 5.00 -7.13 10.87
N ARG A 95 4.21 -8.06 10.29
CA ARG A 95 3.02 -8.66 10.93
C ARG A 95 1.81 -7.69 10.99
N PRO A 96 0.56 -8.20 11.22
CA PRO A 96 -0.61 -7.31 11.30
C PRO A 96 -0.63 -6.43 12.57
N GLU A 97 -0.29 -5.17 12.37
CA GLU A 97 -0.34 -4.16 13.44
C GLU A 97 -1.23 -2.99 13.00
N GLY A 1 21.11 -8.44 -2.99
CA GLY A 1 19.74 -8.47 -2.41
C GLY A 1 19.70 -9.19 -1.08
N SER A 2 18.50 -9.27 -0.47
CA SER A 2 18.33 -9.93 0.83
C SER A 2 16.98 -10.67 0.91
N HIS A 3 15.86 -9.90 0.85
CA HIS A 3 14.46 -10.41 0.88
C HIS A 3 14.16 -11.14 2.21
N MET A 4 14.68 -10.60 3.32
CA MET A 4 14.55 -11.26 4.62
C MET A 4 13.34 -10.72 5.39
N SER A 5 12.15 -11.15 4.95
CA SER A 5 10.87 -10.75 5.56
C SER A 5 9.75 -11.70 5.14
N ASP A 6 9.10 -12.30 6.13
CA ASP A 6 7.90 -13.13 5.91
C ASP A 6 6.66 -12.26 5.74
N ASN A 7 6.74 -11.04 6.27
CA ASN A 7 5.66 -10.06 6.19
C ASN A 7 5.75 -9.30 4.87
N ASN A 8 4.84 -9.59 3.94
CA ASN A 8 4.63 -8.72 2.79
C ASN A 8 3.55 -7.69 3.11
N THR A 9 3.99 -6.44 3.31
CA THR A 9 3.10 -5.28 3.36
C THR A 9 3.81 -4.11 2.69
N ILE A 10 3.07 -3.21 2.04
CA ILE A 10 3.66 -1.92 1.67
C ILE A 10 2.83 -0.78 2.28
N PHE A 11 3.52 0.23 2.81
CA PHE A 11 2.89 1.37 3.47
C PHE A 11 2.87 2.54 2.51
N VAL A 12 1.69 3.00 2.19
CA VAL A 12 1.52 4.03 1.21
C VAL A 12 0.97 5.29 1.90
N GLN A 13 1.45 6.45 1.46
CA GLN A 13 1.09 7.73 2.03
C GLN A 13 0.64 8.69 0.95
N GLY A 14 -0.27 9.59 1.30
CA GLY A 14 -0.69 10.64 0.38
C GLY A 14 -1.94 10.29 -0.41
N LEU A 15 -2.68 9.31 0.10
CA LEU A 15 -3.94 8.89 -0.53
C LEU A 15 -5.09 9.27 0.39
N GLY A 16 -5.42 10.55 0.39
CA GLY A 16 -6.38 11.05 1.35
C GLY A 16 -7.46 11.91 0.75
N GLU A 17 -7.22 13.21 0.71
CA GLU A 17 -8.26 14.16 0.31
C GLU A 17 -8.42 14.18 -1.21
N GLY A 18 -9.60 13.74 -1.66
CA GLY A 18 -9.87 13.63 -3.08
C GLY A 18 -9.57 12.24 -3.61
N VAL A 19 -9.51 11.27 -2.70
CA VAL A 19 -9.09 9.92 -3.02
C VAL A 19 -10.28 9.13 -3.57
N SER A 20 -10.01 8.16 -4.42
CA SER A 20 -11.02 7.26 -4.85
C SER A 20 -11.08 6.04 -3.91
N THR A 21 -12.12 5.24 -4.10
CA THR A 21 -12.48 4.04 -3.31
C THR A 21 -11.42 2.91 -3.39
N ASP A 22 -11.81 1.70 -2.91
CA ASP A 22 -11.03 0.41 -2.94
C ASP A 22 -10.29 0.11 -4.26
N GLN A 23 -10.64 0.87 -5.31
CA GLN A 23 -9.95 0.94 -6.61
C GLN A 23 -8.40 1.13 -6.50
N VAL A 24 -7.87 1.64 -5.35
CA VAL A 24 -6.42 1.80 -5.17
C VAL A 24 -5.72 0.43 -5.39
N GLY A 25 -6.43 -0.67 -5.07
CA GLY A 25 -5.94 -2.02 -5.37
C GLY A 25 -5.63 -2.27 -6.85
N GLU A 26 -6.45 -1.72 -7.78
CA GLU A 26 -6.22 -1.86 -9.22
C GLU A 26 -5.05 -0.96 -9.66
N PHE A 27 -4.86 0.16 -8.93
CA PHE A 27 -3.70 1.05 -9.11
C PHE A 27 -2.38 0.27 -8.94
N PHE A 28 -2.30 -0.56 -7.91
CA PHE A 28 -1.11 -1.38 -7.68
C PHE A 28 -1.09 -2.63 -8.59
N LYS A 29 -2.29 -3.07 -9.04
CA LYS A 29 -2.47 -4.20 -9.99
C LYS A 29 -1.81 -3.91 -11.36
N GLN A 30 -1.66 -2.62 -11.70
CA GLN A 30 -1.05 -2.25 -12.99
C GLN A 30 0.44 -2.71 -13.10
N ILE A 31 1.11 -2.94 -11.95
CA ILE A 31 2.44 -3.56 -11.96
C ILE A 31 2.45 -4.82 -11.06
N GLY A 32 1.56 -5.77 -11.30
CA GLY A 32 1.67 -7.06 -10.61
C GLY A 32 0.35 -7.74 -10.34
N ILE A 33 0.42 -8.88 -9.64
CA ILE A 33 -0.76 -9.69 -9.33
C ILE A 33 -1.17 -9.48 -7.87
N ILE A 34 -2.49 -9.37 -7.64
CA ILE A 34 -3.07 -9.21 -6.31
C ILE A 34 -3.00 -10.54 -5.55
N LYS A 35 -2.21 -10.56 -4.48
CA LYS A 35 -2.10 -11.73 -3.63
C LYS A 35 -2.98 -11.58 -2.39
N THR A 36 -3.60 -12.69 -2.02
CA THR A 36 -4.31 -12.82 -0.75
C THR A 36 -3.28 -13.21 0.32
N ASN A 37 -3.18 -12.38 1.37
CA ASN A 37 -2.20 -12.57 2.44
C ASN A 37 -2.54 -13.81 3.28
N LYS A 38 -1.54 -14.62 3.58
CA LYS A 38 -1.74 -15.85 4.36
C LYS A 38 -1.76 -15.61 5.88
N LYS A 39 -1.47 -14.38 6.30
CA LYS A 39 -1.51 -14.01 7.71
C LYS A 39 -2.96 -14.00 8.25
N THR A 40 -3.89 -13.45 7.46
CA THR A 40 -5.29 -13.31 7.87
C THR A 40 -6.23 -13.97 6.85
N GLY A 41 -5.77 -14.06 5.61
CA GLY A 41 -6.54 -14.71 4.54
C GLY A 41 -7.48 -13.76 3.80
N LYS A 42 -7.26 -12.46 3.94
CA LYS A 42 -8.01 -11.45 3.20
C LYS A 42 -7.25 -10.97 1.95
N PRO A 43 -7.97 -10.52 0.90
CA PRO A 43 -7.38 -9.74 -0.21
C PRO A 43 -6.85 -8.39 0.28
N MET A 44 -5.84 -7.86 -0.41
CA MET A 44 -5.19 -6.63 0.03
C MET A 44 -6.04 -5.37 -0.18
N ILE A 45 -6.67 -4.94 0.89
CA ILE A 45 -7.28 -3.63 1.03
C ILE A 45 -7.07 -3.19 2.48
N ASN A 46 -6.28 -2.15 2.73
CA ASN A 46 -6.35 -1.47 4.02
C ASN A 46 -6.52 0.03 3.80
N LEU A 47 -7.67 0.58 4.18
CA LEU A 47 -7.92 2.01 3.98
C LEU A 47 -8.04 2.71 5.33
N TYR A 48 -7.04 3.56 5.64
CA TYR A 48 -7.01 4.29 6.90
C TYR A 48 -7.41 5.74 6.69
N THR A 49 -8.59 6.07 7.26
CA THR A 49 -9.20 7.40 7.15
C THR A 49 -9.91 7.76 8.47
N ASP A 50 -9.52 8.89 9.11
CA ASP A 50 -10.17 9.28 10.37
C ASP A 50 -11.43 10.11 10.13
N LYS A 51 -12.56 9.55 10.50
CA LYS A 51 -13.84 10.25 10.40
C LYS A 51 -14.14 11.14 11.63
N ASP A 52 -13.33 11.02 12.69
CA ASP A 52 -13.51 11.83 13.91
C ASP A 52 -13.10 13.29 13.67
N THR A 53 -12.06 13.47 12.83
CA THR A 53 -11.68 14.80 12.33
C THR A 53 -12.43 15.12 11.02
N GLY A 54 -13.02 14.07 10.42
CA GLY A 54 -13.90 14.23 9.27
C GLY A 54 -13.19 14.20 7.95
N LYS A 55 -11.88 14.29 7.97
CA LYS A 55 -11.10 14.25 6.76
C LYS A 55 -10.22 13.00 6.74
N PRO A 56 -10.05 12.36 5.55
CA PRO A 56 -9.17 11.20 5.39
C PRO A 56 -7.73 11.45 5.85
N LYS A 57 -7.22 10.47 6.63
CA LYS A 57 -5.84 10.47 7.16
C LYS A 57 -4.80 10.43 6.05
N GLY A 58 -5.15 9.74 4.97
CA GLY A 58 -4.29 9.67 3.82
C GLY A 58 -3.40 8.46 3.83
N GLU A 59 -3.81 7.42 4.54
CA GLU A 59 -2.95 6.26 4.69
C GLU A 59 -3.63 5.04 4.11
N ALA A 60 -2.85 4.18 3.46
CA ALA A 60 -3.34 2.91 2.95
C ALA A 60 -2.20 1.89 2.91
N THR A 61 -2.48 0.63 3.19
CA THR A 61 -1.48 -0.42 3.03
C THR A 61 -2.03 -1.56 2.19
N VAL A 62 -1.20 -2.12 1.30
CA VAL A 62 -1.63 -3.23 0.46
C VAL A 62 -0.53 -4.33 0.42
N SER A 63 -0.95 -5.59 0.32
CA SER A 63 -0.06 -6.75 0.39
C SER A 63 0.28 -7.29 -1.00
N PHE A 64 1.56 -7.30 -1.35
CA PHE A 64 1.98 -7.76 -2.66
C PHE A 64 2.38 -9.24 -2.67
N ASP A 65 2.47 -9.80 -3.88
CA ASP A 65 2.72 -11.23 -4.10
C ASP A 65 4.18 -11.62 -3.76
N ASP A 66 5.12 -10.84 -4.28
CA ASP A 66 6.54 -11.14 -4.15
C ASP A 66 7.26 -9.95 -3.50
N PRO A 67 8.20 -10.23 -2.54
CA PRO A 67 9.01 -9.18 -1.86
C PRO A 67 9.91 -8.30 -2.79
N PRO A 68 10.61 -8.80 -3.89
CA PRO A 68 11.48 -7.93 -4.70
C PRO A 68 10.71 -6.87 -5.49
N SER A 69 9.46 -7.20 -5.87
CA SER A 69 8.56 -6.31 -6.59
C SER A 69 8.16 -5.09 -5.75
N ALA A 70 8.16 -5.25 -4.42
CA ALA A 70 7.75 -4.20 -3.49
C ALA A 70 8.82 -3.10 -3.36
N LYS A 71 10.09 -3.50 -3.24
CA LYS A 71 11.20 -2.56 -3.11
C LYS A 71 11.54 -1.88 -4.45
N ALA A 72 11.32 -2.61 -5.54
CA ALA A 72 11.46 -2.08 -6.89
C ALA A 72 10.38 -1.05 -7.18
N ALA A 73 9.19 -1.27 -6.60
CA ALA A 73 8.10 -0.30 -6.63
C ALA A 73 8.43 0.95 -5.82
N ILE A 74 9.27 0.81 -4.79
CA ILE A 74 9.77 1.98 -4.07
C ILE A 74 10.71 2.83 -4.97
N ASP A 75 11.45 2.19 -5.88
CA ASP A 75 12.31 2.98 -6.79
C ASP A 75 11.55 3.68 -7.94
N TRP A 76 10.85 2.92 -8.82
CA TRP A 76 10.16 3.54 -9.96
C TRP A 76 8.70 3.98 -9.73
N PHE A 77 7.95 3.21 -8.91
CA PHE A 77 6.49 3.39 -8.78
C PHE A 77 6.19 4.47 -7.71
N ASP A 78 7.18 4.74 -6.88
CA ASP A 78 7.13 5.82 -5.93
C ASP A 78 7.89 7.05 -6.49
N GLY A 79 7.96 8.14 -5.70
CA GLY A 79 8.74 9.32 -6.08
C GLY A 79 7.94 10.31 -6.91
N LYS A 80 6.63 10.10 -6.91
CA LYS A 80 5.73 10.85 -7.77
C LYS A 80 4.52 11.33 -6.96
N GLU A 81 3.43 11.64 -7.64
CA GLU A 81 2.20 12.04 -6.98
C GLU A 81 1.02 11.18 -7.43
N PHE A 82 0.12 10.95 -6.48
CA PHE A 82 -1.15 10.25 -6.69
C PHE A 82 -2.27 11.25 -6.42
N HIS A 83 -3.05 11.54 -7.48
CA HIS A 83 -4.20 12.48 -7.45
C HIS A 83 -3.77 13.93 -7.17
N GLY A 84 -2.53 14.27 -7.55
CA GLY A 84 -2.01 15.61 -7.34
C GLY A 84 -1.41 15.85 -5.97
N ASN A 85 -1.29 14.79 -5.17
CA ASN A 85 -0.70 14.88 -3.84
C ASN A 85 0.43 13.88 -3.74
N ILE A 86 1.47 14.21 -2.96
CA ILE A 86 2.72 13.42 -2.94
C ILE A 86 2.49 12.04 -2.29
N ILE A 87 2.96 11.02 -2.99
CA ILE A 87 2.82 9.65 -2.54
C ILE A 87 4.19 9.11 -2.10
N LYS A 88 4.18 8.31 -1.04
CA LYS A 88 5.38 7.63 -0.57
C LYS A 88 5.08 6.18 -0.20
N VAL A 89 5.85 5.27 -0.76
CA VAL A 89 5.60 3.85 -0.63
C VAL A 89 6.77 3.21 0.18
N SER A 90 6.46 2.25 1.05
CA SER A 90 7.45 1.66 1.96
C SER A 90 7.19 0.18 2.18
N PHE A 91 8.08 -0.47 2.89
CA PHE A 91 7.90 -1.87 3.30
C PHE A 91 7.03 -2.04 4.54
N ALA A 92 6.61 -0.91 5.15
CA ALA A 92 5.71 -0.87 6.32
C ALA A 92 6.34 -1.49 7.59
N THR A 93 5.50 -1.74 8.59
CA THR A 93 5.93 -2.42 9.80
C THR A 93 5.69 -3.93 9.63
N ARG A 94 6.48 -4.71 10.35
CA ARG A 94 6.37 -6.16 10.34
C ARG A 94 5.66 -6.62 11.61
N ARG A 95 5.34 -7.93 11.66
CA ARG A 95 4.61 -8.56 12.79
C ARG A 95 3.15 -8.12 12.86
N PRO A 96 2.24 -8.84 12.15
CA PRO A 96 0.80 -8.55 12.14
C PRO A 96 0.05 -9.06 13.39
N GLU A 97 -1.30 -9.16 13.26
CA GLU A 97 -2.26 -9.60 14.30
C GLU A 97 -2.48 -8.48 15.33
N GLY A 1 20.32 -8.58 6.91
CA GLY A 1 19.39 -8.54 8.07
C GLY A 1 18.61 -9.83 8.21
N SER A 2 17.38 -9.85 7.68
CA SER A 2 16.54 -11.04 7.68
C SER A 2 16.68 -11.78 6.33
N HIS A 3 15.87 -12.82 6.11
CA HIS A 3 15.86 -13.58 4.83
C HIS A 3 15.44 -12.70 3.66
N MET A 4 14.14 -12.33 3.64
CA MET A 4 13.59 -11.43 2.62
C MET A 4 12.36 -10.72 3.17
N SER A 5 12.13 -10.87 4.50
CA SER A 5 10.88 -10.50 5.20
C SER A 5 9.70 -11.34 4.69
N ASP A 6 9.20 -12.22 5.58
CA ASP A 6 8.08 -13.12 5.26
C ASP A 6 6.75 -12.35 5.22
N ASN A 7 6.74 -11.23 5.93
CA ASN A 7 5.65 -10.26 5.85
C ASN A 7 5.73 -9.48 4.52
N ASN A 8 4.82 -9.77 3.59
CA ASN A 8 4.63 -8.89 2.45
C ASN A 8 3.56 -7.85 2.77
N THR A 9 4.00 -6.62 3.02
CA THR A 9 3.13 -5.45 3.13
C THR A 9 3.85 -4.26 2.50
N ILE A 10 3.12 -3.30 1.92
CA ILE A 10 3.69 -1.99 1.61
C ILE A 10 2.83 -0.87 2.18
N PHE A 11 3.48 0.14 2.76
CA PHE A 11 2.81 1.28 3.39
C PHE A 11 2.82 2.44 2.43
N VAL A 12 1.65 3.02 2.25
CA VAL A 12 1.46 4.06 1.27
C VAL A 12 0.94 5.33 1.96
N GLN A 13 1.42 6.48 1.52
CA GLN A 13 1.05 7.76 2.07
C GLN A 13 0.61 8.70 0.98
N GLY A 14 -0.29 9.62 1.32
CA GLY A 14 -0.71 10.64 0.38
C GLY A 14 -1.88 10.21 -0.48
N LEU A 15 -2.73 9.37 0.09
CA LEU A 15 -3.95 8.93 -0.58
C LEU A 15 -5.12 9.26 0.33
N GLY A 16 -5.45 10.53 0.40
CA GLY A 16 -6.49 10.96 1.31
C GLY A 16 -7.45 11.94 0.68
N GLU A 17 -7.00 13.17 0.56
CA GLU A 17 -7.90 14.26 0.21
C GLU A 17 -8.21 14.28 -1.29
N GLY A 18 -9.41 13.82 -1.62
CA GLY A 18 -9.81 13.69 -3.02
C GLY A 18 -9.59 12.29 -3.55
N VAL A 19 -9.50 11.31 -2.63
CA VAL A 19 -9.12 9.94 -2.97
C VAL A 19 -10.31 9.19 -3.57
N SER A 20 -10.00 8.21 -4.40
CA SER A 20 -11.01 7.31 -4.89
C SER A 20 -11.10 6.08 -3.97
N THR A 21 -12.15 5.29 -4.18
CA THR A 21 -12.57 4.11 -3.39
C THR A 21 -11.52 2.94 -3.42
N ASP A 22 -11.93 1.73 -2.93
CA ASP A 22 -11.13 0.46 -2.93
C ASP A 22 -10.38 0.12 -4.27
N GLN A 23 -10.71 0.86 -5.35
CA GLN A 23 -9.98 0.90 -6.64
C GLN A 23 -8.43 1.07 -6.49
N VAL A 24 -7.92 1.61 -5.35
CA VAL A 24 -6.49 1.78 -5.11
C VAL A 24 -5.73 0.44 -5.25
N GLY A 25 -6.38 -0.69 -4.90
CA GLY A 25 -5.79 -2.01 -5.10
C GLY A 25 -5.49 -2.33 -6.57
N GLU A 26 -6.34 -1.82 -7.48
CA GLU A 26 -6.17 -1.97 -8.94
C GLU A 26 -5.04 -1.04 -9.46
N PHE A 27 -4.87 0.11 -8.79
CA PHE A 27 -3.73 1.02 -9.01
C PHE A 27 -2.39 0.28 -8.82
N PHE A 28 -2.28 -0.51 -7.77
CA PHE A 28 -1.05 -1.30 -7.54
C PHE A 28 -1.01 -2.55 -8.44
N LYS A 29 -2.19 -3.00 -8.89
CA LYS A 29 -2.33 -4.18 -9.78
C LYS A 29 -1.87 -3.88 -11.22
N GLN A 30 -1.69 -2.60 -11.57
CA GLN A 30 -1.13 -2.23 -12.88
C GLN A 30 0.36 -2.69 -13.02
N ILE A 31 0.96 -3.11 -11.90
CA ILE A 31 2.32 -3.64 -11.89
C ILE A 31 2.34 -5.17 -11.69
N GLY A 32 1.49 -5.69 -10.78
CA GLY A 32 1.54 -7.10 -10.43
C GLY A 32 0.18 -7.73 -10.17
N ILE A 33 0.19 -8.84 -9.45
CA ILE A 33 -1.02 -9.61 -9.17
C ILE A 33 -1.48 -9.40 -7.73
N ILE A 34 -2.81 -9.30 -7.53
CA ILE A 34 -3.43 -9.23 -6.20
C ILE A 34 -3.20 -10.54 -5.46
N LYS A 35 -2.42 -10.48 -4.40
CA LYS A 35 -2.13 -11.64 -3.59
C LYS A 35 -2.98 -11.63 -2.32
N THR A 36 -3.43 -12.81 -1.95
CA THR A 36 -4.10 -13.02 -0.68
C THR A 36 -3.03 -13.25 0.39
N ASN A 37 -2.99 -12.36 1.39
CA ASN A 37 -2.00 -12.43 2.47
C ASN A 37 -2.38 -13.56 3.42
N LYS A 38 -1.43 -14.43 3.74
CA LYS A 38 -1.66 -15.59 4.62
C LYS A 38 -1.82 -15.22 6.10
N LYS A 39 -1.54 -13.95 6.46
CA LYS A 39 -1.67 -13.48 7.85
C LYS A 39 -3.14 -13.40 8.31
N THR A 40 -4.04 -13.06 7.38
CA THR A 40 -5.47 -12.95 7.68
C THR A 40 -6.31 -13.82 6.73
N GLY A 41 -5.82 -14.00 5.49
CA GLY A 41 -6.54 -14.77 4.48
C GLY A 41 -7.48 -13.91 3.65
N LYS A 42 -7.39 -12.60 3.83
CA LYS A 42 -8.11 -11.62 3.01
C LYS A 42 -7.22 -11.04 1.88
N PRO A 43 -7.85 -10.61 0.75
CA PRO A 43 -7.19 -9.82 -0.31
C PRO A 43 -6.74 -8.43 0.16
N MET A 44 -5.75 -7.86 -0.51
CA MET A 44 -5.13 -6.61 -0.07
C MET A 44 -6.02 -5.38 -0.26
N ILE A 45 -6.67 -4.98 0.83
CA ILE A 45 -7.31 -3.68 0.99
C ILE A 45 -7.11 -3.24 2.45
N ASN A 46 -6.32 -2.20 2.71
CA ASN A 46 -6.42 -1.49 4.01
C ASN A 46 -6.56 -0.01 3.75
N LEU A 47 -7.72 0.54 4.09
CA LEU A 47 -8.00 1.94 3.86
C LEU A 47 -8.13 2.66 5.22
N TYR A 48 -7.13 3.48 5.56
CA TYR A 48 -7.13 4.19 6.85
C TYR A 48 -7.49 5.66 6.66
N THR A 49 -8.66 6.03 7.19
CA THR A 49 -9.21 7.37 7.11
C THR A 49 -9.97 7.72 8.40
N ASP A 50 -9.57 8.81 9.07
CA ASP A 50 -10.24 9.23 10.31
C ASP A 50 -11.46 10.09 10.05
N LYS A 51 -12.62 9.55 10.38
CA LYS A 51 -13.90 10.25 10.28
C LYS A 51 -14.21 11.10 11.53
N ASP A 52 -13.41 10.93 12.60
CA ASP A 52 -13.56 11.75 13.82
C ASP A 52 -13.11 13.19 13.58
N THR A 53 -12.07 13.37 12.77
CA THR A 53 -11.67 14.71 12.34
C THR A 53 -12.39 15.08 11.03
N GLY A 54 -12.98 14.06 10.37
CA GLY A 54 -13.81 14.26 9.20
C GLY A 54 -13.06 14.05 7.91
N LYS A 55 -11.87 14.63 7.81
CA LYS A 55 -11.06 14.49 6.62
C LYS A 55 -10.21 13.22 6.69
N PRO A 56 -10.03 12.52 5.53
CA PRO A 56 -9.19 11.32 5.43
C PRO A 56 -7.74 11.51 5.92
N LYS A 57 -7.25 10.49 6.62
CA LYS A 57 -5.87 10.46 7.15
C LYS A 57 -4.82 10.38 6.04
N GLY A 58 -5.18 9.67 4.96
CA GLY A 58 -4.30 9.58 3.82
C GLY A 58 -3.42 8.36 3.86
N GLU A 59 -3.82 7.34 4.63
CA GLU A 59 -2.95 6.20 4.87
C GLU A 59 -3.56 4.93 4.28
N ALA A 60 -2.70 4.07 3.75
CA ALA A 60 -3.14 2.78 3.19
C ALA A 60 -2.03 1.74 3.30
N THR A 61 -2.42 0.48 3.34
CA THR A 61 -1.47 -0.62 3.19
C THR A 61 -2.06 -1.70 2.30
N VAL A 62 -1.25 -2.24 1.40
CA VAL A 62 -1.69 -3.35 0.53
C VAL A 62 -0.58 -4.42 0.46
N SER A 63 -0.97 -5.68 0.39
CA SER A 63 -0.06 -6.81 0.36
C SER A 63 0.26 -7.24 -1.08
N PHE A 64 1.54 -7.23 -1.44
CA PHE A 64 1.95 -7.61 -2.78
C PHE A 64 2.34 -9.09 -2.85
N ASP A 65 2.42 -9.61 -4.09
CA ASP A 65 2.68 -11.03 -4.37
C ASP A 65 4.07 -11.48 -3.92
N ASP A 66 5.10 -10.71 -4.27
CA ASP A 66 6.46 -11.05 -3.91
C ASP A 66 7.12 -9.84 -3.22
N PRO A 67 7.90 -10.07 -2.13
CA PRO A 67 8.62 -9.00 -1.42
C PRO A 67 9.68 -8.18 -2.24
N PRO A 68 10.53 -8.75 -3.19
CA PRO A 68 11.56 -7.93 -3.86
C PRO A 68 10.96 -6.95 -4.88
N SER A 69 9.81 -7.34 -5.46
CA SER A 69 9.01 -6.51 -6.37
C SER A 69 8.52 -5.23 -5.69
N ALA A 70 8.33 -5.31 -4.36
CA ALA A 70 7.92 -4.17 -3.53
C ALA A 70 9.01 -3.11 -3.41
N LYS A 71 10.30 -3.51 -3.33
CA LYS A 71 11.42 -2.55 -3.23
C LYS A 71 11.69 -1.88 -4.57
N ALA A 72 11.51 -2.64 -5.66
CA ALA A 72 11.61 -2.10 -7.01
C ALA A 72 10.52 -1.06 -7.27
N ALA A 73 9.35 -1.29 -6.68
CA ALA A 73 8.24 -0.34 -6.74
C ALA A 73 8.52 0.93 -5.92
N ILE A 74 9.34 0.83 -4.88
CA ILE A 74 9.80 2.02 -4.15
C ILE A 74 10.74 2.88 -5.04
N ASP A 75 11.51 2.24 -5.94
CA ASP A 75 12.39 3.01 -6.84
C ASP A 75 11.63 3.71 -8.02
N TRP A 76 10.95 2.94 -8.89
CA TRP A 76 10.25 3.56 -10.04
C TRP A 76 8.77 3.96 -9.82
N PHE A 77 8.02 3.20 -9.02
CA PHE A 77 6.56 3.38 -8.91
C PHE A 77 6.23 4.51 -7.92
N ASP A 78 7.16 4.72 -6.99
CA ASP A 78 7.12 5.83 -6.05
C ASP A 78 7.91 7.02 -6.60
N GLY A 79 7.89 8.15 -5.88
CA GLY A 79 8.65 9.33 -6.29
C GLY A 79 7.83 10.27 -7.13
N LYS A 80 6.52 10.05 -7.16
CA LYS A 80 5.62 10.83 -7.98
C LYS A 80 4.45 11.36 -7.13
N GLU A 81 3.31 11.62 -7.76
CA GLU A 81 2.13 12.08 -7.08
C GLU A 81 0.89 11.28 -7.50
N PHE A 82 0.05 10.99 -6.52
CA PHE A 82 -1.22 10.29 -6.72
C PHE A 82 -2.34 11.27 -6.41
N HIS A 83 -3.08 11.63 -7.48
CA HIS A 83 -4.20 12.62 -7.44
C HIS A 83 -3.71 14.04 -7.08
N GLY A 84 -2.45 14.35 -7.43
CA GLY A 84 -1.87 15.66 -7.12
C GLY A 84 -1.27 15.74 -5.71
N ASN A 85 -1.38 14.64 -4.96
CA ASN A 85 -0.89 14.57 -3.59
C ASN A 85 0.39 13.74 -3.58
N ILE A 86 1.37 14.11 -2.75
CA ILE A 86 2.67 13.43 -2.74
C ILE A 86 2.52 12.02 -2.14
N ILE A 87 3.00 11.03 -2.88
CA ILE A 87 2.85 9.64 -2.49
C ILE A 87 4.20 9.08 -2.04
N LYS A 88 4.18 8.26 -0.99
CA LYS A 88 5.37 7.58 -0.50
C LYS A 88 5.05 6.12 -0.22
N VAL A 89 5.83 5.23 -0.81
CA VAL A 89 5.59 3.81 -0.70
C VAL A 89 6.79 3.19 0.06
N SER A 90 6.51 2.26 0.97
CA SER A 90 7.52 1.68 1.88
C SER A 90 7.24 0.22 2.13
N PHE A 91 8.16 -0.49 2.79
CA PHE A 91 7.97 -1.89 3.19
C PHE A 91 7.05 -2.08 4.39
N ALA A 92 6.60 -0.98 5.01
CA ALA A 92 5.65 -0.97 6.15
C ALA A 92 6.25 -1.61 7.43
N THR A 93 5.38 -1.85 8.40
CA THR A 93 5.75 -2.54 9.62
C THR A 93 5.58 -4.05 9.43
N ARG A 94 6.59 -4.81 9.82
CA ARG A 94 6.51 -6.27 9.79
C ARG A 94 5.81 -6.79 11.06
N ARG A 95 5.75 -8.13 11.21
CA ARG A 95 5.09 -8.86 12.33
C ARG A 95 3.65 -8.37 12.68
N PRO A 96 2.62 -8.93 11.99
CA PRO A 96 1.22 -8.51 12.20
C PRO A 96 0.53 -9.15 13.42
N GLU A 97 -0.77 -8.81 13.60
CA GLU A 97 -1.66 -9.28 14.69
C GLU A 97 -1.18 -8.76 16.07
N GLY A 1 17.98 -6.03 -2.67
CA GLY A 1 16.56 -5.66 -2.82
C GLY A 1 15.76 -5.86 -1.56
N SER A 2 16.32 -5.38 -0.42
CA SER A 2 15.70 -5.48 0.93
C SER A 2 15.32 -6.91 1.33
N HIS A 3 16.26 -7.63 1.90
CA HIS A 3 16.04 -9.00 2.38
C HIS A 3 15.58 -8.98 3.84
N MET A 4 15.47 -10.19 4.45
CA MET A 4 15.09 -10.38 5.88
C MET A 4 13.64 -9.96 6.14
N SER A 5 12.80 -10.04 5.11
CA SER A 5 11.39 -9.69 5.22
C SER A 5 10.52 -10.85 4.76
N ASP A 6 9.95 -11.58 5.73
CA ASP A 6 9.04 -12.69 5.44
C ASP A 6 7.61 -12.18 5.17
N ASN A 7 7.35 -10.98 5.67
CA ASN A 7 6.07 -10.31 5.50
C ASN A 7 6.08 -9.44 4.25
N ASN A 8 5.20 -9.77 3.30
CA ASN A 8 4.93 -8.86 2.20
C ASN A 8 3.75 -7.94 2.54
N THR A 9 4.08 -6.68 2.83
CA THR A 9 3.12 -5.58 2.92
C THR A 9 3.78 -4.32 2.35
N ILE A 10 3.01 -3.39 1.77
CA ILE A 10 3.54 -2.05 1.51
C ILE A 10 2.66 -0.98 2.15
N PHE A 11 3.29 0.04 2.71
CA PHE A 11 2.59 1.19 3.31
C PHE A 11 2.63 2.36 2.35
N VAL A 12 1.49 3.03 2.20
CA VAL A 12 1.40 4.21 1.35
C VAL A 12 0.78 5.40 2.08
N GLN A 13 1.33 6.57 1.77
CA GLN A 13 0.94 7.82 2.36
C GLN A 13 0.61 8.80 1.23
N GLY A 14 -0.42 9.61 1.43
CA GLY A 14 -0.81 10.58 0.43
C GLY A 14 -2.03 10.14 -0.35
N LEU A 15 -2.72 9.12 0.16
CA LEU A 15 -3.94 8.62 -0.46
C LEU A 15 -5.13 9.02 0.42
N GLY A 16 -5.44 10.31 0.42
CA GLY A 16 -6.47 10.79 1.30
C GLY A 16 -7.38 11.81 0.68
N GLU A 17 -6.91 13.04 0.62
CA GLU A 17 -7.75 14.16 0.21
C GLU A 17 -7.97 14.19 -1.29
N GLY A 18 -9.19 13.82 -1.69
CA GLY A 18 -9.55 13.75 -3.10
C GLY A 18 -9.37 12.34 -3.64
N VAL A 19 -9.33 11.36 -2.74
CA VAL A 19 -8.98 9.99 -3.06
C VAL A 19 -10.21 9.26 -3.66
N SER A 20 -9.95 8.28 -4.51
CA SER A 20 -10.99 7.40 -4.98
C SER A 20 -11.07 6.16 -4.08
N THR A 21 -12.12 5.35 -4.29
CA THR A 21 -12.47 4.14 -3.53
C THR A 21 -11.41 3.01 -3.61
N ASP A 22 -11.83 1.81 -3.16
CA ASP A 22 -11.05 0.52 -3.17
C ASP A 22 -10.26 0.23 -4.48
N GLN A 23 -10.58 0.99 -5.53
CA GLN A 23 -9.86 1.08 -6.80
C GLN A 23 -8.31 1.27 -6.66
N VAL A 24 -7.81 1.77 -5.48
CA VAL A 24 -6.35 1.92 -5.22
C VAL A 24 -5.62 0.56 -5.39
N GLY A 25 -6.32 -0.54 -5.07
CA GLY A 25 -5.78 -1.89 -5.28
C GLY A 25 -5.56 -2.22 -6.75
N GLU A 26 -6.39 -1.65 -7.63
CA GLU A 26 -6.26 -1.83 -9.09
C GLU A 26 -5.09 -0.96 -9.62
N PHE A 27 -4.85 0.17 -8.94
CA PHE A 27 -3.70 1.04 -9.20
C PHE A 27 -2.38 0.27 -8.98
N PHE A 28 -2.30 -0.53 -7.93
CA PHE A 28 -1.11 -1.35 -7.68
C PHE A 28 -1.09 -2.61 -8.57
N LYS A 29 -2.28 -3.03 -9.03
CA LYS A 29 -2.46 -4.18 -9.95
C LYS A 29 -1.89 -3.89 -11.34
N GLN A 30 -1.73 -2.61 -11.70
CA GLN A 30 -1.14 -2.25 -13.00
C GLN A 30 0.34 -2.72 -13.11
N ILE A 31 1.02 -2.99 -11.97
CA ILE A 31 2.34 -3.63 -11.99
C ILE A 31 2.32 -4.93 -11.14
N GLY A 32 1.41 -5.85 -11.42
CA GLY A 32 1.49 -7.15 -10.76
C GLY A 32 0.14 -7.80 -10.49
N ILE A 33 0.19 -8.87 -9.68
CA ILE A 33 -1.00 -9.65 -9.32
C ILE A 33 -1.39 -9.41 -7.85
N ILE A 34 -2.71 -9.29 -7.60
CA ILE A 34 -3.23 -9.11 -6.23
C ILE A 34 -3.16 -10.44 -5.47
N LYS A 35 -2.37 -10.46 -4.41
CA LYS A 35 -2.23 -11.66 -3.59
C LYS A 35 -3.11 -11.59 -2.35
N THR A 36 -3.67 -12.73 -1.99
CA THR A 36 -4.29 -12.91 -0.70
C THR A 36 -3.20 -13.29 0.32
N ASN A 37 -2.97 -12.42 1.31
CA ASN A 37 -1.92 -12.64 2.33
C ASN A 37 -2.28 -13.79 3.26
N LYS A 38 -1.30 -14.65 3.54
CA LYS A 38 -1.52 -15.86 4.33
C LYS A 38 -1.58 -15.59 5.84
N LYS A 39 -1.21 -14.37 6.25
CA LYS A 39 -1.21 -14.00 7.67
C LYS A 39 -2.66 -13.78 8.18
N THR A 40 -3.57 -13.40 7.28
CA THR A 40 -4.96 -13.14 7.66
C THR A 40 -5.94 -13.98 6.80
N GLY A 41 -5.56 -14.26 5.56
CA GLY A 41 -6.44 -14.95 4.61
C GLY A 41 -7.41 -14.01 3.89
N LYS A 42 -7.22 -12.71 4.09
CA LYS A 42 -7.98 -11.67 3.39
C LYS A 42 -7.23 -11.15 2.17
N PRO A 43 -7.95 -10.73 1.08
CA PRO A 43 -7.37 -9.95 -0.01
C PRO A 43 -6.98 -8.55 0.47
N MET A 44 -6.00 -7.94 -0.20
CA MET A 44 -5.40 -6.70 0.30
C MET A 44 -6.27 -5.47 0.06
N ILE A 45 -6.95 -5.05 1.12
CA ILE A 45 -7.55 -3.72 1.24
C ILE A 45 -7.37 -3.27 2.70
N ASN A 46 -6.56 -2.25 2.96
CA ASN A 46 -6.63 -1.53 4.23
C ASN A 46 -6.74 -0.04 3.96
N LEU A 47 -7.87 0.55 4.30
CA LEU A 47 -8.07 1.96 4.04
C LEU A 47 -8.19 2.70 5.38
N TYR A 48 -7.17 3.51 5.71
CA TYR A 48 -7.14 4.24 6.98
C TYR A 48 -7.49 5.71 6.76
N THR A 49 -8.65 6.08 7.30
CA THR A 49 -9.17 7.46 7.23
C THR A 49 -9.95 7.77 8.52
N ASP A 50 -9.53 8.80 9.27
CA ASP A 50 -10.25 9.17 10.48
C ASP A 50 -11.39 10.18 10.21
N LYS A 51 -12.61 9.71 10.42
CA LYS A 51 -13.83 10.52 10.24
C LYS A 51 -14.14 11.39 11.47
N ASP A 52 -13.34 11.24 12.53
CA ASP A 52 -13.50 12.00 13.79
C ASP A 52 -13.17 13.48 13.56
N THR A 53 -12.19 13.74 12.69
CA THR A 53 -11.88 15.09 12.24
C THR A 53 -12.65 15.39 10.94
N GLY A 54 -13.07 14.33 10.24
CA GLY A 54 -13.87 14.46 9.05
C GLY A 54 -13.07 14.24 7.78
N LYS A 55 -11.89 14.86 7.71
CA LYS A 55 -11.03 14.69 6.56
C LYS A 55 -10.26 13.36 6.65
N PRO A 56 -10.03 12.68 5.49
CA PRO A 56 -9.21 11.47 5.43
C PRO A 56 -7.78 11.62 5.97
N LYS A 57 -7.32 10.59 6.68
CA LYS A 57 -5.95 10.51 7.22
C LYS A 57 -4.91 10.37 6.10
N GLY A 58 -5.28 9.62 5.05
CA GLY A 58 -4.45 9.53 3.87
C GLY A 58 -3.53 8.32 3.87
N GLU A 59 -3.90 7.29 4.60
CA GLU A 59 -3.01 6.12 4.76
C GLU A 59 -3.68 4.86 4.27
N ALA A 60 -2.88 3.96 3.70
CA ALA A 60 -3.35 2.66 3.26
C ALA A 60 -2.24 1.63 3.33
N THR A 61 -2.61 0.38 3.50
CA THR A 61 -1.69 -0.73 3.28
C THR A 61 -2.30 -1.74 2.33
N VAL A 62 -1.49 -2.18 1.37
CA VAL A 62 -1.89 -3.26 0.45
C VAL A 62 -0.71 -4.25 0.33
N SER A 63 -1.00 -5.53 0.17
CA SER A 63 0.03 -6.58 0.26
C SER A 63 0.29 -7.27 -1.08
N PHE A 64 1.56 -7.43 -1.41
CA PHE A 64 1.96 -7.92 -2.73
C PHE A 64 2.33 -9.40 -2.73
N ASP A 65 2.39 -9.97 -3.94
CA ASP A 65 2.72 -11.41 -4.13
C ASP A 65 4.17 -11.72 -3.79
N ASP A 66 5.10 -10.91 -4.32
CA ASP A 66 6.52 -11.16 -4.11
C ASP A 66 7.14 -9.98 -3.34
N PRO A 67 7.99 -10.27 -2.32
CA PRO A 67 8.72 -9.24 -1.55
C PRO A 67 9.73 -8.33 -2.34
N PRO A 68 10.55 -8.81 -3.35
CA PRO A 68 11.54 -7.94 -4.02
C PRO A 68 10.88 -6.91 -4.95
N SER A 69 9.71 -7.28 -5.49
CA SER A 69 8.85 -6.41 -6.30
C SER A 69 8.37 -5.18 -5.50
N ALA A 70 8.26 -5.33 -4.18
CA ALA A 70 7.89 -4.23 -3.28
C ALA A 70 9.00 -3.16 -3.20
N LYS A 71 10.27 -3.60 -3.17
CA LYS A 71 11.42 -2.68 -3.17
C LYS A 71 11.51 -1.96 -4.51
N ALA A 72 11.27 -2.70 -5.58
CA ALA A 72 11.31 -2.16 -6.94
C ALA A 72 10.21 -1.11 -7.15
N ALA A 73 9.06 -1.32 -6.50
CA ALA A 73 7.98 -0.34 -6.48
C ALA A 73 8.38 0.93 -5.72
N ILE A 74 9.24 0.79 -4.70
CA ILE A 74 9.77 1.96 -3.99
C ILE A 74 10.73 2.77 -4.91
N ASP A 75 11.43 2.10 -5.83
CA ASP A 75 12.35 2.83 -6.71
C ASP A 75 11.64 3.56 -7.88
N TRP A 76 10.93 2.83 -8.76
CA TRP A 76 10.23 3.46 -9.91
C TRP A 76 8.77 3.90 -9.68
N PHE A 77 8.01 3.16 -8.86
CA PHE A 77 6.54 3.37 -8.76
C PHE A 77 6.24 4.47 -7.75
N ASP A 78 7.20 4.70 -6.85
CA ASP A 78 7.18 5.82 -5.92
C ASP A 78 7.75 7.08 -6.61
N GLY A 79 7.88 8.18 -5.87
CA GLY A 79 8.62 9.34 -6.34
C GLY A 79 7.80 10.29 -7.20
N LYS A 80 6.49 10.07 -7.25
CA LYS A 80 5.59 10.89 -8.02
C LYS A 80 4.46 11.39 -7.13
N GLU A 81 3.36 11.82 -7.74
CA GLU A 81 2.18 12.20 -6.99
C GLU A 81 0.95 11.44 -7.46
N PHE A 82 0.07 11.16 -6.51
CA PHE A 82 -1.19 10.48 -6.76
C PHE A 82 -2.32 11.48 -6.50
N HIS A 83 -3.04 11.83 -7.58
CA HIS A 83 -4.17 12.81 -7.57
C HIS A 83 -3.67 14.22 -7.17
N GLY A 84 -2.40 14.51 -7.46
CA GLY A 84 -1.82 15.81 -7.13
C GLY A 84 -1.20 15.87 -5.73
N ASN A 85 -1.28 14.78 -4.98
CA ASN A 85 -0.73 14.73 -3.62
C ASN A 85 0.47 13.81 -3.59
N ILE A 86 1.50 14.16 -2.81
CA ILE A 86 2.77 13.43 -2.80
C ILE A 86 2.59 12.03 -2.17
N ILE A 87 3.01 11.00 -2.91
CA ILE A 87 2.82 9.63 -2.49
C ILE A 87 4.17 9.01 -2.09
N LYS A 88 4.16 8.22 -1.00
CA LYS A 88 5.36 7.55 -0.54
C LYS A 88 5.05 6.11 -0.14
N VAL A 89 5.77 5.19 -0.77
CA VAL A 89 5.56 3.76 -0.60
C VAL A 89 6.75 3.14 0.20
N SER A 90 6.42 2.23 1.12
CA SER A 90 7.39 1.59 2.01
C SER A 90 7.06 0.12 2.19
N PHE A 91 7.94 -0.61 2.86
CA PHE A 91 7.71 -2.01 3.22
C PHE A 91 6.79 -2.23 4.44
N ALA A 92 6.37 -1.11 5.08
CA ALA A 92 5.48 -1.12 6.26
C ALA A 92 6.12 -1.80 7.48
N THR A 93 5.33 -2.05 8.51
CA THR A 93 5.79 -2.73 9.71
C THR A 93 5.46 -4.22 9.61
N ARG A 94 6.41 -5.07 10.00
CA ARG A 94 6.23 -6.52 9.95
C ARG A 94 6.01 -7.09 11.36
N ARG A 95 5.74 -8.42 11.41
CA ARG A 95 5.49 -9.19 12.66
C ARG A 95 4.13 -8.84 13.29
N PRO A 96 3.06 -9.59 12.89
CA PRO A 96 1.68 -9.35 13.39
C PRO A 96 1.41 -9.96 14.78
N GLU A 97 0.11 -10.02 15.14
CA GLU A 97 -0.38 -10.52 16.45
C GLU A 97 0.10 -9.61 17.59
#